data_6MW7
#
_entry.id   6MW7
#
_cell.length_a   108.756
_cell.length_b   148.012
_cell.length_c   191.138
_cell.angle_alpha   90.00
_cell.angle_beta   90.00
_cell.angle_gamma   90.00
#
_symmetry.space_group_name_H-M   'P 21 21 21'
#
loop_
_entity.id
_entity.type
_entity.pdbx_description
1 polymer 'Structural maintenance of chromosomes flexible hinge domain-containing protein 1'
2 non-polymer "ADENOSINE-5'-TRIPHOSPHATE"
3 non-polymer 'MAGNESIUM ION'
4 non-polymer 'SULFATE ION'
5 non-polymer 'SODIUM ION'
6 water water
#
_entity_poly.entity_id   1
_entity_poly.type   'polypeptide(L)'
_entity_poly.pdbx_seq_one_letter_code
;GSAAAGHRTVYLFDRREKESELGDRPLQVGERSDYAGFRACVCQTLGISPEEKFVITTTSRKEITCDNFDETVKDGVTLY
LLQSVNQLLLTATKERIDFLPHYDTLVKSG(MSE)YEYYASEGQNPLPFALAALIDNSLSATSRNIGVRRIQIKLLFDET
QGKPAVAVIDNGRG(MSE)TSKQLNNWAVYRLSKFTRQGDFESDHSGYVRPVPVPRSLNSDISYFGVGGKQAVFFVGQSA
R(MSE)ISKPADSQDVHELVLSKEDFEKKEKNKEAIYSGYIRNRKPSDSVHITNDDERFLHHLIIEEKEKDSFTAVVITG
VQPEHIQYLKNYFHLWTRQLAHIYHYYIHGPKGNEIRTSKEVEPFNNIDIEIS(MSE)FEKGKVPKIVNLREIQDD
(MSE)QTLYVNTAADSFEFKAHVEGDGVVEGIIRYHPFLYDRETYPDDPCFPSKLKDEDDEDDCFILEKAARGKRPIFEC
FWNGRLIPYTSVEDFDWCTPPKKRGLAPIECYNRISGALFTNDKFQVSTNKLTF(MSE)DLELKLKDKNTLFTRILNGQE
QR(MSE)KIDREFALWLKDCHEKYDKQIKFTLFK
;
_entity_poly.pdbx_strand_id   A,B,C,D
#
loop_
_chem_comp.id
_chem_comp.type
_chem_comp.name
_chem_comp.formula
ATP non-polymer ADENOSINE-5'-TRIPHOSPHATE 'C10 H16 N5 O13 P3'
MG non-polymer 'MAGNESIUM ION' 'Mg 2'
NA non-polymer 'SODIUM ION' 'Na 1'
SO4 non-polymer 'SULFATE ION' 'O4 S -2'
#
# COMPACT_ATOMS: atom_id res chain seq x y z
N HIS A 7 32.97 -39.93 -31.86
CA HIS A 7 31.90 -40.56 -32.61
C HIS A 7 30.54 -40.14 -32.07
N ARG A 8 29.68 -39.61 -32.95
CA ARG A 8 28.31 -39.28 -32.60
C ARG A 8 27.36 -39.99 -33.55
N THR A 9 26.31 -40.59 -32.99
CA THR A 9 25.39 -41.41 -33.75
C THR A 9 24.22 -40.56 -34.27
N VAL A 10 23.86 -40.82 -35.53
CA VAL A 10 22.66 -40.25 -36.12
C VAL A 10 21.85 -41.39 -36.71
N TYR A 11 20.57 -41.12 -36.97
CA TYR A 11 19.64 -42.13 -37.44
C TYR A 11 19.02 -41.66 -38.75
N LEU A 12 19.23 -42.43 -39.81
CA LEU A 12 18.83 -42.04 -41.16
C LEU A 12 17.64 -42.87 -41.61
N PHE A 13 16.61 -42.19 -42.10
CA PHE A 13 15.44 -42.81 -42.70
C PHE A 13 15.47 -42.55 -44.20
N ASP A 14 15.40 -43.63 -44.99
CA ASP A 14 15.25 -43.49 -46.43
C ASP A 14 13.76 -43.37 -46.74
N ARG A 15 13.33 -42.16 -47.11
CA ARG A 15 11.93 -41.87 -47.41
C ARG A 15 11.78 -41.29 -48.82
N ARG A 16 12.60 -41.77 -49.76
CA ARG A 16 12.48 -41.32 -51.14
C ARG A 16 11.22 -41.89 -51.79
N GLU A 17 10.99 -43.19 -51.63
CA GLU A 17 9.81 -43.84 -52.18
C GLU A 17 9.07 -44.56 -51.06
N LYS A 18 7.74 -44.61 -51.20
CA LYS A 18 6.89 -45.27 -50.21
C LYS A 18 7.44 -46.63 -49.81
N GLU A 19 7.94 -47.39 -50.78
CA GLU A 19 8.43 -48.73 -50.53
C GLU A 19 9.83 -48.75 -49.92
N SER A 20 10.42 -47.59 -49.60
CA SER A 20 11.75 -47.57 -49.03
C SER A 20 11.75 -48.26 -47.67
N GLU A 21 12.94 -48.69 -47.24
CA GLU A 21 13.05 -49.49 -46.03
C GLU A 21 12.44 -48.77 -44.84
N LEU A 22 11.44 -49.42 -44.22
CA LEU A 22 10.75 -48.84 -43.07
C LEU A 22 11.75 -48.49 -41.97
N GLY A 23 12.66 -49.41 -41.66
CA GLY A 23 13.56 -49.20 -40.55
C GLY A 23 14.57 -48.11 -40.82
N ASP A 24 15.05 -47.50 -39.73
CA ASP A 24 16.12 -46.53 -39.81
C ASP A 24 17.47 -47.22 -39.90
N ARG A 25 18.47 -46.49 -40.38
CA ARG A 25 19.84 -46.97 -40.45
C ARG A 25 20.72 -46.09 -39.59
N PRO A 26 21.18 -46.56 -38.42
CA PRO A 26 22.08 -45.75 -37.61
C PRO A 26 23.44 -45.60 -38.26
N LEU A 27 24.15 -44.55 -37.84
CA LEU A 27 25.24 -44.02 -38.65
C LEU A 27 26.23 -43.34 -37.71
N GLN A 28 27.44 -43.89 -37.61
CA GLN A 28 28.46 -43.37 -36.71
C GLN A 28 29.29 -42.31 -37.45
N VAL A 29 29.34 -41.12 -36.88
CA VAL A 29 29.96 -39.96 -37.52
C VAL A 29 31.08 -39.47 -36.62
N GLY A 30 32.30 -39.44 -37.15
CA GLY A 30 33.45 -39.03 -36.38
C GLY A 30 33.69 -37.54 -36.40
N GLU A 31 34.47 -37.07 -35.43
CA GLU A 31 34.76 -35.65 -35.31
C GLU A 31 35.36 -35.10 -36.59
N ARG A 32 35.05 -33.84 -36.88
CA ARG A 32 35.64 -33.11 -38.00
C ARG A 32 35.48 -33.85 -39.32
N SER A 33 34.27 -34.34 -39.56
CA SER A 33 33.86 -34.79 -40.88
C SER A 33 32.83 -33.81 -41.44
N ASP A 34 32.61 -33.87 -42.75
CA ASP A 34 31.86 -32.85 -43.45
C ASP A 34 30.68 -33.46 -44.21
N TYR A 35 29.84 -32.59 -44.74
CA TYR A 35 28.64 -33.03 -45.45
C TYR A 35 29.01 -33.88 -46.65
N ALA A 36 30.01 -33.47 -47.43
CA ALA A 36 30.42 -34.26 -48.59
C ALA A 36 30.82 -35.67 -48.17
N GLY A 37 31.58 -35.80 -47.08
CA GLY A 37 31.92 -37.12 -46.58
C GLY A 37 30.69 -37.90 -46.14
N PHE A 38 29.81 -37.24 -45.39
CA PHE A 38 28.56 -37.89 -44.97
C PHE A 38 27.76 -38.34 -46.18
N ARG A 39 27.61 -37.47 -47.18
CA ARG A 39 26.76 -37.79 -48.32
C ARG A 39 27.37 -38.91 -49.15
N ALA A 40 28.69 -38.93 -49.31
CA ALA A 40 29.35 -40.00 -50.05
C ALA A 40 29.04 -41.36 -49.42
N CYS A 41 29.23 -41.47 -48.11
CA CYS A 41 28.96 -42.74 -47.42
C CYS A 41 27.54 -43.20 -47.69
N VAL A 42 26.57 -42.29 -47.66
CA VAL A 42 25.17 -42.66 -47.90
C VAL A 42 25.03 -43.26 -49.29
N CYS A 43 25.51 -42.55 -50.32
CA CYS A 43 25.41 -43.05 -51.68
C CYS A 43 26.04 -44.43 -51.80
N GLN A 44 27.18 -44.64 -51.14
CA GLN A 44 27.89 -45.91 -51.26
C GLN A 44 27.10 -47.05 -50.63
N THR A 45 26.70 -46.90 -49.37
CA THR A 45 26.10 -48.00 -48.64
C THR A 45 24.71 -48.34 -49.18
N LEU A 46 23.95 -47.33 -49.58
CA LEU A 46 22.57 -47.52 -50.00
C LEU A 46 22.40 -47.70 -51.50
N GLY A 47 23.49 -47.62 -52.27
CA GLY A 47 23.41 -47.86 -53.70
C GLY A 47 22.71 -46.75 -54.45
N ILE A 48 23.27 -45.56 -54.35
CA ILE A 48 22.61 -44.39 -54.90
C ILE A 48 23.62 -43.73 -55.78
N SER A 49 23.29 -43.61 -57.05
CA SER A 49 24.18 -42.92 -57.95
C SER A 49 24.36 -41.49 -57.45
N PRO A 50 25.58 -40.96 -57.44
CA PRO A 50 25.72 -39.50 -57.33
C PRO A 50 25.10 -38.76 -58.52
N GLU A 51 24.25 -39.44 -59.28
CA GLU A 51 23.36 -38.81 -60.25
C GLU A 51 21.95 -38.56 -59.70
N GLU A 52 21.67 -38.93 -58.46
CA GLU A 52 20.37 -38.61 -57.84
C GLU A 52 20.47 -37.27 -57.15
N LYS A 53 19.47 -36.43 -57.39
CA LYS A 53 19.36 -35.12 -56.76
C LYS A 53 18.61 -35.17 -55.44
N PHE A 54 18.85 -36.21 -54.62
CA PHE A 54 18.14 -36.34 -53.36
C PHE A 54 18.63 -35.29 -52.36
N VAL A 55 17.92 -35.19 -51.24
CA VAL A 55 18.24 -34.24 -50.18
C VAL A 55 18.28 -34.96 -48.85
N ILE A 56 18.92 -34.32 -47.88
CA ILE A 56 18.97 -34.77 -46.49
C ILE A 56 18.41 -33.65 -45.63
N THR A 57 17.44 -33.98 -44.78
CA THR A 57 16.81 -32.99 -43.92
C THR A 57 16.68 -33.51 -42.50
N THR A 58 16.57 -32.57 -41.57
CA THR A 58 16.17 -32.89 -40.20
C THR A 58 14.69 -33.27 -40.19
N THR A 59 14.20 -33.66 -39.02
CA THR A 59 12.77 -33.98 -38.90
C THR A 59 11.87 -32.77 -39.06
N SER A 60 12.45 -31.56 -39.07
N SER A 60 12.45 -31.55 -39.06
CA SER A 60 11.73 -30.33 -39.34
CA SER A 60 11.69 -30.35 -39.34
C SER A 60 11.77 -29.93 -40.81
C SER A 60 11.77 -29.93 -40.81
N ARG A 61 12.38 -30.76 -41.67
CA ARG A 61 12.55 -30.46 -43.08
C ARG A 61 13.57 -29.35 -43.32
N LYS A 62 14.52 -29.18 -42.41
CA LYS A 62 15.65 -28.28 -42.63
C LYS A 62 16.74 -29.06 -43.38
N GLU A 63 17.09 -28.59 -44.58
CA GLU A 63 18.00 -29.34 -45.43
C GLU A 63 19.43 -29.21 -44.92
N ILE A 64 20.15 -30.33 -44.88
CA ILE A 64 21.55 -30.33 -44.49
C ILE A 64 22.38 -29.74 -45.62
N THR A 65 23.25 -28.81 -45.28
CA THR A 65 24.16 -28.18 -46.23
C THR A 65 25.57 -28.23 -45.66
N CYS A 66 26.55 -27.92 -46.53
CA CYS A 66 27.93 -27.87 -46.08
C CYS A 66 28.12 -26.83 -44.98
N ASP A 67 27.41 -25.70 -45.08
CA ASP A 67 27.59 -24.63 -44.11
C ASP A 67 27.07 -25.02 -42.73
N ASN A 68 25.92 -25.69 -42.68
CA ASN A 68 25.24 -25.97 -41.41
C ASN A 68 25.48 -27.40 -40.91
N PHE A 69 26.32 -28.18 -41.57
CA PHE A 69 26.46 -29.59 -41.21
C PHE A 69 26.83 -29.75 -39.74
N ASP A 70 27.84 -29.02 -39.29
CA ASP A 70 28.32 -29.19 -37.92
C ASP A 70 27.28 -28.73 -36.90
N GLU A 71 26.51 -27.69 -37.21
CA GLU A 71 25.51 -27.19 -36.28
C GLU A 71 24.21 -27.98 -36.32
N THR A 72 23.98 -28.77 -37.37
CA THR A 72 22.72 -29.48 -37.57
C THR A 72 22.80 -30.97 -37.29
N VAL A 73 23.92 -31.62 -37.62
CA VAL A 73 24.03 -33.08 -37.49
C VAL A 73 24.68 -33.33 -36.14
N LYS A 74 23.88 -33.21 -35.09
CA LYS A 74 24.34 -33.45 -33.73
C LYS A 74 24.18 -34.92 -33.36
N ASP A 75 24.80 -35.30 -32.25
CA ASP A 75 24.61 -36.63 -31.71
C ASP A 75 23.14 -36.87 -31.41
N GLY A 76 22.61 -37.99 -31.91
CA GLY A 76 21.26 -38.41 -31.58
C GLY A 76 20.18 -37.95 -32.54
N VAL A 77 20.47 -37.05 -33.48
CA VAL A 77 19.42 -36.52 -34.34
C VAL A 77 18.99 -37.58 -35.35
N THR A 78 17.75 -37.45 -35.81
CA THR A 78 17.22 -38.28 -36.88
C THR A 78 17.19 -37.47 -38.17
N LEU A 79 17.54 -38.13 -39.28
CA LEU A 79 17.64 -37.47 -40.57
C LEU A 79 16.82 -38.21 -41.61
N TYR A 80 16.39 -37.49 -42.64
CA TYR A 80 15.55 -38.01 -43.70
C TYR A 80 16.30 -37.97 -45.03
N LEU A 81 16.20 -39.04 -45.80
CA LEU A 81 16.55 -39.06 -47.21
C LEU A 81 15.28 -38.84 -48.02
N LEU A 82 15.23 -37.73 -48.76
CA LEU A 82 14.05 -37.37 -49.52
C LEU A 82 14.43 -37.02 -50.95
N GLN A 83 13.48 -37.23 -51.87
CA GLN A 83 13.65 -36.75 -53.23
C GLN A 83 13.71 -35.23 -53.26
N SER A 84 12.99 -34.56 -52.36
CA SER A 84 13.00 -33.12 -52.28
C SER A 84 12.67 -32.71 -50.85
N VAL A 85 12.96 -31.45 -50.53
CA VAL A 85 12.89 -30.98 -49.16
C VAL A 85 11.49 -31.17 -48.59
N ASN A 86 10.46 -30.96 -49.41
CA ASN A 86 9.08 -30.96 -48.93
C ASN A 86 8.28 -32.12 -49.54
N GLN A 87 8.96 -33.22 -49.88
CA GLN A 87 8.26 -34.40 -50.33
C GLN A 87 7.23 -34.84 -49.30
N LEU A 88 6.17 -35.49 -49.77
CA LEU A 88 5.16 -36.02 -48.87
C LEU A 88 5.71 -37.23 -48.13
N LEU A 89 5.52 -37.25 -46.81
CA LEU A 89 5.99 -38.35 -45.99
C LEU A 89 5.07 -39.55 -46.20
N LEU A 90 5.46 -40.45 -47.11
CA LEU A 90 4.60 -41.56 -47.50
C LEU A 90 4.52 -42.63 -46.43
N THR A 91 5.59 -42.78 -45.64
CA THR A 91 5.63 -43.74 -44.55
C THR A 91 6.14 -43.03 -43.30
N ALA A 92 5.62 -43.44 -42.14
CA ALA A 92 5.92 -42.75 -40.90
C ALA A 92 7.31 -43.12 -40.38
N THR A 93 7.94 -42.16 -39.72
CA THR A 93 9.25 -42.34 -39.12
C THR A 93 9.13 -42.34 -37.60
N LYS A 94 10.15 -42.88 -36.94
CA LYS A 94 10.24 -42.91 -35.49
C LYS A 94 11.52 -42.19 -35.08
N GLU A 95 11.38 -41.05 -34.42
CA GLU A 95 12.49 -40.17 -34.09
C GLU A 95 12.83 -40.32 -32.61
N ARG A 96 13.95 -41.01 -32.34
CA ARG A 96 14.37 -41.25 -30.96
C ARG A 96 14.50 -39.94 -30.19
N ILE A 97 14.10 -39.96 -28.92
CA ILE A 97 14.27 -38.83 -28.02
C ILE A 97 14.67 -39.33 -26.63
N ASP A 98 15.30 -38.44 -25.87
CA ASP A 98 15.50 -38.59 -24.44
C ASP A 98 14.71 -37.50 -23.73
N PHE A 99 14.02 -37.86 -22.66
CA PHE A 99 13.26 -36.89 -21.87
C PHE A 99 13.52 -37.09 -20.39
N LEU A 100 14.79 -37.11 -20.00
CA LEU A 100 15.16 -37.16 -18.60
C LEU A 100 14.54 -35.98 -17.85
N PRO A 101 13.96 -36.19 -16.67
CA PRO A 101 13.48 -35.06 -15.87
C PRO A 101 14.59 -34.04 -15.64
N HIS A 102 14.21 -32.77 -15.65
CA HIS A 102 15.13 -31.69 -15.32
C HIS A 102 15.48 -31.75 -13.84
N TYR A 103 16.73 -31.42 -13.51
CA TYR A 103 17.18 -31.58 -12.12
C TYR A 103 16.38 -30.71 -11.15
N ASP A 104 15.69 -29.69 -11.64
CA ASP A 104 14.74 -28.95 -10.81
C ASP A 104 13.64 -29.85 -10.27
N THR A 105 13.49 -31.06 -10.82
CA THR A 105 12.66 -32.08 -10.19
C THR A 105 13.04 -32.26 -8.72
N LEU A 106 14.32 -32.07 -8.40
CA LEU A 106 14.81 -32.12 -7.03
C LEU A 106 14.97 -30.74 -6.41
N VAL A 107 15.64 -29.83 -7.13
CA VAL A 107 16.03 -28.55 -6.55
C VAL A 107 14.82 -27.68 -6.27
N LYS A 108 13.78 -27.76 -7.10
CA LYS A 108 12.57 -26.97 -6.92
C LYS A 108 11.40 -27.80 -6.41
N SER A 109 11.66 -28.99 -5.88
CA SER A 109 10.58 -29.89 -5.46
C SER A 109 9.79 -29.34 -4.28
N GLY A 110 10.31 -28.35 -3.56
CA GLY A 110 9.65 -27.85 -2.37
C GLY A 110 9.42 -26.35 -2.39
N MSE A 111 9.80 -25.70 -3.48
CA MSE A 111 9.75 -24.26 -3.58
C MSE A 111 8.33 -23.69 -3.62
O MSE A 111 8.08 -22.61 -3.09
CB MSE A 111 10.52 -23.81 -4.82
CG MSE A 111 10.71 -22.32 -4.95
SE MSE A 111 11.90 -21.91 -6.44
CE MSE A 111 13.57 -22.52 -5.65
N TYR A 112 7.40 -24.42 -4.23
CA TYR A 112 6.02 -23.96 -4.39
C TYR A 112 5.04 -24.97 -3.84
N GLU A 113 5.36 -25.55 -2.69
CA GLU A 113 4.51 -26.56 -2.07
C GLU A 113 3.96 -26.14 -0.72
N TYR A 114 4.78 -25.51 0.12
CA TYR A 114 4.38 -25.15 1.47
C TYR A 114 3.78 -23.75 1.46
N TYR A 115 2.48 -23.68 1.19
CA TYR A 115 1.75 -22.43 1.18
C TYR A 115 1.25 -22.09 2.58
N ALA A 116 0.94 -20.82 2.79
CA ALA A 116 0.43 -20.34 4.08
C ALA A 116 -1.08 -20.44 4.11
N SER A 117 -1.62 -20.97 5.20
CA SER A 117 -3.06 -21.09 5.37
C SER A 117 -3.40 -20.99 6.84
N GLU A 118 -4.66 -20.60 7.11
CA GLU A 118 -5.23 -20.64 8.46
C GLU A 118 -4.31 -19.97 9.47
N GLY A 119 -3.66 -18.88 9.06
CA GLY A 119 -2.82 -18.12 9.96
C GLY A 119 -1.61 -18.88 10.48
N GLN A 120 -1.03 -19.76 9.68
CA GLN A 120 0.12 -20.54 10.08
C GLN A 120 1.29 -20.32 9.13
N ASN A 121 2.48 -20.24 9.70
CA ASN A 121 3.70 -20.25 8.90
C ASN A 121 4.08 -21.69 8.59
N PRO A 122 4.29 -22.05 7.32
CA PRO A 122 4.49 -23.47 6.98
C PRO A 122 5.91 -24.00 7.08
N LEU A 123 6.89 -23.18 7.41
CA LEU A 123 8.27 -23.67 7.53
C LEU A 123 8.39 -24.87 8.44
N PRO A 124 7.72 -24.94 9.59
CA PRO A 124 7.80 -26.15 10.43
C PRO A 124 7.27 -27.40 9.77
N PHE A 125 6.44 -27.29 8.72
CA PHE A 125 5.95 -28.48 8.04
C PHE A 125 7.05 -29.13 7.23
N ALA A 126 8.02 -28.36 6.74
CA ALA A 126 9.20 -28.94 6.11
C ALA A 126 10.04 -29.71 7.13
N LEU A 127 10.18 -29.16 8.34
CA LEU A 127 10.89 -29.87 9.39
C LEU A 127 10.14 -31.13 9.79
N ALA A 128 8.82 -31.07 9.81
CA ALA A 128 8.03 -32.24 10.16
C ALA A 128 8.30 -33.40 9.20
N ALA A 129 8.48 -33.08 7.91
CA ALA A 129 8.79 -34.12 6.93
C ALA A 129 10.07 -34.88 7.32
N LEU A 130 11.07 -34.16 7.82
CA LEU A 130 12.29 -34.83 8.26
C LEU A 130 12.09 -35.57 9.57
N ILE A 131 11.27 -35.00 10.47
CA ILE A 131 10.93 -35.72 11.69
C ILE A 131 10.23 -37.04 11.36
N ASP A 132 9.28 -37.00 10.42
CA ASP A 132 8.61 -38.22 9.99
C ASP A 132 9.62 -39.30 9.60
N ASN A 133 10.63 -38.91 8.82
CA ASN A 133 11.64 -39.87 8.40
C ASN A 133 12.39 -40.45 9.59
N SER A 134 12.75 -39.62 10.56
CA SER A 134 13.46 -40.11 11.74
C SER A 134 12.56 -40.97 12.62
N LEU A 135 11.27 -40.64 12.69
CA LEU A 135 10.35 -41.50 13.45
C LEU A 135 10.30 -42.89 12.85
N SER A 136 10.21 -42.98 11.52
CA SER A 136 10.23 -44.29 10.87
C SER A 136 11.56 -45.00 11.10
N ALA A 137 12.67 -44.26 11.04
CA ALA A 137 13.98 -44.87 11.16
C ALA A 137 14.26 -45.35 12.57
N THR A 138 13.63 -44.76 13.59
CA THR A 138 13.83 -45.15 14.98
C THR A 138 12.73 -46.08 15.50
N SER A 139 11.87 -46.58 14.62
CA SER A 139 10.66 -47.27 15.08
C SER A 139 10.95 -48.56 15.83
N ARG A 140 12.12 -49.15 15.63
CA ARG A 140 12.47 -50.41 16.30
C ARG A 140 13.64 -50.25 17.27
N ASN A 141 14.02 -49.01 17.57
CA ASN A 141 15.08 -48.76 18.54
C ASN A 141 14.82 -49.48 19.86
N ILE A 142 15.84 -50.17 20.35
CA ILE A 142 15.89 -50.51 21.77
C ILE A 142 16.23 -49.25 22.54
N GLY A 143 15.35 -48.84 23.44
CA GLY A 143 15.62 -47.65 24.22
C GLY A 143 15.25 -46.37 23.49
N VAL A 144 15.95 -45.29 23.84
CA VAL A 144 15.54 -43.96 23.41
C VAL A 144 15.50 -43.85 21.90
N ARG A 145 14.48 -43.14 21.40
CA ARG A 145 14.39 -42.71 20.02
C ARG A 145 14.67 -41.21 20.01
N ARG A 146 15.90 -40.84 19.64
CA ARG A 146 16.37 -39.47 19.79
C ARG A 146 16.37 -38.79 18.42
N ILE A 147 15.71 -37.64 18.33
CA ILE A 147 15.59 -36.88 17.10
C ILE A 147 15.94 -35.44 17.43
N GLN A 148 17.06 -34.96 16.89
CA GLN A 148 17.57 -33.65 17.20
C GLN A 148 17.48 -32.74 15.99
N ILE A 149 17.02 -31.52 16.20
CA ILE A 149 17.03 -30.48 15.18
C ILE A 149 17.95 -29.38 15.69
N LYS A 150 19.09 -29.20 15.04
CA LYS A 150 20.08 -28.22 15.44
C LYS A 150 20.10 -27.09 14.43
N LEU A 151 19.83 -25.88 14.91
CA LEU A 151 19.87 -24.68 14.08
C LEU A 151 21.23 -24.02 14.33
N LEU A 152 22.16 -24.24 13.39
CA LEU A 152 23.53 -23.76 13.53
C LEU A 152 23.62 -22.38 12.91
N PHE A 153 23.08 -21.40 13.65
CA PHE A 153 23.04 -20.01 13.20
C PHE A 153 24.04 -19.13 13.93
N ASP A 154 25.10 -19.72 14.47
CA ASP A 154 26.19 -18.98 15.11
C ASP A 154 27.30 -18.79 14.07
N GLU A 155 27.44 -17.57 13.57
CA GLU A 155 28.36 -17.32 12.47
C GLU A 155 29.82 -17.51 12.86
N THR A 156 30.13 -17.63 14.15
CA THR A 156 31.48 -17.97 14.57
C THR A 156 31.78 -19.45 14.41
N GLN A 157 30.80 -20.24 13.94
CA GLN A 157 31.02 -21.64 13.60
C GLN A 157 30.83 -21.92 12.10
N GLY A 158 30.58 -20.90 11.31
CA GLY A 158 30.42 -21.03 9.86
C GLY A 158 29.10 -20.49 9.39
N LYS A 159 28.74 -20.87 8.17
CA LYS A 159 27.52 -20.39 7.56
C LYS A 159 26.30 -21.05 8.21
N PRO A 160 25.13 -20.43 8.10
CA PRO A 160 23.93 -21.02 8.70
C PRO A 160 23.65 -22.41 8.15
N ALA A 161 23.23 -23.31 9.04
CA ALA A 161 22.94 -24.68 8.67
C ALA A 161 21.83 -25.22 9.57
N VAL A 162 20.95 -26.02 8.99
CA VAL A 162 19.92 -26.74 9.73
C VAL A 162 20.24 -28.22 9.63
N ALA A 163 20.36 -28.87 10.79
CA ALA A 163 20.73 -30.28 10.84
C ALA A 163 19.66 -31.06 11.59
N VAL A 164 19.26 -32.20 11.01
CA VAL A 164 18.32 -33.12 11.64
C VAL A 164 19.05 -34.44 11.83
N ILE A 165 19.17 -34.87 13.08
CA ILE A 165 20.02 -35.99 13.46
C ILE A 165 19.21 -36.94 14.31
N ASP A 166 19.26 -38.23 13.99
CA ASP A 166 18.57 -39.25 14.78
C ASP A 166 19.50 -40.43 15.03
N ASN A 167 19.10 -41.27 15.98
CA ASN A 167 19.81 -42.50 16.31
C ASN A 167 19.08 -43.72 15.77
N GLY A 168 18.47 -43.58 14.60
CA GLY A 168 17.77 -44.67 13.96
C GLY A 168 18.72 -45.66 13.30
N ARG A 169 18.11 -46.53 12.55
CA ARG A 169 18.77 -47.60 11.87
C ARG A 169 19.72 -47.23 10.75
N GLY A 170 19.71 -45.99 10.34
CA GLY A 170 20.61 -45.52 9.32
C GLY A 170 20.39 -46.17 7.96
N MSE A 171 21.27 -45.81 7.04
CA MSE A 171 21.18 -46.26 5.65
C MSE A 171 22.48 -46.86 5.14
O MSE A 171 23.56 -46.28 5.30
CB MSE A 171 20.79 -45.09 4.74
CG MSE A 171 19.33 -44.70 4.79
SE MSE A 171 18.99 -43.10 3.74
CE MSE A 171 19.86 -41.82 4.93
N THR A 172 22.38 -48.02 4.49
CA THR A 172 23.49 -48.58 3.73
C THR A 172 23.82 -47.70 2.53
N SER A 173 24.88 -48.04 1.80
CA SER A 173 25.15 -47.35 0.54
C SER A 173 23.95 -47.43 -0.41
N LYS A 174 23.32 -48.60 -0.48
CA LYS A 174 22.20 -48.78 -1.39
C LYS A 174 20.98 -47.98 -0.93
N GLN A 175 20.66 -48.04 0.36
CA GLN A 175 19.55 -47.27 0.90
C GLN A 175 19.78 -45.78 0.72
N LEU A 176 21.02 -45.33 0.88
CA LEU A 176 21.32 -43.92 0.64
C LEU A 176 21.17 -43.59 -0.84
N ASN A 177 21.54 -44.54 -1.72
CA ASN A 177 21.28 -44.36 -3.14
C ASN A 177 19.78 -44.22 -3.40
N ASN A 178 18.98 -45.11 -2.80
CA ASN A 178 17.53 -45.05 -2.97
C ASN A 178 16.97 -43.71 -2.54
N TRP A 179 17.42 -43.18 -1.40
CA TRP A 179 16.93 -41.90 -0.91
C TRP A 179 17.03 -40.83 -1.98
N ALA A 180 18.13 -40.83 -2.74
CA ALA A 180 18.34 -39.80 -3.75
C ALA A 180 17.42 -39.95 -4.96
N VAL A 181 16.70 -41.06 -5.09
CA VAL A 181 15.81 -41.28 -6.22
C VAL A 181 14.46 -40.65 -5.89
N TYR A 182 14.10 -39.62 -6.65
CA TYR A 182 12.80 -38.98 -6.48
C TYR A 182 11.68 -39.96 -6.81
N ARG A 183 10.67 -40.01 -5.95
CA ARG A 183 9.49 -40.87 -6.07
C ARG A 183 9.78 -42.35 -5.89
N LEU A 184 10.97 -42.71 -5.41
CA LEU A 184 11.22 -44.09 -5.01
C LEU A 184 10.74 -44.26 -3.57
N SER A 185 9.70 -45.05 -3.39
CA SER A 185 9.07 -45.22 -2.09
C SER A 185 9.25 -46.65 -1.60
N LYS A 186 8.67 -46.94 -0.44
CA LYS A 186 8.69 -48.28 0.14
C LYS A 186 7.92 -49.28 -0.69
N PHE A 187 7.05 -48.80 -1.57
CA PHE A 187 6.28 -49.71 -2.39
C PHE A 187 7.06 -50.12 -3.63
N THR A 188 7.95 -49.26 -4.12
CA THR A 188 8.67 -49.53 -5.37
C THR A 188 10.04 -50.16 -5.15
N ARG A 189 10.85 -49.65 -4.24
CA ARG A 189 12.23 -50.15 -4.10
C ARG A 189 12.36 -51.64 -3.78
N TYR A 200 8.45 -54.64 1.87
CA TYR A 200 7.90 -53.72 2.86
C TYR A 200 6.83 -54.42 3.71
N VAL A 201 7.02 -54.35 5.02
CA VAL A 201 6.18 -55.06 5.99
C VAL A 201 5.15 -54.07 6.53
N ARG A 202 3.91 -54.24 6.10
CA ARG A 202 2.83 -53.33 6.52
C ARG A 202 2.54 -53.54 8.00
N PRO A 203 2.63 -52.50 8.84
CA PRO A 203 2.62 -52.73 10.28
C PRO A 203 1.25 -53.13 10.81
N VAL A 204 1.27 -53.79 11.97
CA VAL A 204 0.02 -54.26 12.59
C VAL A 204 -0.75 -53.05 13.12
N PRO A 205 -2.07 -53.02 12.99
CA PRO A 205 -2.82 -51.85 13.48
C PRO A 205 -2.58 -51.60 14.97
N VAL A 206 -2.66 -50.33 15.34
CA VAL A 206 -2.31 -49.88 16.69
C VAL A 206 -3.14 -48.64 17.02
N PRO A 207 -3.53 -48.42 18.27
CA PRO A 207 -4.43 -47.29 18.57
C PRO A 207 -3.88 -45.96 18.06
N ARG A 208 -4.77 -45.15 17.48
CA ARG A 208 -4.44 -43.86 16.90
C ARG A 208 -3.48 -43.98 15.72
N SER A 209 -3.21 -45.20 15.25
CA SER A 209 -2.28 -45.42 14.15
C SER A 209 -0.92 -44.78 14.44
N LEU A 210 -0.52 -44.81 15.70
CA LEU A 210 0.81 -44.36 16.11
C LEU A 210 1.83 -45.45 15.77
N ASN A 211 2.04 -45.64 14.47
CA ASN A 211 2.81 -46.75 13.95
C ASN A 211 4.18 -46.34 13.41
N SER A 212 4.48 -45.04 13.35
CA SER A 212 5.74 -44.53 12.83
C SER A 212 5.92 -44.85 11.35
N ASP A 213 4.92 -45.46 10.71
CA ASP A 213 4.99 -45.80 9.30
C ASP A 213 4.34 -44.69 8.48
N ILE A 214 5.04 -43.55 8.43
CA ILE A 214 4.48 -42.32 7.89
C ILE A 214 4.83 -42.08 6.43
N SER A 215 5.81 -42.79 5.88
CA SER A 215 6.25 -42.55 4.51
C SER A 215 5.24 -43.11 3.53
N TYR A 216 5.19 -42.52 2.34
CA TYR A 216 4.32 -43.02 1.29
C TYR A 216 4.79 -42.72 -0.12
N PHE A 217 5.30 -41.51 -0.37
CA PHE A 217 5.48 -41.04 -1.74
C PHE A 217 6.91 -41.10 -2.24
N GLY A 218 7.90 -41.16 -1.35
CA GLY A 218 9.29 -41.14 -1.77
C GLY A 218 9.82 -39.78 -2.21
N VAL A 219 9.22 -38.69 -1.71
CA VAL A 219 9.67 -37.35 -2.08
C VAL A 219 9.82 -36.42 -0.89
N GLY A 220 9.18 -36.69 0.25
CA GLY A 220 9.02 -35.67 1.28
C GLY A 220 10.34 -35.07 1.75
N GLY A 221 11.33 -35.92 2.03
CA GLY A 221 12.60 -35.42 2.53
C GLY A 221 13.29 -34.51 1.54
N LYS A 222 13.22 -34.84 0.24
CA LYS A 222 13.84 -33.99 -0.77
C LYS A 222 13.14 -32.64 -0.86
N GLN A 223 11.80 -32.64 -0.84
CA GLN A 223 11.08 -31.37 -0.83
C GLN A 223 11.52 -30.50 0.34
N ALA A 224 11.66 -31.10 1.53
CA ALA A 224 11.97 -30.33 2.73
C ALA A 224 13.34 -29.68 2.62
N VAL A 225 14.39 -30.46 2.33
CA VAL A 225 15.73 -29.92 2.35
C VAL A 225 15.87 -28.81 1.32
N PHE A 226 15.33 -29.00 0.12
CA PHE A 226 15.44 -27.98 -0.92
C PHE A 226 14.44 -26.85 -0.75
N PHE A 227 13.45 -26.99 0.13
CA PHE A 227 12.68 -25.84 0.56
C PHE A 227 13.47 -25.02 1.57
N VAL A 228 14.06 -25.69 2.57
CA VAL A 228 14.80 -24.99 3.62
C VAL A 228 16.02 -24.30 3.02
N GLY A 229 16.75 -25.00 2.17
CA GLY A 229 18.00 -24.49 1.62
C GLY A 229 18.22 -24.96 0.20
N GLN A 230 19.49 -25.03 -0.19
CA GLN A 230 19.89 -25.36 -1.55
C GLN A 230 20.87 -26.50 -1.64
N SER A 231 21.23 -27.12 -0.51
CA SER A 231 22.19 -28.21 -0.48
C SER A 231 21.90 -29.09 0.71
N ALA A 232 21.89 -30.41 0.49
CA ALA A 232 21.67 -31.38 1.54
C ALA A 232 22.87 -32.31 1.61
N ARG A 233 23.41 -32.49 2.80
CA ARG A 233 24.50 -33.43 3.05
C ARG A 233 23.94 -34.53 3.94
N MSE A 234 23.72 -35.71 3.35
CA MSE A 234 23.25 -36.87 4.09
C MSE A 234 24.42 -37.65 4.66
O MSE A 234 25.33 -38.04 3.92
CB MSE A 234 22.42 -37.78 3.17
CG MSE A 234 21.24 -37.08 2.52
SE MSE A 234 19.84 -36.52 3.77
CE MSE A 234 19.75 -38.17 4.83
N ILE A 235 24.41 -37.89 5.96
CA ILE A 235 25.44 -38.67 6.64
C ILE A 235 24.72 -39.76 7.42
N SER A 236 25.04 -41.02 7.13
CA SER A 236 24.32 -42.13 7.73
C SER A 236 25.24 -43.31 7.96
N LYS A 237 24.89 -44.12 8.95
CA LYS A 237 25.65 -45.29 9.33
C LYS A 237 24.74 -46.30 10.01
N PRO A 238 24.47 -47.46 9.41
CA PRO A 238 23.73 -48.50 10.14
C PRO A 238 24.61 -49.17 11.18
N ALA A 239 23.95 -49.80 12.16
CA ALA A 239 24.66 -50.47 13.24
C ALA A 239 25.64 -51.50 12.70
N ASP A 240 25.27 -52.20 11.62
CA ASP A 240 26.13 -53.22 11.05
C ASP A 240 27.36 -52.66 10.38
N SER A 241 27.33 -51.39 9.99
CA SER A 241 28.32 -50.85 9.06
C SER A 241 29.53 -50.29 9.80
N GLN A 242 30.72 -50.76 9.42
CA GLN A 242 31.95 -50.14 9.87
C GLN A 242 32.08 -48.72 9.35
N ASP A 243 31.53 -48.45 8.17
CA ASP A 243 31.77 -47.20 7.46
C ASP A 243 30.57 -46.26 7.54
N VAL A 244 30.86 -44.97 7.48
CA VAL A 244 29.84 -43.92 7.35
C VAL A 244 29.67 -43.62 5.88
N HIS A 245 28.43 -43.44 5.45
CA HIS A 245 28.11 -43.14 4.05
C HIS A 245 27.58 -41.71 3.96
N GLU A 246 28.14 -40.94 3.03
CA GLU A 246 27.86 -39.51 2.94
C GLU A 246 27.58 -39.13 1.50
N LEU A 247 26.46 -38.45 1.27
CA LEU A 247 26.04 -38.05 -0.07
C LEU A 247 25.56 -36.60 -0.04
N VAL A 248 26.02 -35.80 -1.01
CA VAL A 248 25.62 -34.41 -1.15
C VAL A 248 24.78 -34.27 -2.41
N LEU A 249 23.59 -33.69 -2.28
CA LEU A 249 22.82 -33.19 -3.39
C LEU A 249 22.69 -31.69 -3.23
N SER A 250 22.97 -30.93 -4.28
CA SER A 250 22.97 -29.49 -4.17
C SER A 250 22.66 -28.86 -5.51
N LYS A 251 22.04 -27.67 -5.45
CA LYS A 251 21.84 -26.86 -6.64
C LYS A 251 23.16 -26.59 -7.34
N GLU A 252 24.23 -26.36 -6.58
CA GLU A 252 25.51 -26.02 -7.18
C GLU A 252 26.09 -27.18 -7.97
N ASP A 253 25.94 -28.41 -7.47
CA ASP A 253 26.51 -29.55 -8.17
C ASP A 253 25.75 -29.88 -9.45
N PHE A 254 24.43 -29.68 -9.46
CA PHE A 254 23.67 -29.87 -10.70
C PHE A 254 24.06 -28.81 -11.73
N GLU A 255 24.16 -27.56 -11.31
CA GLU A 255 24.58 -26.50 -12.23
C GLU A 255 25.98 -26.77 -12.77
N LYS A 256 26.88 -27.25 -11.92
CA LYS A 256 28.22 -27.59 -12.39
C LYS A 256 28.17 -28.73 -13.40
N LYS A 257 27.37 -29.77 -13.11
CA LYS A 257 27.28 -30.89 -14.04
C LYS A 257 26.62 -30.49 -15.35
N GLU A 258 25.64 -29.57 -15.29
CA GLU A 258 25.04 -29.06 -16.52
C GLU A 258 26.08 -28.31 -17.35
N LYS A 259 26.79 -27.37 -16.73
CA LYS A 259 27.76 -26.56 -17.46
C LYS A 259 28.82 -27.42 -18.12
N ASN A 260 29.24 -28.50 -17.46
CA ASN A 260 30.30 -29.36 -17.97
C ASN A 260 29.79 -30.55 -18.76
N LYS A 261 28.48 -30.61 -19.03
CA LYS A 261 27.92 -31.64 -19.91
C LYS A 261 28.17 -33.04 -19.35
N GLU A 262 28.11 -33.18 -18.04
CA GLU A 262 28.20 -34.48 -17.38
C GLU A 262 26.81 -34.99 -17.03
N ALA A 263 26.72 -36.31 -16.81
CA ALA A 263 25.45 -36.92 -16.44
C ALA A 263 24.86 -36.22 -15.24
N ILE A 264 23.59 -35.80 -15.38
CA ILE A 264 22.97 -34.96 -14.35
C ILE A 264 22.70 -35.74 -13.07
N TYR A 265 22.34 -37.02 -13.18
CA TYR A 265 21.99 -37.83 -12.03
C TYR A 265 23.04 -38.90 -11.72
N SER A 266 24.31 -38.57 -11.95
CA SER A 266 25.42 -39.40 -11.53
C SER A 266 26.24 -38.65 -10.49
N GLY A 267 26.71 -39.37 -9.48
CA GLY A 267 27.52 -38.79 -8.42
C GLY A 267 28.23 -39.90 -7.71
N TYR A 268 28.58 -39.65 -6.45
CA TYR A 268 29.27 -40.66 -5.66
C TYR A 268 28.91 -40.51 -4.20
N ILE A 269 28.86 -41.64 -3.50
CA ILE A 269 28.77 -41.68 -2.05
C ILE A 269 30.19 -41.75 -1.49
N ARG A 270 30.49 -40.88 -0.53
CA ARG A 270 31.77 -40.95 0.17
C ARG A 270 31.62 -41.87 1.37
N ASN A 271 32.36 -42.97 1.36
CA ASN A 271 32.44 -43.88 2.49
C ASN A 271 33.70 -43.59 3.27
N ARG A 272 33.60 -43.64 4.59
CA ARG A 272 34.69 -43.21 5.45
C ARG A 272 34.48 -43.79 6.84
N LYS A 273 35.56 -43.78 7.62
CA LYS A 273 35.46 -44.24 9.00
C LYS A 273 34.72 -43.20 9.85
N PRO A 274 34.08 -43.63 10.93
CA PRO A 274 33.44 -42.66 11.83
C PRO A 274 34.45 -41.62 12.31
N SER A 275 33.99 -40.37 12.38
CA SER A 275 34.68 -39.24 13.00
C SER A 275 35.74 -38.59 12.09
N ASP A 276 35.84 -38.99 10.83
CA ASP A 276 36.83 -38.41 9.92
C ASP A 276 36.18 -37.30 9.11
N SER A 277 36.56 -36.06 9.40
CA SER A 277 36.08 -34.87 8.70
C SER A 277 37.15 -34.26 7.81
N VAL A 278 38.13 -35.06 7.36
CA VAL A 278 39.24 -34.52 6.59
C VAL A 278 38.75 -33.95 5.25
N HIS A 279 37.64 -34.48 4.73
CA HIS A 279 37.12 -34.02 3.45
C HIS A 279 36.46 -32.65 3.54
N ILE A 280 36.23 -32.12 4.74
CA ILE A 280 35.62 -30.80 4.91
C ILE A 280 36.75 -29.78 4.90
N THR A 281 36.89 -29.10 3.75
CA THR A 281 37.91 -28.06 3.58
C THR A 281 37.31 -26.67 3.50
N ASN A 282 36.02 -26.55 3.24
CA ASN A 282 35.35 -25.26 3.24
C ASN A 282 35.26 -24.75 4.68
N ASP A 283 35.85 -23.58 4.94
CA ASP A 283 35.74 -22.99 6.27
C ASP A 283 34.32 -22.51 6.55
N ASP A 284 33.53 -22.21 5.51
CA ASP A 284 32.10 -21.96 5.70
C ASP A 284 31.43 -23.13 6.41
N GLU A 285 31.96 -24.34 6.26
CA GLU A 285 31.36 -25.54 6.82
C GLU A 285 32.11 -26.06 8.03
N ARG A 286 32.93 -25.20 8.65
CA ARG A 286 33.60 -25.46 9.92
C ARG A 286 32.78 -26.34 10.86
N PHE A 287 31.53 -25.94 11.11
CA PHE A 287 30.69 -26.63 12.07
C PHE A 287 30.62 -28.13 11.82
N LEU A 288 30.90 -28.58 10.59
CA LEU A 288 30.80 -30.00 10.28
C LEU A 288 31.85 -30.83 10.99
N HIS A 289 33.03 -30.25 11.25
CA HIS A 289 34.05 -30.98 11.97
C HIS A 289 33.53 -31.45 13.33
N HIS A 290 32.80 -30.58 14.04
CA HIS A 290 32.27 -30.94 15.35
C HIS A 290 31.09 -31.90 15.25
N LEU A 291 30.25 -31.78 14.22
CA LEU A 291 29.20 -32.77 14.01
C LEU A 291 29.80 -34.15 13.77
N ILE A 292 30.84 -34.23 12.94
CA ILE A 292 31.41 -35.52 12.59
C ILE A 292 32.20 -36.10 13.75
N ILE A 293 32.81 -35.26 14.60
CA ILE A 293 33.50 -35.78 15.79
C ILE A 293 32.53 -36.51 16.70
N GLU A 294 31.26 -36.10 16.73
CA GLU A 294 30.27 -36.71 17.60
C GLU A 294 29.91 -38.14 17.21
N GLU A 295 30.47 -38.67 16.13
CA GLU A 295 30.04 -39.97 15.64
C GLU A 295 30.59 -41.14 16.44
N LYS A 296 31.63 -40.91 17.25
CA LYS A 296 32.28 -42.03 17.92
C LYS A 296 31.31 -42.78 18.82
N GLU A 297 30.43 -42.06 19.52
CA GLU A 297 29.51 -42.70 20.45
C GLU A 297 28.50 -43.60 19.72
N LYS A 298 28.12 -43.22 18.51
CA LYS A 298 26.90 -43.72 17.88
C LYS A 298 27.16 -45.04 17.15
N ASP A 299 26.41 -46.08 17.53
CA ASP A 299 26.41 -47.31 16.75
C ASP A 299 25.65 -47.13 15.44
N SER A 300 24.61 -46.30 15.42
CA SER A 300 23.81 -46.10 14.23
C SER A 300 23.19 -44.70 14.27
N PHE A 301 23.22 -44.01 13.14
CA PHE A 301 22.67 -42.66 13.08
C PHE A 301 22.38 -42.27 11.63
N THR A 302 21.61 -41.20 11.49
CA THR A 302 21.48 -40.46 10.24
C THR A 302 21.49 -38.98 10.56
N ALA A 303 22.20 -38.20 9.76
CA ALA A 303 22.24 -36.75 9.91
C ALA A 303 21.93 -36.09 8.58
N VAL A 304 20.94 -35.21 8.57
CA VAL A 304 20.61 -34.39 7.41
C VAL A 304 21.10 -32.98 7.67
N VAL A 305 22.07 -32.52 6.89
CA VAL A 305 22.67 -31.21 7.08
C VAL A 305 22.31 -30.34 5.89
N ILE A 306 21.57 -29.27 6.13
CA ILE A 306 21.07 -28.39 5.09
C ILE A 306 21.85 -27.08 5.14
N THR A 307 22.37 -26.66 4.00
CA THR A 307 23.04 -25.37 3.87
C THR A 307 22.43 -24.61 2.70
N GLY A 308 22.83 -23.36 2.55
CA GLY A 308 22.16 -22.48 1.63
C GLY A 308 20.78 -22.10 2.14
N VAL A 309 20.65 -21.91 3.45
CA VAL A 309 19.36 -21.67 4.07
C VAL A 309 18.86 -20.28 3.69
N GLN A 310 17.63 -20.20 3.23
CA GLN A 310 17.09 -18.92 2.78
C GLN A 310 17.02 -17.94 3.96
N PRO A 311 17.39 -16.67 3.75
CA PRO A 311 17.41 -15.74 4.90
C PRO A 311 16.06 -15.55 5.56
N GLU A 312 14.96 -15.60 4.80
CA GLU A 312 13.64 -15.41 5.40
C GLU A 312 13.31 -16.54 6.36
N HIS A 313 13.83 -17.75 6.12
CA HIS A 313 13.64 -18.86 7.05
C HIS A 313 14.43 -18.65 8.33
N ILE A 314 15.68 -18.22 8.20
CA ILE A 314 16.54 -17.99 9.37
C ILE A 314 15.90 -16.95 10.29
N GLN A 315 15.40 -15.88 9.72
CA GLN A 315 14.84 -14.81 10.52
C GLN A 315 13.58 -15.28 11.24
N TYR A 316 12.77 -16.10 10.61
CA TYR A 316 11.57 -16.62 11.27
C TYR A 316 11.94 -17.56 12.41
N LEU A 317 12.90 -18.45 12.18
CA LEU A 317 13.27 -19.41 13.21
C LEU A 317 13.94 -18.74 14.40
N LYS A 318 14.66 -17.64 14.17
CA LYS A 318 15.28 -16.91 15.27
C LYS A 318 14.23 -16.18 16.10
N ASN A 319 13.29 -15.52 15.45
CA ASN A 319 12.41 -14.55 16.11
C ASN A 319 11.13 -15.16 16.65
N TYR A 320 10.78 -16.38 16.28
CA TYR A 320 9.53 -17.01 16.70
C TYR A 320 9.79 -18.42 17.21
N PHE A 321 10.83 -18.56 18.04
CA PHE A 321 11.25 -19.88 18.49
C PHE A 321 10.15 -20.59 19.26
N HIS A 322 9.50 -19.89 20.19
CA HIS A 322 8.45 -20.52 20.98
C HIS A 322 7.26 -20.93 20.12
N LEU A 323 6.98 -20.18 19.05
CA LEU A 323 5.82 -20.47 18.22
C LEU A 323 6.04 -21.72 17.37
N TRP A 324 7.19 -21.82 16.70
CA TRP A 324 7.36 -22.92 15.76
C TRP A 324 7.78 -24.22 16.44
N THR A 325 8.40 -24.16 17.61
CA THR A 325 8.56 -25.39 18.41
C THR A 325 7.21 -25.86 18.94
N ARG A 326 6.33 -24.92 19.30
CA ARG A 326 4.97 -25.31 19.70
C ARG A 326 4.25 -25.99 18.54
N GLN A 327 4.38 -25.45 17.33
CA GLN A 327 3.77 -26.08 16.17
C GLN A 327 4.20 -27.54 16.06
N LEU A 328 5.50 -27.80 16.25
CA LEU A 328 6.00 -29.17 16.13
C LEU A 328 5.46 -30.04 17.26
N ALA A 329 5.43 -29.51 18.48
CA ALA A 329 4.81 -30.25 19.59
C ALA A 329 3.36 -30.57 19.26
N HIS A 330 2.64 -29.63 18.66
CA HIS A 330 1.27 -29.85 18.26
C HIS A 330 1.18 -31.00 17.24
N ILE A 331 2.02 -30.96 16.21
CA ILE A 331 1.97 -31.98 15.16
C ILE A 331 2.21 -33.36 15.75
N TYR A 332 3.20 -33.50 16.62
CA TYR A 332 3.63 -34.79 17.13
C TYR A 332 3.15 -35.06 18.55
N HIS A 333 2.04 -34.44 18.95
CA HIS A 333 1.56 -34.55 20.32
C HIS A 333 1.41 -36.01 20.75
N TYR A 334 0.79 -36.83 19.92
CA TYR A 334 0.46 -38.19 20.32
C TYR A 334 1.64 -39.14 20.16
N TYR A 335 2.60 -38.82 19.30
CA TYR A 335 3.86 -39.56 19.32
C TYR A 335 4.64 -39.22 20.59
N ILE A 336 4.62 -37.95 21.00
CA ILE A 336 5.36 -37.52 22.17
C ILE A 336 4.72 -38.09 23.45
N HIS A 337 3.40 -37.98 23.57
CA HIS A 337 2.71 -38.24 24.82
C HIS A 337 1.90 -39.53 24.82
N GLY A 338 1.90 -40.30 23.74
CA GLY A 338 1.17 -41.53 23.68
C GLY A 338 -0.27 -41.35 23.23
N PRO A 339 -0.99 -42.46 23.10
CA PRO A 339 -2.34 -42.40 22.50
C PRO A 339 -3.37 -41.66 23.33
N LYS A 340 -3.17 -41.54 24.64
CA LYS A 340 -4.11 -40.80 25.47
C LYS A 340 -3.83 -39.29 25.48
N GLY A 341 -2.73 -38.86 24.89
CA GLY A 341 -2.37 -37.46 24.93
C GLY A 341 -1.67 -37.09 26.22
N ASN A 342 -1.44 -35.78 26.37
CA ASN A 342 -0.65 -35.24 27.47
C ASN A 342 -1.54 -35.02 28.69
N GLU A 343 -1.92 -36.12 29.32
CA GLU A 343 -2.70 -36.08 30.57
C GLU A 343 -1.75 -35.66 31.68
N ILE A 344 -1.72 -34.36 31.96
CA ILE A 344 -0.76 -33.80 32.90
C ILE A 344 -1.38 -33.69 34.28
N ASN A 355 11.08 -44.18 24.88
CA ASN A 355 10.29 -42.99 24.61
C ASN A 355 10.96 -42.12 23.55
N ILE A 356 10.18 -41.19 22.99
CA ILE A 356 10.62 -40.35 21.88
C ILE A 356 11.09 -39.02 22.45
N ASP A 357 12.34 -38.67 22.17
CA ASP A 357 12.91 -37.37 22.54
C ASP A 357 13.15 -36.57 21.27
N ILE A 358 12.32 -35.56 21.03
CA ILE A 358 12.51 -34.62 19.94
C ILE A 358 13.09 -33.35 20.55
N GLU A 359 14.38 -33.09 20.29
CA GLU A 359 15.12 -32.04 20.96
C GLU A 359 15.53 -30.99 19.95
N ILE A 360 15.08 -29.75 20.16
CA ILE A 360 15.43 -28.62 19.32
C ILE A 360 16.49 -27.80 20.05
N SER A 361 17.55 -27.42 19.33
CA SER A 361 18.55 -26.52 19.87
C SER A 361 18.96 -25.52 18.82
N MSE A 362 19.04 -24.26 19.21
CA MSE A 362 19.39 -23.17 18.29
C MSE A 362 20.59 -22.38 18.84
O MSE A 362 20.61 -21.99 20.01
CB MSE A 362 18.19 -22.24 18.07
CG MSE A 362 18.47 -21.07 17.16
SE MSE A 362 16.82 -20.27 16.50
CE MSE A 362 16.23 -19.38 18.13
N PHE A 363 21.56 -22.12 17.97
CA PHE A 363 22.81 -21.46 18.35
C PHE A 363 22.93 -20.14 17.61
N GLU A 364 23.18 -19.07 18.36
CA GLU A 364 23.40 -17.74 17.81
C GLU A 364 24.63 -17.11 18.44
N LYS A 365 25.30 -16.27 17.67
CA LYS A 365 26.42 -15.49 18.20
C LYS A 365 25.95 -14.60 19.33
N GLY A 366 26.58 -14.76 20.49
CA GLY A 366 26.33 -13.89 21.62
C GLY A 366 25.21 -14.33 22.55
N LYS A 367 24.58 -15.47 22.29
CA LYS A 367 23.49 -15.96 23.13
C LYS A 367 23.79 -17.37 23.59
N VAL A 368 23.26 -17.72 24.76
CA VAL A 368 23.36 -19.08 25.29
C VAL A 368 22.55 -19.99 24.37
N PRO A 369 22.97 -21.24 24.15
CA PRO A 369 22.16 -22.14 23.32
C PRO A 369 20.72 -22.25 23.82
N LYS A 370 19.78 -22.08 22.90
CA LYS A 370 18.37 -22.28 23.19
C LYS A 370 18.04 -23.76 22.98
N ILE A 371 17.49 -24.40 24.01
CA ILE A 371 17.18 -25.83 23.95
C ILE A 371 15.79 -26.07 24.49
N VAL A 372 15.06 -26.98 23.86
CA VAL A 372 13.77 -27.44 24.36
C VAL A 372 13.52 -28.84 23.85
N ASN A 373 13.07 -29.73 24.73
CA ASN A 373 12.49 -31.00 24.34
C ASN A 373 11.00 -30.78 24.15
N LEU A 374 10.47 -31.22 23.00
CA LEU A 374 9.08 -30.90 22.68
C LEU A 374 8.11 -31.39 23.74
N ARG A 375 8.48 -32.43 24.48
CA ARG A 375 7.64 -32.90 25.57
C ARG A 375 7.45 -31.83 26.66
N GLU A 376 8.38 -30.88 26.77
CA GLU A 376 8.25 -29.83 27.78
C GLU A 376 7.07 -28.91 27.49
N ILE A 377 6.67 -28.78 26.22
CA ILE A 377 5.73 -27.75 25.83
C ILE A 377 4.34 -28.13 26.30
N GLN A 378 3.63 -27.16 26.89
CA GLN A 378 2.36 -27.41 27.55
C GLN A 378 1.20 -26.58 27.01
N ASP A 379 1.45 -25.62 26.13
CA ASP A 379 0.38 -24.78 25.59
C ASP A 379 0.16 -25.03 24.10
N ASP A 380 0.55 -26.19 23.60
CA ASP A 380 0.09 -26.63 22.30
C ASP A 380 -1.38 -27.00 22.37
N MSE A 381 -2.08 -26.86 21.25
CA MSE A 381 -3.53 -26.97 21.26
C MSE A 381 -4.04 -28.29 21.82
O MSE A 381 -5.04 -28.31 22.53
CB MSE A 381 -4.08 -26.77 19.83
CG MSE A 381 -3.91 -25.36 19.28
SE MSE A 381 -4.60 -23.97 20.46
CE MSE A 381 -6.28 -24.82 20.97
N GLN A 382 -3.36 -29.40 21.52
CA GLN A 382 -3.85 -30.69 22.01
C GLN A 382 -3.68 -30.81 23.52
N THR A 383 -2.57 -30.33 24.06
CA THR A 383 -2.40 -30.34 25.52
C THR A 383 -3.51 -29.54 26.19
N LEU A 384 -3.83 -28.36 25.64
CA LEU A 384 -4.90 -27.54 26.20
C LEU A 384 -6.25 -28.25 26.12
N TYR A 385 -6.56 -28.85 24.98
CA TYR A 385 -7.81 -29.60 24.85
C TYR A 385 -7.85 -30.75 25.85
N VAL A 386 -6.77 -31.50 25.95
CA VAL A 386 -6.75 -32.69 26.81
C VAL A 386 -6.97 -32.31 28.26
N ASN A 387 -6.30 -31.25 28.72
CA ASN A 387 -6.28 -30.95 30.14
C ASN A 387 -7.39 -30.01 30.59
N THR A 388 -8.13 -29.40 29.67
CA THR A 388 -9.33 -28.65 30.02
C THR A 388 -10.61 -29.45 29.76
N ALA A 389 -10.48 -30.71 29.38
CA ALA A 389 -11.64 -31.56 29.13
C ALA A 389 -12.11 -32.23 30.41
N ALA A 390 -13.42 -32.23 30.61
CA ALA A 390 -14.02 -32.91 31.76
C ALA A 390 -14.41 -34.35 31.45
N ASP A 391 -14.73 -34.64 30.19
CA ASP A 391 -15.06 -36.00 29.78
C ASP A 391 -14.90 -36.06 28.27
N SER A 392 -15.05 -37.26 27.72
CA SER A 392 -14.85 -37.46 26.30
C SER A 392 -15.85 -38.47 25.76
N PHE A 393 -16.09 -38.37 24.46
CA PHE A 393 -17.02 -39.24 23.72
C PHE A 393 -16.24 -39.85 22.57
N GLU A 394 -16.10 -41.16 22.57
CA GLU A 394 -15.22 -41.86 21.63
C GLU A 394 -16.04 -42.71 20.66
N PHE A 395 -15.64 -42.68 19.39
CA PHE A 395 -16.39 -43.34 18.34
C PHE A 395 -15.46 -43.73 17.21
N LYS A 396 -15.95 -44.61 16.34
CA LYS A 396 -15.29 -44.93 15.09
C LYS A 396 -16.26 -44.69 13.94
N ALA A 397 -15.72 -44.39 12.76
CA ALA A 397 -16.50 -44.24 11.55
C ALA A 397 -16.01 -45.26 10.53
N HIS A 398 -16.89 -46.17 10.14
CA HIS A 398 -16.58 -47.20 9.15
C HIS A 398 -17.08 -46.72 7.79
N VAL A 399 -16.14 -46.47 6.88
CA VAL A 399 -16.43 -45.87 5.58
C VAL A 399 -16.48 -46.97 4.54
N GLU A 400 -17.23 -46.72 3.46
CA GLU A 400 -17.23 -47.63 2.33
C GLU A 400 -15.83 -47.78 1.76
N GLY A 401 -15.38 -49.01 1.61
CA GLY A 401 -14.00 -49.32 1.28
C GLY A 401 -13.20 -49.87 2.43
N ASP A 402 -13.83 -50.10 3.59
CA ASP A 402 -13.27 -50.73 4.78
C ASP A 402 -12.39 -49.78 5.60
N GLY A 403 -12.28 -48.51 5.24
CA GLY A 403 -11.50 -47.58 6.03
C GLY A 403 -12.19 -47.25 7.34
N VAL A 404 -11.40 -47.12 8.40
CA VAL A 404 -11.90 -46.86 9.75
C VAL A 404 -11.22 -45.61 10.29
N VAL A 405 -12.01 -44.65 10.75
CA VAL A 405 -11.52 -43.44 11.37
C VAL A 405 -11.85 -43.50 12.86
N GLU A 406 -10.85 -43.25 13.70
CA GLU A 406 -11.08 -43.11 15.14
C GLU A 406 -11.40 -41.66 15.45
N GLY A 407 -12.38 -41.45 16.32
CA GLY A 407 -12.79 -40.12 16.70
C GLY A 407 -12.92 -40.00 18.20
N ILE A 408 -12.58 -38.80 18.70
CA ILE A 408 -12.77 -38.45 20.09
C ILE A 408 -13.38 -37.05 20.13
N ILE A 409 -14.40 -36.86 20.95
CA ILE A 409 -14.96 -35.55 21.25
C ILE A 409 -14.76 -35.29 22.74
N ARG A 410 -14.38 -34.06 23.07
CA ARG A 410 -14.08 -33.68 24.44
C ARG A 410 -14.98 -32.53 24.88
N TYR A 411 -15.42 -32.58 26.13
CA TYR A 411 -16.32 -31.57 26.68
C TYR A 411 -15.54 -30.61 27.56
N HIS A 412 -15.63 -29.32 27.25
CA HIS A 412 -14.96 -28.28 28.01
C HIS A 412 -16.02 -27.46 28.74
N PRO A 413 -16.20 -27.62 30.05
CA PRO A 413 -17.39 -27.10 30.71
C PRO A 413 -17.30 -25.63 31.08
N PHE A 414 -18.48 -25.05 31.26
CA PHE A 414 -18.60 -23.71 31.85
C PHE A 414 -18.46 -23.85 33.37
N LEU A 415 -17.49 -23.13 33.94
CA LEU A 415 -17.17 -23.23 35.36
C LEU A 415 -17.41 -21.88 36.02
N TYR A 416 -18.61 -21.71 36.58
CA TYR A 416 -18.95 -20.58 37.43
C TYR A 416 -19.17 -19.29 36.64
N ASP A 417 -18.09 -18.65 36.17
CA ASP A 417 -18.20 -17.39 35.46
C ASP A 417 -17.60 -17.41 34.06
N ARG A 418 -16.94 -18.48 33.64
CA ARG A 418 -16.21 -18.48 32.38
C ARG A 418 -16.34 -19.82 31.67
N GLU A 419 -16.29 -19.77 30.34
CA GLU A 419 -16.02 -20.93 29.52
C GLU A 419 -14.56 -21.35 29.68
N THR A 420 -14.31 -22.65 29.50
CA THR A 420 -12.95 -23.18 29.61
C THR A 420 -12.41 -23.71 28.29
N TYR A 421 -13.18 -23.62 27.21
CA TYR A 421 -12.68 -24.01 25.90
C TYR A 421 -11.42 -23.21 25.58
N PRO A 422 -10.27 -23.86 25.38
CA PRO A 422 -9.02 -23.10 25.23
C PRO A 422 -9.02 -22.25 23.96
N ASP A 423 -8.29 -21.14 24.03
CA ASP A 423 -8.14 -20.24 22.90
C ASP A 423 -7.15 -20.79 21.87
N ASP A 424 -7.31 -20.35 20.63
CA ASP A 424 -6.42 -20.72 19.54
C ASP A 424 -5.87 -19.44 18.92
N PRO A 425 -4.56 -19.18 18.98
CA PRO A 425 -4.05 -17.91 18.43
C PRO A 425 -4.30 -17.73 16.95
N CYS A 426 -4.48 -18.81 16.19
CA CYS A 426 -4.80 -18.66 14.77
C CYS A 426 -6.21 -18.11 14.56
N PHE A 427 -7.10 -18.28 15.54
CA PHE A 427 -8.48 -17.81 15.46
C PHE A 427 -8.68 -16.78 16.56
N PRO A 428 -8.20 -15.54 16.36
CA PRO A 428 -8.41 -14.48 17.36
C PRO A 428 -9.86 -14.01 17.44
N ALA A 446 -19.53 -18.69 22.01
CA ALA A 446 -18.86 -18.06 23.15
C ALA A 446 -17.67 -18.87 23.61
N ALA A 447 -17.77 -20.20 23.48
CA ALA A 447 -16.66 -21.09 23.82
C ALA A 447 -15.80 -21.36 22.59
N ARG A 448 -16.24 -22.31 21.74
CA ARG A 448 -15.49 -22.63 20.54
C ARG A 448 -15.63 -21.57 19.46
N GLY A 449 -16.74 -20.85 19.44
CA GLY A 449 -16.94 -19.83 18.43
C GLY A 449 -17.25 -20.44 17.08
N LYS A 450 -16.71 -19.82 16.03
CA LYS A 450 -16.85 -20.33 14.68
C LYS A 450 -15.78 -21.36 14.32
N ARG A 451 -15.00 -21.83 15.29
CA ARG A 451 -13.90 -22.72 15.00
C ARG A 451 -14.40 -24.11 14.64
N PRO A 452 -13.63 -24.87 13.88
CA PRO A 452 -14.00 -26.26 13.63
C PRO A 452 -13.81 -27.11 14.88
N ILE A 453 -14.58 -28.19 14.95
CA ILE A 453 -14.48 -29.10 16.10
C ILE A 453 -13.23 -29.96 15.99
N PHE A 454 -12.97 -30.52 14.81
CA PHE A 454 -12.07 -31.65 14.66
C PHE A 454 -10.75 -31.24 14.01
N GLU A 455 -9.65 -31.56 14.68
CA GLU A 455 -8.35 -31.66 14.05
C GLU A 455 -8.16 -33.08 13.55
N CYS A 456 -7.33 -33.24 12.51
CA CYS A 456 -7.25 -34.49 11.78
C CYS A 456 -5.81 -35.00 11.78
N PHE A 457 -5.66 -36.29 12.08
CA PHE A 457 -4.35 -36.92 12.20
C PHE A 457 -4.26 -38.10 11.25
N TRP A 458 -3.08 -38.30 10.69
CA TRP A 458 -2.81 -39.33 9.70
C TRP A 458 -1.56 -40.08 10.13
N ASN A 459 -1.69 -41.39 10.37
CA ASN A 459 -0.61 -42.21 10.92
C ASN A 459 0.01 -41.54 12.14
N GLY A 460 -0.84 -40.95 12.99
CA GLY A 460 -0.43 -40.47 14.29
C GLY A 460 -0.01 -39.02 14.36
N ARG A 461 0.19 -38.34 13.22
CA ARG A 461 0.65 -36.97 13.21
C ARG A 461 -0.42 -36.06 12.62
N LEU A 462 -0.36 -34.79 13.00
CA LEU A 462 -1.34 -33.82 12.55
C LEU A 462 -1.17 -33.53 11.07
N ILE A 463 -2.30 -33.48 10.37
CA ILE A 463 -2.36 -32.92 9.02
C ILE A 463 -2.89 -31.50 9.16
N PRO A 464 -2.07 -30.47 8.97
CA PRO A 464 -2.39 -29.16 9.58
C PRO A 464 -3.52 -28.40 8.91
N TYR A 465 -3.75 -28.59 7.61
CA TYR A 465 -4.72 -27.77 6.87
C TYR A 465 -6.03 -28.47 6.59
N THR A 466 -6.27 -29.64 7.20
CA THR A 466 -7.55 -30.31 7.07
C THR A 466 -8.21 -30.35 8.45
N SER A 467 -9.31 -29.62 8.59
N SER A 467 -9.31 -29.61 8.59
CA SER A 467 -10.18 -29.71 9.74
CA SER A 467 -10.19 -29.72 9.74
C SER A 467 -11.59 -30.08 9.28
C SER A 467 -11.58 -30.11 9.27
N VAL A 468 -12.36 -30.67 10.19
CA VAL A 468 -13.77 -30.97 9.95
C VAL A 468 -14.58 -30.10 10.89
N GLU A 469 -15.42 -29.23 10.32
CA GLU A 469 -16.20 -28.29 11.11
C GLU A 469 -17.08 -29.01 12.11
N ASP A 470 -17.88 -29.96 11.65
CA ASP A 470 -18.78 -30.72 12.51
C ASP A 470 -19.37 -31.87 11.70
N PHE A 471 -20.15 -32.68 12.36
CA PHE A 471 -21.07 -33.61 11.73
C PHE A 471 -22.51 -33.22 12.09
N ASP A 472 -23.47 -33.82 11.40
CA ASP A 472 -24.89 -33.58 11.64
C ASP A 472 -25.25 -33.82 13.09
N TRP A 473 -24.80 -34.94 13.63
CA TRP A 473 -25.14 -35.39 14.95
C TRP A 473 -24.43 -34.63 16.07
N CYS A 474 -23.55 -33.70 15.78
CA CYS A 474 -22.92 -32.87 16.82
C CYS A 474 -23.00 -31.42 16.44
N THR A 475 -24.05 -31.04 15.73
CA THR A 475 -24.45 -29.66 15.64
C THR A 475 -25.78 -29.44 16.35
N PRO A 476 -26.05 -28.20 16.71
CA PRO A 476 -27.29 -27.92 17.44
C PRO A 476 -28.51 -28.08 16.55
N PRO A 477 -29.62 -28.64 17.06
CA PRO A 477 -30.86 -28.67 16.25
C PRO A 477 -31.60 -27.33 16.29
N GLY A 481 -34.41 -28.69 22.02
CA GLY A 481 -33.82 -30.01 21.91
C GLY A 481 -33.45 -30.62 23.25
N LEU A 482 -32.88 -31.83 23.19
CA LEU A 482 -32.63 -32.62 24.39
C LEU A 482 -31.47 -32.07 25.23
N ALA A 483 -30.54 -31.33 24.62
CA ALA A 483 -29.45 -30.72 25.35
C ALA A 483 -29.39 -29.23 25.01
N PRO A 484 -29.01 -28.38 25.98
CA PRO A 484 -29.03 -26.94 25.72
C PRO A 484 -28.08 -26.56 24.59
N ILE A 485 -28.52 -25.61 23.76
CA ILE A 485 -27.82 -25.28 22.53
C ILE A 485 -26.36 -24.94 22.81
N GLU A 486 -26.10 -24.17 23.87
CA GLU A 486 -24.74 -23.73 24.14
C GLU A 486 -23.78 -24.87 24.42
N CYS A 487 -24.29 -26.08 24.65
CA CYS A 487 -23.41 -27.22 24.90
C CYS A 487 -22.72 -27.68 23.63
N TYR A 488 -23.39 -27.55 22.48
CA TYR A 488 -22.77 -27.90 21.21
C TYR A 488 -21.59 -27.01 20.87
N ASN A 489 -21.39 -25.92 21.60
CA ASN A 489 -20.25 -25.04 21.41
C ASN A 489 -19.12 -25.33 22.39
N ARG A 490 -19.26 -26.36 23.22
CA ARG A 490 -18.28 -26.69 24.24
C ARG A 490 -17.48 -27.94 23.90
N ILE A 491 -17.55 -28.42 22.65
CA ILE A 491 -16.97 -29.70 22.27
C ILE A 491 -15.84 -29.47 21.28
N SER A 492 -14.70 -30.11 21.53
CA SER A 492 -13.59 -30.21 20.60
C SER A 492 -13.45 -31.68 20.20
N GLY A 493 -12.61 -31.93 19.20
CA GLY A 493 -12.48 -33.30 18.72
C GLY A 493 -11.22 -33.54 17.93
N ALA A 494 -10.92 -34.83 17.75
CA ALA A 494 -9.80 -35.28 16.94
C ALA A 494 -10.21 -36.52 16.16
N LEU A 495 -9.76 -36.60 14.91
CA LEU A 495 -9.99 -37.75 14.05
C LEU A 495 -8.64 -38.36 13.67
N PHE A 496 -8.57 -39.68 13.66
CA PHE A 496 -7.33 -40.41 13.44
C PHE A 496 -7.55 -41.46 12.35
N THR A 497 -6.72 -41.42 11.31
CA THR A 497 -6.75 -42.41 10.24
C THR A 497 -5.39 -43.09 10.13
N ASN A 498 -5.37 -44.19 9.37
CA ASN A 498 -4.15 -44.74 8.83
C ASN A 498 -4.10 -44.39 7.33
N ASP A 499 -3.33 -45.16 6.54
CA ASP A 499 -3.12 -44.81 5.15
C ASP A 499 -4.30 -45.18 4.26
N LYS A 500 -5.33 -45.84 4.78
CA LYS A 500 -6.55 -46.08 4.00
C LYS A 500 -7.19 -44.77 3.52
N PHE A 501 -6.90 -43.66 4.19
CA PHE A 501 -7.39 -42.35 3.79
C PHE A 501 -6.22 -41.52 3.26
N GLN A 502 -6.32 -41.10 2.00
CA GLN A 502 -5.20 -40.51 1.29
C GLN A 502 -4.94 -39.08 1.74
N VAL A 503 -3.67 -38.70 1.71
CA VAL A 503 -3.25 -37.33 1.94
C VAL A 503 -2.50 -36.84 0.71
N SER A 504 -2.42 -35.53 0.56
CA SER A 504 -1.66 -34.96 -0.53
C SER A 504 -0.16 -35.20 -0.31
N THR A 505 0.62 -34.97 -1.37
CA THR A 505 2.04 -35.34 -1.34
C THR A 505 2.78 -34.59 -0.24
N ASN A 506 2.46 -33.31 -0.05
CA ASN A 506 3.12 -32.51 0.99
C ASN A 506 2.55 -32.78 2.37
N LYS A 507 1.54 -33.63 2.49
CA LYS A 507 0.94 -33.99 3.78
C LYS A 507 0.45 -32.75 4.53
N LEU A 508 0.01 -31.74 3.78
CA LEU A 508 -0.69 -30.60 4.36
C LEU A 508 -2.19 -30.80 4.42
N THR A 509 -2.76 -31.66 3.56
CA THR A 509 -4.20 -31.87 3.49
C THR A 509 -4.52 -33.33 3.28
N PHE A 510 -5.66 -33.75 3.80
CA PHE A 510 -6.31 -34.96 3.34
C PHE A 510 -6.90 -34.73 1.95
N MSE A 511 -6.99 -35.79 1.16
CA MSE A 511 -7.54 -35.69 -0.18
C MSE A 511 -9.07 -35.58 -0.17
O MSE A 511 -9.64 -34.75 -0.88
CB MSE A 511 -7.13 -36.92 -1.01
CG MSE A 511 -5.64 -37.00 -1.29
SE MSE A 511 -4.99 -35.66 -2.55
CE MSE A 511 -5.89 -36.31 -4.15
N ASP A 512 -9.73 -36.40 0.65
CA ASP A 512 -11.18 -36.46 0.64
C ASP A 512 -11.74 -37.02 1.95
N LEU A 513 -11.12 -36.65 3.08
CA LEU A 513 -11.51 -37.25 4.35
C LEU A 513 -12.96 -36.90 4.71
N GLU A 514 -13.28 -35.61 4.73
CA GLU A 514 -14.62 -35.20 5.13
C GLU A 514 -15.67 -35.75 4.17
N LEU A 515 -15.38 -35.71 2.87
CA LEU A 515 -16.31 -36.26 1.88
C LEU A 515 -16.69 -37.70 2.20
N LYS A 516 -15.71 -38.52 2.59
CA LYS A 516 -15.97 -39.93 2.85
C LYS A 516 -16.70 -40.12 4.18
N LEU A 517 -16.36 -39.32 5.19
CA LEU A 517 -17.01 -39.47 6.49
C LEU A 517 -18.48 -39.09 6.43
N LYS A 518 -18.84 -38.13 5.58
CA LYS A 518 -20.22 -37.67 5.48
C LYS A 518 -21.00 -38.39 4.38
N ASP A 519 -20.41 -39.40 3.75
CA ASP A 519 -21.15 -40.23 2.80
C ASP A 519 -22.27 -40.97 3.53
N LYS A 520 -23.39 -41.18 2.81
CA LYS A 520 -24.57 -41.76 3.43
C LYS A 520 -24.32 -43.15 3.98
N ASN A 521 -23.35 -43.88 3.42
CA ASN A 521 -23.11 -45.26 3.82
C ASN A 521 -22.19 -45.39 5.03
N THR A 522 -21.66 -44.29 5.54
CA THR A 522 -20.70 -44.38 6.64
C THR A 522 -21.41 -44.74 7.94
N LEU A 523 -20.89 -45.75 8.62
CA LEU A 523 -21.45 -46.26 9.87
C LEU A 523 -20.63 -45.75 11.05
N PHE A 524 -21.32 -45.20 12.04
CA PHE A 524 -20.69 -44.73 13.26
C PHE A 524 -20.94 -45.70 14.40
N THR A 525 -19.90 -45.96 15.18
CA THR A 525 -19.97 -46.84 16.34
C THR A 525 -19.45 -46.09 17.56
N ARG A 526 -19.91 -46.53 18.72
CA ARG A 526 -19.48 -45.96 20.00
C ARG A 526 -18.43 -46.87 20.63
N ILE A 527 -17.39 -46.25 21.17
CA ILE A 527 -16.37 -46.96 21.94
C ILE A 527 -16.60 -46.63 23.40
N LEU A 528 -16.86 -47.68 24.18
CA LEU A 528 -17.12 -47.57 25.61
C LEU A 528 -16.52 -48.78 26.31
N ASN A 529 -15.71 -48.54 27.34
CA ASN A 529 -15.10 -49.61 28.14
C ASN A 529 -14.40 -50.64 27.26
N GLY A 530 -13.75 -50.16 26.20
CA GLY A 530 -13.01 -51.03 25.31
C GLY A 530 -13.82 -51.73 24.24
N GLN A 531 -15.15 -51.73 24.34
CA GLN A 531 -16.00 -52.41 23.36
C GLN A 531 -16.59 -51.42 22.37
N GLU A 532 -16.78 -51.90 21.15
CA GLU A 532 -17.34 -51.11 20.05
C GLU A 532 -18.73 -51.64 19.71
N GLN A 533 -19.69 -50.73 19.54
CA GLN A 533 -21.06 -51.13 19.24
C GLN A 533 -21.73 -50.07 18.36
N ARG A 534 -22.60 -50.54 17.48
CA ARG A 534 -23.47 -49.64 16.74
C ARG A 534 -24.33 -48.83 17.71
N MSE A 535 -24.76 -47.65 17.25
CA MSE A 535 -25.60 -46.78 18.07
C MSE A 535 -26.47 -45.88 17.22
O MSE A 535 -26.29 -45.77 16.01
CB MSE A 535 -24.73 -45.93 18.99
CG MSE A 535 -23.68 -45.14 18.23
SE MSE A 535 -23.11 -43.57 19.18
CE MSE A 535 -21.47 -43.22 18.20
N LYS A 536 -27.44 -45.21 17.86
CA LYS A 536 -28.19 -44.12 17.25
C LYS A 536 -27.50 -42.83 17.70
N ILE A 537 -26.61 -42.33 16.86
CA ILE A 537 -25.58 -41.41 17.33
C ILE A 537 -26.18 -40.03 17.63
N ASP A 538 -27.16 -39.59 16.84
CA ASP A 538 -27.77 -38.30 17.11
C ASP A 538 -28.35 -38.26 18.52
N ARG A 539 -29.09 -39.30 18.90
CA ARG A 539 -29.70 -39.36 20.21
C ARG A 539 -28.65 -39.66 21.29
N GLU A 540 -27.75 -40.60 21.01
CA GLU A 540 -26.79 -41.02 22.04
C GLU A 540 -25.74 -39.94 22.32
N PHE A 541 -25.40 -39.13 21.31
CA PHE A 541 -24.50 -38.01 21.57
C PHE A 541 -25.21 -36.91 22.35
N ALA A 542 -26.46 -36.62 22.00
CA ALA A 542 -27.22 -35.63 22.75
C ALA A 542 -27.31 -36.01 24.21
N LEU A 543 -27.62 -37.28 24.50
CA LEU A 543 -27.71 -37.72 25.88
C LEU A 543 -26.36 -37.60 26.58
N TRP A 544 -25.28 -37.95 25.90
CA TRP A 544 -23.95 -37.72 26.46
C TRP A 544 -23.73 -36.25 26.75
N LEU A 545 -24.15 -35.38 25.84
CA LEU A 545 -23.96 -33.95 26.02
C LEU A 545 -24.80 -33.42 27.19
N LYS A 546 -26.03 -33.92 27.32
CA LYS A 546 -26.89 -33.53 28.44
C LYS A 546 -26.29 -33.98 29.77
N ASP A 547 -25.74 -35.20 29.80
CA ASP A 547 -25.10 -35.68 31.02
C ASP A 547 -23.88 -34.84 31.38
N CYS A 548 -23.11 -34.42 30.37
CA CYS A 548 -21.96 -33.57 30.64
C CYS A 548 -22.40 -32.21 31.20
N HIS A 549 -23.45 -31.63 30.64
CA HIS A 549 -23.97 -30.36 31.14
C HIS A 549 -24.34 -30.49 32.62
N GLU A 550 -25.06 -31.55 32.98
CA GLU A 550 -25.56 -31.68 34.34
C GLU A 550 -24.46 -32.05 35.32
N LYS A 551 -23.46 -32.83 34.90
CA LYS A 551 -22.45 -33.28 35.84
C LYS A 551 -21.30 -32.28 36.01
N TYR A 552 -21.01 -31.46 34.98
CA TYR A 552 -19.80 -30.65 34.99
C TYR A 552 -20.03 -29.15 34.90
N ASP A 553 -21.06 -28.68 34.20
CA ASP A 553 -21.28 -27.24 34.09
C ASP A 553 -21.72 -26.66 35.42
N LYS A 554 -21.09 -25.56 35.81
CA LYS A 554 -21.31 -24.91 37.10
C LYS A 554 -21.75 -23.47 36.86
N GLN A 555 -23.00 -23.15 37.23
CA GLN A 555 -23.58 -21.83 37.00
C GLN A 555 -23.79 -21.17 38.36
N ILE A 556 -22.70 -20.67 38.95
CA ILE A 556 -22.73 -19.98 40.23
C ILE A 556 -21.66 -18.90 40.18
N LYS A 557 -22.05 -17.65 40.47
CA LYS A 557 -21.14 -16.53 40.36
C LYS A 557 -21.55 -15.42 41.33
N PHE A 558 -20.54 -14.76 41.91
CA PHE A 558 -20.76 -13.54 42.67
C PHE A 558 -21.05 -12.39 41.71
N THR A 559 -22.15 -11.68 41.96
CA THR A 559 -22.53 -10.56 41.10
C THR A 559 -21.44 -9.52 41.07
N LEU A 560 -21.22 -8.92 39.90
CA LEU A 560 -20.17 -7.94 39.72
C LEU A 560 -20.71 -6.54 40.01
N ARG B 8 31.62 -54.63 -18.57
CA ARG B 8 31.35 -54.84 -17.15
C ARG B 8 32.53 -54.36 -16.31
N THR B 9 32.45 -53.11 -15.88
CA THR B 9 33.56 -52.43 -15.20
C THR B 9 33.27 -52.36 -13.70
N VAL B 10 34.27 -52.71 -12.89
CA VAL B 10 34.21 -52.49 -11.45
C VAL B 10 35.28 -51.47 -11.09
N TYR B 11 35.11 -50.85 -9.93
CA TYR B 11 36.00 -49.80 -9.45
C TYR B 11 36.62 -50.28 -8.14
N LEU B 12 37.93 -50.54 -8.17
CA LEU B 12 38.61 -51.19 -7.07
C LEU B 12 39.41 -50.17 -6.27
N PHE B 13 39.21 -50.18 -4.95
CA PHE B 13 39.95 -49.34 -4.02
C PHE B 13 40.87 -50.22 -3.19
N ASP B 14 42.17 -49.97 -3.28
CA ASP B 14 43.15 -50.67 -2.44
C ASP B 14 43.19 -49.97 -1.09
N ARG B 15 42.78 -50.66 -0.04
CA ARG B 15 42.68 -50.08 1.29
C ARG B 15 43.26 -51.00 2.34
N ARG B 16 44.46 -51.54 2.07
CA ARG B 16 45.14 -52.38 3.05
C ARG B 16 45.91 -51.52 4.06
N GLU B 17 46.65 -50.53 3.59
CA GLU B 17 47.45 -49.67 4.43
C GLU B 17 47.05 -48.21 4.22
N LYS B 18 47.40 -47.37 5.19
CA LYS B 18 47.06 -45.95 5.12
C LYS B 18 47.74 -45.25 3.96
N GLU B 19 48.81 -45.85 3.40
CA GLU B 19 49.52 -45.25 2.27
C GLU B 19 49.05 -45.77 0.92
N SER B 20 48.14 -46.73 0.90
CA SER B 20 47.63 -47.28 -0.35
C SER B 20 47.20 -46.17 -1.31
N GLU B 21 47.18 -46.47 -2.60
CA GLU B 21 46.84 -45.48 -3.60
C GLU B 21 45.44 -44.94 -3.39
N LEU B 22 45.31 -43.62 -3.38
CA LEU B 22 44.02 -42.98 -3.09
C LEU B 22 43.00 -43.30 -4.16
N GLY B 23 43.33 -43.06 -5.42
CA GLY B 23 42.39 -43.26 -6.50
C GLY B 23 42.02 -44.72 -6.67
N ASP B 24 40.90 -44.93 -7.36
CA ASP B 24 40.43 -46.27 -7.68
C ASP B 24 41.03 -46.75 -8.99
N ARG B 25 41.03 -48.06 -9.18
CA ARG B 25 41.54 -48.68 -10.39
C ARG B 25 40.40 -49.40 -11.10
N PRO B 26 39.93 -48.91 -12.26
CA PRO B 26 38.82 -49.61 -12.94
C PRO B 26 39.30 -50.92 -13.55
N LEU B 27 38.59 -52.01 -13.25
CA LEU B 27 38.90 -53.32 -13.79
C LEU B 27 37.79 -53.76 -14.73
N GLN B 28 38.17 -54.21 -15.92
CA GLN B 28 37.21 -54.77 -16.88
C GLN B 28 37.08 -56.26 -16.56
N VAL B 29 35.98 -56.63 -15.91
CA VAL B 29 35.69 -58.03 -15.60
C VAL B 29 34.85 -58.57 -16.74
N GLY B 30 35.44 -59.46 -17.55
CA GLY B 30 34.70 -60.08 -18.63
C GLY B 30 33.43 -60.77 -18.16
N GLU B 31 32.53 -61.03 -19.11
CA GLU B 31 31.21 -61.55 -18.78
C GLU B 31 31.26 -62.97 -18.25
N ARG B 32 32.21 -63.79 -18.72
CA ARG B 32 32.21 -65.22 -18.44
C ARG B 32 33.18 -65.60 -17.33
N SER B 33 33.59 -64.64 -16.51
CA SER B 33 34.74 -64.77 -15.63
C SER B 33 34.39 -65.38 -14.27
N ASP B 34 35.43 -65.84 -13.59
CA ASP B 34 35.30 -66.54 -12.31
C ASP B 34 35.79 -65.65 -11.18
N TYR B 35 35.54 -66.08 -9.96
CA TYR B 35 36.08 -65.37 -8.80
C TYR B 35 37.60 -65.49 -8.75
N ALA B 36 38.12 -66.71 -8.89
CA ALA B 36 39.56 -66.91 -8.89
C ALA B 36 40.20 -66.18 -10.06
N GLY B 37 39.61 -66.29 -11.25
CA GLY B 37 40.07 -65.52 -12.39
C GLY B 37 40.12 -64.04 -12.06
N PHE B 38 38.99 -63.51 -11.59
CA PHE B 38 38.95 -62.13 -11.12
C PHE B 38 40.03 -61.88 -10.08
N ARG B 39 40.08 -62.73 -9.04
CA ARG B 39 41.10 -62.58 -8.01
C ARG B 39 42.50 -62.55 -8.62
N ALA B 40 42.78 -63.44 -9.57
CA ALA B 40 44.07 -63.43 -10.22
C ALA B 40 44.33 -62.11 -10.93
N CYS B 41 43.33 -61.59 -11.64
CA CYS B 41 43.49 -60.31 -12.31
C CYS B 41 43.86 -59.20 -11.33
N VAL B 42 43.30 -59.27 -10.12
CA VAL B 42 43.58 -58.24 -9.12
C VAL B 42 45.03 -58.34 -8.65
N CYS B 43 45.45 -59.53 -8.22
CA CYS B 43 46.82 -59.72 -7.75
C CYS B 43 47.82 -59.27 -8.81
N GLN B 44 47.52 -59.54 -10.08
CA GLN B 44 48.44 -59.16 -11.15
C GLN B 44 48.52 -57.64 -11.27
N THR B 45 47.38 -56.95 -11.25
CA THR B 45 47.34 -55.53 -11.59
C THR B 45 48.02 -54.65 -10.55
N LEU B 46 48.08 -55.08 -9.29
CA LEU B 46 48.57 -54.21 -8.21
C LEU B 46 49.73 -54.79 -7.40
N GLY B 47 49.94 -56.11 -7.39
CA GLY B 47 51.01 -56.70 -6.61
C GLY B 47 50.75 -58.13 -6.21
N PHE B 54 44.73 -61.07 1.71
CA PHE B 54 43.75 -60.01 1.80
C PHE B 54 42.34 -60.53 1.54
N VAL B 55 41.36 -59.62 1.59
CA VAL B 55 39.98 -59.93 1.22
C VAL B 55 39.48 -58.86 0.26
N ILE B 56 38.43 -59.21 -0.47
CA ILE B 56 37.73 -58.28 -1.35
C ILE B 56 36.29 -58.21 -0.86
N THR B 57 35.75 -57.00 -0.75
CA THR B 57 34.41 -56.79 -0.25
C THR B 57 33.65 -55.78 -1.10
N THR B 58 32.33 -55.82 -0.98
CA THR B 58 31.49 -54.72 -1.44
C THR B 58 31.67 -53.53 -0.52
N THR B 59 30.91 -52.47 -0.78
CA THR B 59 30.97 -51.30 0.09
C THR B 59 30.21 -51.50 1.39
N SER B 60 29.53 -52.63 1.56
CA SER B 60 28.93 -53.02 2.83
C SER B 60 29.78 -54.05 3.57
N ARG B 61 31.00 -54.29 3.10
CA ARG B 61 31.91 -55.28 3.71
C ARG B 61 31.40 -56.71 3.55
N LYS B 62 30.60 -56.98 2.51
CA LYS B 62 30.24 -58.34 2.16
C LYS B 62 31.36 -58.91 1.31
N GLU B 63 31.93 -60.03 1.74
CA GLU B 63 33.13 -60.57 1.11
C GLU B 63 32.79 -61.30 -0.17
N ILE B 64 33.60 -61.05 -1.20
CA ILE B 64 33.38 -61.67 -2.50
C ILE B 64 33.82 -63.13 -2.43
N THR B 65 32.91 -64.04 -2.78
CA THR B 65 33.22 -65.45 -2.91
C THR B 65 32.73 -65.94 -4.26
N CYS B 66 33.25 -67.09 -4.69
CA CYS B 66 32.70 -67.73 -5.88
C CYS B 66 31.24 -68.14 -5.69
N ASP B 67 30.80 -68.27 -4.44
CA ASP B 67 29.39 -68.57 -4.18
C ASP B 67 28.49 -67.39 -4.51
N ASN B 68 28.98 -66.16 -4.33
CA ASN B 68 28.18 -64.96 -4.57
C ASN B 68 28.78 -64.09 -5.68
N PHE B 69 29.78 -64.58 -6.40
CA PHE B 69 30.55 -63.72 -7.30
C PHE B 69 29.66 -63.06 -8.34
N ASP B 70 28.70 -63.80 -8.89
CA ASP B 70 27.87 -63.26 -9.96
C ASP B 70 26.74 -62.38 -9.44
N GLU B 71 26.28 -62.62 -8.22
CA GLU B 71 25.26 -61.78 -7.60
C GLU B 71 25.85 -60.54 -6.94
N THR B 72 27.15 -60.32 -7.06
CA THR B 72 27.84 -59.27 -6.32
C THR B 72 28.75 -58.41 -7.19
N VAL B 73 29.48 -59.01 -8.12
CA VAL B 73 30.42 -58.27 -8.96
C VAL B 73 29.73 -57.92 -10.27
N LYS B 74 28.85 -56.92 -10.24
CA LYS B 74 28.14 -56.46 -11.41
C LYS B 74 28.76 -55.17 -11.93
N ASP B 75 28.37 -54.81 -13.15
CA ASP B 75 28.87 -53.59 -13.77
C ASP B 75 28.59 -52.39 -12.88
N GLY B 76 29.63 -51.57 -12.67
CA GLY B 76 29.48 -50.30 -11.99
C GLY B 76 29.68 -50.32 -10.49
N VAL B 77 29.86 -51.49 -9.88
CA VAL B 77 29.98 -51.56 -8.43
C VAL B 77 31.37 -51.10 -8.00
N THR B 78 31.48 -50.70 -6.74
CA THR B 78 32.75 -50.35 -6.12
C THR B 78 33.15 -51.45 -5.15
N LEU B 79 34.40 -51.87 -5.21
CA LEU B 79 34.91 -52.96 -4.40
C LEU B 79 36.10 -52.51 -3.57
N TYR B 80 36.31 -53.19 -2.45
CA TYR B 80 37.36 -52.86 -1.51
C TYR B 80 38.36 -54.01 -1.43
N LEU B 81 39.64 -53.67 -1.39
CA LEU B 81 40.71 -54.62 -1.14
C LEU B 81 41.23 -54.35 0.27
N LEU B 82 41.01 -55.28 1.19
CA LEU B 82 41.26 -55.07 2.61
C LEU B 82 42.04 -56.23 3.20
N GLN B 83 42.73 -55.95 4.31
CA GLN B 83 43.39 -57.02 5.06
C GLN B 83 42.35 -57.94 5.70
N SER B 84 41.24 -57.39 6.17
CA SER B 84 40.19 -58.18 6.77
C SER B 84 38.85 -57.54 6.45
N VAL B 85 37.78 -58.31 6.68
CA VAL B 85 36.43 -57.86 6.33
C VAL B 85 36.08 -56.56 7.06
N ASN B 86 36.39 -56.50 8.35
CA ASN B 86 35.95 -55.39 9.20
C ASN B 86 37.08 -54.43 9.53
N GLN B 87 38.12 -54.36 8.71
CA GLN B 87 39.19 -53.40 8.92
C GLN B 87 38.66 -51.99 8.78
N LEU B 88 39.09 -51.11 9.69
CA LEU B 88 38.71 -49.71 9.62
C LEU B 88 39.20 -49.10 8.31
N LEU B 89 38.39 -48.22 7.73
CA LEU B 89 38.75 -47.55 6.48
C LEU B 89 39.72 -46.42 6.81
N LEU B 90 40.99 -46.62 6.46
CA LEU B 90 41.99 -45.60 6.75
C LEU B 90 41.81 -44.38 5.85
N THR B 91 41.49 -44.58 4.58
CA THR B 91 41.27 -43.50 3.64
C THR B 91 39.87 -43.64 3.04
N ALA B 92 39.25 -42.50 2.76
CA ALA B 92 37.87 -42.48 2.29
C ALA B 92 37.80 -42.86 0.82
N THR B 93 36.75 -43.61 0.48
CA THR B 93 36.48 -44.01 -0.89
C THR B 93 35.35 -43.18 -1.48
N LYS B 94 35.21 -43.26 -2.81
CA LYS B 94 34.14 -42.59 -3.53
C LYS B 94 33.42 -43.64 -4.37
N GLU B 95 32.15 -43.89 -4.03
CA GLU B 95 31.37 -44.95 -4.65
C GLU B 95 30.40 -44.35 -5.66
N ARG B 96 30.67 -44.58 -6.94
CA ARG B 96 29.83 -44.04 -8.01
C ARG B 96 28.40 -44.54 -7.87
N ILE B 97 27.44 -43.64 -8.10
CA ILE B 97 26.02 -44.00 -8.11
C ILE B 97 25.29 -43.21 -9.18
N ASP B 98 24.18 -43.77 -9.65
CA ASP B 98 23.19 -43.06 -10.42
C ASP B 98 21.91 -42.97 -9.61
N PHE B 99 21.23 -41.83 -9.70
CA PHE B 99 19.97 -41.62 -8.97
C PHE B 99 18.96 -40.93 -9.90
N LEU B 100 18.71 -41.54 -11.05
CA LEU B 100 17.69 -41.03 -11.95
C LEU B 100 16.33 -41.05 -11.26
N PRO B 101 15.52 -40.01 -11.38
CA PRO B 101 14.16 -40.06 -10.83
C PRO B 101 13.41 -41.29 -11.32
N HIS B 102 12.62 -41.88 -10.43
CA HIS B 102 11.75 -42.99 -10.80
C HIS B 102 10.63 -42.46 -11.69
N TYR B 103 10.15 -43.32 -12.61
CA TYR B 103 9.21 -42.84 -13.62
C TYR B 103 7.87 -42.43 -13.01
N ASP B 104 7.57 -42.84 -11.78
CA ASP B 104 6.41 -42.28 -11.08
C ASP B 104 6.53 -40.78 -10.89
N THR B 105 7.72 -40.21 -11.08
CA THR B 105 7.85 -38.77 -11.20
C THR B 105 6.88 -38.22 -12.23
N LEU B 106 6.54 -39.02 -13.24
CA LEU B 106 5.53 -38.68 -14.22
C LEU B 106 4.20 -39.37 -13.94
N VAL B 107 4.22 -40.69 -13.73
CA VAL B 107 2.99 -41.48 -13.69
C VAL B 107 2.14 -41.10 -12.48
N LYS B 108 2.79 -40.79 -11.35
CA LYS B 108 2.07 -40.41 -10.13
C LYS B 108 2.14 -38.91 -9.86
N SER B 109 2.49 -38.10 -10.87
CA SER B 109 2.68 -36.67 -10.67
C SER B 109 1.40 -35.94 -10.31
N GLY B 110 0.24 -36.50 -10.62
CA GLY B 110 -1.03 -35.85 -10.31
C GLY B 110 -1.94 -36.68 -9.44
N MSE B 111 -1.43 -37.77 -8.90
CA MSE B 111 -2.25 -38.72 -8.16
C MSE B 111 -2.66 -38.23 -6.76
O MSE B 111 -3.73 -38.55 -6.28
CB MSE B 111 -1.51 -40.05 -8.04
CG MSE B 111 -2.31 -41.15 -7.38
SE MSE B 111 -1.39 -42.85 -7.54
CE MSE B 111 -1.63 -43.13 -9.47
N TYR B 112 -1.79 -37.44 -6.13
CA TYR B 112 -2.03 -36.96 -4.76
C TYR B 112 -1.87 -35.44 -4.70
N GLU B 113 -2.37 -34.74 -5.71
CA GLU B 113 -2.22 -33.30 -5.80
C GLU B 113 -3.54 -32.55 -5.80
N TYR B 114 -4.61 -33.14 -6.33
CA TYR B 114 -5.90 -32.46 -6.49
C TYR B 114 -6.82 -32.90 -5.36
N TYR B 115 -6.69 -32.21 -4.22
CA TYR B 115 -7.49 -32.51 -3.04
C TYR B 115 -8.80 -31.74 -3.09
N ALA B 116 -9.80 -32.28 -2.40
CA ALA B 116 -11.10 -31.63 -2.32
C ALA B 116 -11.10 -30.59 -1.20
N SER B 117 -11.65 -29.41 -1.48
CA SER B 117 -11.76 -28.37 -0.48
C SER B 117 -13.01 -27.55 -0.77
N GLU B 118 -13.64 -27.06 0.30
CA GLU B 118 -14.80 -26.17 0.19
C GLU B 118 -15.89 -26.77 -0.68
N GLY B 119 -16.05 -28.09 -0.60
CA GLY B 119 -17.13 -28.77 -1.30
C GLY B 119 -16.95 -28.93 -2.79
N GLN B 120 -15.79 -28.58 -3.34
CA GLN B 120 -15.56 -28.67 -4.78
C GLN B 120 -14.91 -29.99 -5.14
N ASN B 121 -15.39 -30.61 -6.21
CA ASN B 121 -14.68 -31.73 -6.80
C ASN B 121 -13.51 -31.20 -7.61
N PRO B 122 -12.29 -31.67 -7.39
CA PRO B 122 -11.12 -31.06 -8.03
C PRO B 122 -10.79 -31.56 -9.43
N LEU B 123 -11.56 -32.50 -9.98
CA LEU B 123 -11.28 -32.99 -11.32
C LEU B 123 -11.22 -31.88 -12.36
N PRO B 124 -12.11 -30.89 -12.37
CA PRO B 124 -12.00 -29.83 -13.38
C PRO B 124 -10.73 -29.01 -13.30
N PHE B 125 -10.04 -29.00 -12.17
CA PHE B 125 -8.78 -28.26 -12.08
C PHE B 125 -7.71 -28.90 -12.94
N ALA B 126 -7.77 -30.21 -13.12
CA ALA B 126 -6.85 -30.88 -14.04
C ALA B 126 -7.13 -30.47 -15.48
N LEU B 127 -8.42 -30.37 -15.84
CA LEU B 127 -8.77 -29.88 -17.18
C LEU B 127 -8.34 -28.43 -17.35
N ALA B 128 -8.44 -27.62 -16.30
CA ALA B 128 -7.98 -26.25 -16.38
C ALA B 128 -6.49 -26.17 -16.69
N ALA B 129 -5.70 -27.12 -16.20
CA ALA B 129 -4.27 -27.11 -16.50
C ALA B 129 -4.04 -27.29 -18.01
N LEU B 130 -4.82 -28.16 -18.64
CA LEU B 130 -4.70 -28.34 -20.07
C LEU B 130 -5.29 -27.16 -20.83
N ILE B 131 -6.35 -26.54 -20.32
CA ILE B 131 -6.88 -25.32 -20.93
C ILE B 131 -5.85 -24.21 -20.85
N ASP B 132 -5.18 -24.05 -19.70
CA ASP B 132 -4.13 -23.05 -19.58
C ASP B 132 -3.08 -23.20 -20.66
N ASN B 133 -2.68 -24.43 -20.96
CA ASN B 133 -1.70 -24.65 -22.01
C ASN B 133 -2.21 -24.18 -23.37
N SER B 134 -3.49 -24.46 -23.66
CA SER B 134 -4.07 -24.06 -24.94
C SER B 134 -4.22 -22.55 -25.04
N LEU B 135 -4.59 -21.89 -23.94
CA LEU B 135 -4.66 -20.43 -23.94
C LEU B 135 -3.33 -19.83 -24.34
N SER B 136 -2.22 -20.37 -23.82
CA SER B 136 -0.91 -19.86 -24.18
C SER B 136 -0.54 -20.25 -25.60
N ALA B 137 -0.91 -21.45 -26.04
CA ALA B 137 -0.60 -21.88 -27.40
C ALA B 137 -1.36 -21.06 -28.44
N THR B 138 -2.54 -20.56 -28.09
CA THR B 138 -3.37 -19.80 -29.02
C THR B 138 -3.29 -18.29 -28.79
N SER B 139 -2.30 -17.83 -28.03
CA SER B 139 -2.30 -16.44 -27.58
C SER B 139 -2.12 -15.45 -28.73
N ARG B 140 -1.40 -15.84 -29.78
CA ARG B 140 -1.16 -14.97 -30.92
C ARG B 140 -1.92 -15.42 -32.16
N ASN B 141 -2.95 -16.24 -31.99
CA ASN B 141 -3.79 -16.64 -33.11
C ASN B 141 -4.41 -15.40 -33.77
N ILE B 142 -4.32 -15.35 -35.09
CA ILE B 142 -5.16 -14.45 -35.88
C ILE B 142 -6.51 -15.12 -36.05
N GLY B 143 -7.55 -14.51 -35.53
CA GLY B 143 -8.87 -15.10 -35.57
C GLY B 143 -9.18 -15.93 -34.36
N VAL B 144 -10.01 -16.95 -34.52
CA VAL B 144 -10.60 -17.65 -33.38
C VAL B 144 -9.53 -18.47 -32.67
N ARG B 145 -9.65 -18.56 -31.35
CA ARG B 145 -8.86 -19.44 -30.52
C ARG B 145 -9.79 -20.56 -30.06
N ARG B 146 -9.70 -21.70 -30.73
CA ARG B 146 -10.63 -22.80 -30.51
C ARG B 146 -9.99 -23.81 -29.56
N ILE B 147 -10.60 -24.01 -28.41
CA ILE B 147 -10.12 -24.95 -27.39
C ILE B 147 -11.27 -25.92 -27.13
N GLN B 148 -11.08 -27.18 -27.49
CA GLN B 148 -12.12 -28.18 -27.41
C GLN B 148 -11.76 -29.25 -26.39
N ILE B 149 -12.72 -29.60 -25.55
CA ILE B 149 -12.59 -30.71 -24.62
C ILE B 149 -13.65 -31.73 -25.02
N LYS B 150 -13.21 -32.90 -25.49
CA LYS B 150 -14.11 -33.93 -25.98
C LYS B 150 -14.02 -35.14 -25.06
N LEU B 151 -15.16 -35.52 -24.49
CA LEU B 151 -15.26 -36.70 -23.62
C LEU B 151 -15.83 -37.83 -24.46
N LEU B 152 -14.94 -38.73 -24.90
CA LEU B 152 -15.31 -39.82 -25.80
C LEU B 152 -15.63 -41.04 -24.95
N PHE B 153 -16.82 -41.04 -24.36
CA PHE B 153 -17.29 -42.11 -23.49
C PHE B 153 -18.31 -43.01 -24.18
N ASP B 154 -18.27 -43.07 -25.50
CA ASP B 154 -19.13 -43.95 -26.29
C ASP B 154 -18.35 -45.22 -26.60
N GLU B 155 -18.72 -46.32 -25.94
CA GLU B 155 -17.88 -47.52 -25.98
C GLU B 155 -17.90 -48.22 -27.33
N THR B 156 -18.88 -47.93 -28.19
CA THR B 156 -18.85 -48.49 -29.53
C THR B 156 -17.65 -47.98 -30.32
N GLN B 157 -17.03 -46.87 -29.88
CA GLN B 157 -15.87 -46.31 -30.54
C GLN B 157 -14.58 -46.61 -29.79
N GLY B 158 -14.59 -47.62 -28.93
CA GLY B 158 -13.42 -48.01 -28.18
C GLY B 158 -13.50 -47.56 -26.73
N LYS B 159 -12.33 -47.59 -26.08
CA LYS B 159 -12.28 -47.33 -24.65
C LYS B 159 -12.46 -45.84 -24.38
N PRO B 160 -12.84 -45.49 -23.15
CA PRO B 160 -13.03 -44.07 -22.81
C PRO B 160 -11.76 -43.25 -23.02
N ALA B 161 -11.96 -42.02 -23.46
CA ALA B 161 -10.84 -41.10 -23.67
C ALA B 161 -11.30 -39.68 -23.38
N VAL B 162 -10.35 -38.86 -22.96
CA VAL B 162 -10.55 -37.43 -22.79
C VAL B 162 -9.55 -36.73 -23.71
N ALA B 163 -10.04 -35.83 -24.54
CA ALA B 163 -9.21 -35.15 -25.52
C ALA B 163 -9.31 -33.65 -25.36
N VAL B 164 -8.18 -32.97 -25.37
CA VAL B 164 -8.12 -31.51 -25.35
C VAL B 164 -7.41 -31.07 -26.63
N ILE B 165 -8.12 -30.33 -27.46
CA ILE B 165 -7.68 -30.02 -28.82
C ILE B 165 -7.78 -28.52 -29.02
N ASP B 166 -6.69 -27.91 -29.50
CA ASP B 166 -6.66 -26.49 -29.78
C ASP B 166 -6.10 -26.26 -31.18
N ASN B 167 -6.28 -25.03 -31.66
CA ASN B 167 -5.78 -24.59 -32.96
C ASN B 167 -4.63 -23.61 -32.77
N GLY B 168 -3.80 -23.84 -31.75
CA GLY B 168 -2.70 -22.96 -31.44
C GLY B 168 -1.44 -23.28 -32.24
N ARG B 169 -0.33 -22.71 -31.78
CA ARG B 169 0.92 -22.77 -32.52
C ARG B 169 1.45 -24.19 -32.70
N GLY B 170 1.04 -25.12 -31.84
CA GLY B 170 1.53 -26.49 -31.95
C GLY B 170 2.99 -26.59 -31.58
N MSE B 171 3.51 -27.82 -31.69
CA MSE B 171 4.86 -28.11 -31.25
C MSE B 171 5.71 -28.81 -32.32
O MSE B 171 5.28 -29.76 -32.95
CB MSE B 171 4.82 -28.99 -30.01
CG MSE B 171 4.46 -28.24 -28.74
SE MSE B 171 4.35 -29.46 -27.24
CE MSE B 171 2.70 -30.36 -27.72
N THR B 172 6.93 -28.31 -32.49
CA THR B 172 7.93 -29.03 -33.27
C THR B 172 8.34 -30.30 -32.55
N SER B 173 9.10 -31.15 -33.25
CA SER B 173 9.69 -32.32 -32.61
C SER B 173 10.41 -31.93 -31.33
N LYS B 174 11.15 -30.82 -31.36
CA LYS B 174 11.96 -30.42 -30.22
C LYS B 174 11.09 -29.92 -29.08
N GLN B 175 10.07 -29.13 -29.39
CA GLN B 175 9.17 -28.62 -28.35
C GLN B 175 8.34 -29.74 -27.74
N LEU B 176 7.97 -30.75 -28.54
CA LEU B 176 7.28 -31.91 -27.99
C LEU B 176 8.20 -32.72 -27.09
N ASN B 177 9.47 -32.84 -27.48
CA ASN B 177 10.47 -33.43 -26.60
C ASN B 177 10.54 -32.65 -25.29
N ASN B 178 10.58 -31.33 -25.37
CA ASN B 178 10.66 -30.51 -24.16
C ASN B 178 9.45 -30.72 -23.28
N TRP B 179 8.26 -30.83 -23.88
CA TRP B 179 7.05 -31.05 -23.09
C TRP B 179 7.17 -32.30 -22.23
N ALA B 180 7.87 -33.33 -22.72
CA ALA B 180 8.00 -34.57 -21.98
C ALA B 180 9.01 -34.49 -20.85
N VAL B 181 9.74 -33.38 -20.72
CA VAL B 181 10.73 -33.23 -19.65
C VAL B 181 10.03 -32.62 -18.44
N TYR B 182 9.93 -33.38 -17.36
CA TYR B 182 9.33 -32.88 -16.13
C TYR B 182 10.15 -31.71 -15.59
N ARG B 183 9.46 -30.64 -15.20
CA ARG B 183 10.05 -29.43 -14.63
C ARG B 183 10.84 -28.62 -15.63
N LEU B 184 10.76 -28.92 -16.92
CA LEU B 184 11.35 -28.06 -17.94
C LEU B 184 10.35 -26.95 -18.24
N SER B 185 10.69 -25.72 -17.86
CA SER B 185 9.77 -24.61 -17.91
C SER B 185 10.18 -23.62 -19.00
N LYS B 186 9.41 -22.53 -19.10
CA LYS B 186 9.76 -21.45 -20.01
C LYS B 186 11.01 -20.70 -19.58
N PHE B 187 11.44 -20.87 -18.32
CA PHE B 187 12.62 -20.20 -17.81
C PHE B 187 13.90 -21.00 -18.04
N THR B 188 13.80 -22.30 -18.32
CA THR B 188 14.95 -23.17 -18.48
C THR B 188 14.98 -23.83 -19.85
N ARG B 189 14.22 -23.29 -20.80
CA ARG B 189 14.04 -23.93 -22.10
C ARG B 189 15.31 -23.86 -22.94
N ARG B 202 8.67 -11.80 -21.63
CA ARG B 202 7.60 -11.50 -20.69
C ARG B 202 6.62 -10.49 -21.27
N PRO B 203 5.37 -10.92 -21.54
CA PRO B 203 4.39 -9.99 -22.11
C PRO B 203 4.26 -8.68 -21.37
N VAL B 204 3.60 -7.71 -22.00
CA VAL B 204 3.42 -6.39 -21.44
C VAL B 204 2.19 -6.41 -20.52
N PRO B 205 2.15 -5.59 -19.47
CA PRO B 205 0.98 -5.59 -18.58
C PRO B 205 -0.30 -5.23 -19.34
N VAL B 206 -1.35 -5.99 -19.06
CA VAL B 206 -2.69 -5.70 -19.57
C VAL B 206 -3.67 -5.76 -18.40
N PRO B 207 -4.87 -5.20 -18.57
CA PRO B 207 -5.83 -5.18 -17.46
C PRO B 207 -6.19 -6.58 -16.98
N ARG B 208 -6.29 -6.73 -15.67
CA ARG B 208 -6.55 -8.00 -14.99
C ARG B 208 -5.53 -9.08 -15.34
N SER B 209 -4.41 -8.71 -15.97
CA SER B 209 -3.35 -9.65 -16.32
C SER B 209 -3.89 -10.80 -17.17
N LEU B 210 -4.86 -10.48 -18.03
CA LEU B 210 -5.40 -11.45 -19.00
C LEU B 210 -4.42 -11.57 -20.16
N ASN B 211 -3.26 -12.14 -19.85
CA ASN B 211 -2.12 -12.19 -20.76
C ASN B 211 -1.89 -13.56 -21.38
N SER B 212 -2.65 -14.57 -20.97
CA SER B 212 -2.51 -15.93 -21.50
C SER B 212 -1.13 -16.53 -21.19
N ASP B 213 -0.31 -15.81 -20.42
CA ASP B 213 1.01 -16.29 -20.03
C ASP B 213 0.93 -16.94 -18.67
N ILE B 214 0.32 -18.13 -18.65
CA ILE B 214 -0.07 -18.79 -17.42
C ILE B 214 0.93 -19.85 -16.96
N SER B 215 1.84 -20.30 -17.82
CA SER B 215 2.79 -21.33 -17.44
C SER B 215 3.84 -20.78 -16.48
N TYR B 216 4.46 -21.69 -15.72
CA TYR B 216 5.54 -21.30 -14.82
C TYR B 216 6.48 -22.45 -14.46
N PHE B 217 5.94 -23.64 -14.21
CA PHE B 217 6.69 -24.68 -13.52
C PHE B 217 7.18 -25.81 -14.42
N GLY B 218 6.56 -26.04 -15.56
CA GLY B 218 6.97 -27.14 -16.42
C GLY B 218 6.44 -28.51 -16.03
N VAL B 219 5.36 -28.57 -15.24
CA VAL B 219 4.80 -29.84 -14.80
C VAL B 219 3.30 -29.95 -15.00
N GLY B 220 2.56 -28.84 -15.13
CA GLY B 220 1.12 -28.90 -14.96
C GLY B 220 0.43 -29.86 -15.91
N GLY B 221 0.81 -29.81 -17.19
CA GLY B 221 0.17 -30.68 -18.16
C GLY B 221 0.37 -32.14 -17.89
N LYS B 222 1.54 -32.51 -17.33
CA LYS B 222 1.82 -33.92 -17.06
C LYS B 222 1.05 -34.39 -15.83
N GLN B 223 0.92 -33.54 -14.81
CA GLN B 223 0.07 -33.89 -13.67
C GLN B 223 -1.35 -34.14 -14.13
N ALA B 224 -1.87 -33.29 -15.02
CA ALA B 224 -3.27 -33.38 -15.42
C ALA B 224 -3.57 -34.71 -16.11
N VAL B 225 -2.77 -35.08 -17.10
CA VAL B 225 -3.08 -36.27 -17.88
C VAL B 225 -2.93 -37.53 -17.03
N PHE B 226 -1.94 -37.56 -16.14
CA PHE B 226 -1.73 -38.74 -15.31
C PHE B 226 -2.61 -38.75 -14.07
N PHE B 227 -3.25 -37.63 -13.73
CA PHE B 227 -4.39 -37.66 -12.82
C PHE B 227 -5.62 -38.24 -13.51
N VAL B 228 -5.94 -37.74 -14.71
CA VAL B 228 -7.15 -38.16 -15.40
C VAL B 228 -7.03 -39.62 -15.83
N GLY B 229 -5.90 -40.00 -16.40
CA GLY B 229 -5.71 -41.36 -16.86
C GLY B 229 -4.29 -41.87 -16.69
N GLN B 230 -3.92 -42.86 -17.49
CA GLN B 230 -2.64 -43.53 -17.36
C GLN B 230 -1.82 -43.49 -18.64
N SER B 231 -2.29 -42.81 -19.68
CA SER B 231 -1.59 -42.73 -20.95
C SER B 231 -1.98 -41.45 -21.65
N ALA B 232 -0.99 -40.78 -22.24
CA ALA B 232 -1.20 -39.51 -22.91
C ALA B 232 -0.59 -39.59 -24.31
N ARG B 233 -1.42 -39.43 -25.32
CA ARG B 233 -0.96 -39.34 -26.71
C ARG B 233 -0.99 -37.88 -27.13
N MSE B 234 0.18 -37.29 -27.29
CA MSE B 234 0.31 -35.91 -27.75
C MSE B 234 0.43 -35.88 -29.26
O MSE B 234 1.34 -36.46 -29.82
CB MSE B 234 1.53 -35.25 -27.13
CG MSE B 234 1.55 -35.20 -25.61
SE MSE B 234 0.14 -34.07 -24.83
CE MSE B 234 0.32 -32.55 -26.04
N ILE B 235 -0.51 -35.20 -29.92
CA ILE B 235 -0.49 -35.02 -31.37
C ILE B 235 -0.41 -33.52 -31.64
N SER B 236 0.60 -33.11 -32.39
CA SER B 236 0.85 -31.69 -32.59
C SER B 236 1.45 -31.45 -33.97
N LYS B 237 1.18 -30.27 -34.51
CA LYS B 237 1.69 -29.86 -35.82
C LYS B 237 1.77 -28.34 -35.88
N PRO B 238 2.96 -27.75 -35.95
CA PRO B 238 3.04 -26.32 -36.22
C PRO B 238 2.59 -26.01 -37.64
N ALA B 239 2.26 -24.73 -37.86
CA ALA B 239 1.86 -24.30 -39.20
C ALA B 239 3.03 -24.39 -40.17
N ASP B 240 4.24 -24.11 -39.69
CA ASP B 240 5.44 -24.18 -40.50
C ASP B 240 5.99 -25.61 -40.61
N SER B 241 5.17 -26.63 -40.36
CA SER B 241 5.61 -28.02 -40.40
C SER B 241 4.69 -28.81 -41.32
N GLN B 242 5.29 -29.58 -42.22
CA GLN B 242 4.54 -30.44 -43.13
C GLN B 242 4.17 -31.79 -42.50
N ASP B 243 4.89 -32.20 -41.47
CA ASP B 243 4.63 -33.46 -40.77
C ASP B 243 3.94 -33.20 -39.44
N VAL B 244 3.20 -34.21 -38.97
CA VAL B 244 2.58 -34.20 -37.66
C VAL B 244 3.45 -35.01 -36.71
N HIS B 245 3.57 -34.56 -35.47
CA HIS B 245 4.43 -35.17 -34.46
C HIS B 245 3.57 -35.80 -33.37
N GLU B 246 3.86 -37.05 -33.03
CA GLU B 246 3.01 -37.83 -32.14
C GLU B 246 3.86 -38.56 -31.12
N LEU B 247 3.60 -38.30 -29.83
CA LEU B 247 4.37 -38.89 -28.74
C LEU B 247 3.43 -39.45 -27.68
N VAL B 248 3.69 -40.69 -27.26
CA VAL B 248 2.92 -41.34 -26.21
C VAL B 248 3.81 -41.49 -24.98
N LEU B 249 3.31 -41.02 -23.83
CA LEU B 249 3.82 -41.38 -22.52
C LEU B 249 2.75 -42.15 -21.79
N SER B 250 3.11 -43.29 -21.21
CA SER B 250 2.11 -44.13 -20.56
C SER B 250 2.74 -44.94 -19.45
N LYS B 251 1.93 -45.24 -18.44
CA LYS B 251 2.35 -46.13 -17.36
C LYS B 251 2.79 -47.49 -17.92
N GLU B 252 2.02 -48.01 -18.89
CA GLU B 252 2.31 -49.33 -19.45
C GLU B 252 3.65 -49.35 -20.17
N ASP B 253 3.99 -48.26 -20.87
CA ASP B 253 5.27 -48.22 -21.57
C ASP B 253 6.44 -48.16 -20.58
N PHE B 254 6.33 -47.33 -19.54
CA PHE B 254 7.35 -47.31 -18.51
C PHE B 254 7.52 -48.69 -17.89
N GLU B 255 6.42 -49.40 -17.65
CA GLU B 255 6.50 -50.72 -17.02
C GLU B 255 7.19 -51.72 -17.94
N LYS B 256 6.95 -51.63 -19.25
CA LYS B 256 7.60 -52.54 -20.20
C LYS B 256 9.10 -52.25 -20.25
N LYS B 257 9.47 -50.97 -20.38
CA LYS B 257 10.88 -50.62 -20.43
C LYS B 257 11.62 -51.10 -19.19
N GLU B 258 10.97 -50.98 -18.02
CA GLU B 258 11.58 -51.46 -16.79
C GLU B 258 11.74 -52.98 -16.81
N LYS B 259 10.69 -53.70 -17.20
CA LYS B 259 10.76 -55.15 -17.26
C LYS B 259 11.86 -55.61 -18.21
N ASN B 260 12.03 -54.93 -19.34
CA ASN B 260 13.06 -55.28 -20.31
C ASN B 260 14.39 -54.59 -20.04
N LYS B 261 14.48 -53.82 -18.96
CA LYS B 261 15.74 -53.18 -18.58
C LYS B 261 16.20 -52.19 -19.64
N GLU B 262 15.25 -51.46 -20.22
CA GLU B 262 15.54 -50.44 -21.22
C GLU B 262 15.56 -49.07 -20.56
N ALA B 263 16.14 -48.10 -21.26
CA ALA B 263 16.25 -46.75 -20.73
C ALA B 263 14.86 -46.17 -20.46
N ILE B 264 14.64 -45.72 -19.22
CA ILE B 264 13.30 -45.36 -18.78
C ILE B 264 12.80 -44.11 -19.51
N TYR B 265 13.67 -43.12 -19.71
CA TYR B 265 13.28 -41.86 -20.33
C TYR B 265 13.74 -41.76 -21.78
N SER B 266 13.72 -42.89 -22.49
CA SER B 266 13.95 -42.91 -23.93
C SER B 266 12.71 -43.44 -24.63
N GLY B 267 12.35 -42.80 -25.72
CA GLY B 267 11.24 -43.25 -26.55
C GLY B 267 11.42 -42.70 -27.94
N TYR B 268 10.31 -42.52 -28.65
CA TYR B 268 10.38 -41.93 -29.99
C TYR B 268 9.15 -41.08 -30.26
N ILE B 269 9.36 -40.03 -31.04
CA ILE B 269 8.30 -39.24 -31.64
C ILE B 269 7.98 -39.86 -32.99
N ARG B 270 6.71 -40.15 -33.23
CA ARG B 270 6.27 -40.56 -34.56
C ARG B 270 6.00 -39.32 -35.39
N ASN B 271 6.60 -39.27 -36.57
CA ASN B 271 6.35 -38.21 -37.54
C ASN B 271 5.62 -38.81 -38.73
N ARG B 272 4.55 -38.16 -39.16
CA ARG B 272 3.67 -38.71 -40.18
C ARG B 272 2.98 -37.57 -40.90
N LYS B 273 2.40 -37.90 -42.05
CA LYS B 273 1.63 -36.89 -42.75
C LYS B 273 0.28 -36.69 -42.07
N PRO B 274 -0.30 -35.50 -42.18
CA PRO B 274 -1.65 -35.27 -41.61
C PRO B 274 -2.65 -36.33 -42.07
N SER B 275 -3.53 -36.72 -41.15
CA SER B 275 -4.69 -37.57 -41.41
C SER B 275 -4.33 -39.03 -41.63
N ASP B 276 -3.08 -39.43 -41.39
CA ASP B 276 -2.67 -40.83 -41.48
C ASP B 276 -2.87 -41.49 -40.12
N SER B 277 -3.79 -42.45 -40.06
CA SER B 277 -4.09 -43.18 -38.83
C SER B 277 -3.79 -44.66 -38.97
N VAL B 278 -2.89 -45.04 -39.86
CA VAL B 278 -2.64 -46.45 -40.13
C VAL B 278 -2.00 -47.13 -38.92
N HIS B 279 -1.29 -46.37 -38.08
CA HIS B 279 -0.66 -46.94 -36.90
C HIS B 279 -1.65 -47.31 -35.81
N ILE B 280 -2.92 -46.89 -35.92
CA ILE B 280 -3.93 -47.22 -34.94
C ILE B 280 -4.60 -48.52 -35.38
N THR B 281 -4.34 -49.61 -34.63
CA THR B 281 -4.75 -50.94 -35.06
C THR B 281 -5.67 -51.67 -34.08
N ASN B 282 -5.74 -51.26 -32.82
CA ASN B 282 -6.62 -51.93 -31.86
C ASN B 282 -7.99 -51.28 -31.88
N ASP B 283 -9.03 -52.12 -31.75
CA ASP B 283 -10.40 -51.62 -31.79
C ASP B 283 -10.70 -50.68 -30.63
N ASP B 284 -10.03 -50.85 -29.49
CA ASP B 284 -10.34 -50.00 -28.35
C ASP B 284 -9.89 -48.56 -28.54
N GLU B 285 -9.15 -48.26 -29.61
CA GLU B 285 -8.80 -46.89 -29.97
C GLU B 285 -9.46 -46.48 -31.30
N ARG B 286 -10.53 -47.17 -31.69
CA ARG B 286 -11.29 -46.85 -32.89
C ARG B 286 -11.48 -45.35 -33.07
N PHE B 287 -11.80 -44.66 -31.97
CA PHE B 287 -12.13 -43.24 -32.04
C PHE B 287 -11.04 -42.39 -32.66
N LEU B 288 -9.78 -42.84 -32.62
CA LEU B 288 -8.69 -41.98 -33.10
C LEU B 288 -8.73 -41.79 -34.61
N HIS B 289 -9.29 -42.74 -35.35
CA HIS B 289 -9.42 -42.57 -36.79
C HIS B 289 -10.25 -41.34 -37.12
N HIS B 290 -11.42 -41.22 -36.50
CA HIS B 290 -12.27 -40.05 -36.72
C HIS B 290 -11.60 -38.77 -36.22
N LEU B 291 -10.70 -38.90 -35.25
CA LEU B 291 -10.02 -37.72 -34.72
C LEU B 291 -8.86 -37.28 -35.62
N ILE B 292 -8.06 -38.25 -36.10
CA ILE B 292 -6.92 -37.92 -36.94
C ILE B 292 -7.37 -37.47 -38.33
N ILE B 293 -8.52 -37.96 -38.81
CA ILE B 293 -9.01 -37.57 -40.13
C ILE B 293 -9.21 -36.06 -40.20
N GLU B 294 -9.50 -35.42 -39.07
CA GLU B 294 -9.77 -33.99 -39.04
C GLU B 294 -8.52 -33.14 -39.15
N GLU B 295 -7.33 -33.75 -39.19
CA GLU B 295 -6.11 -32.96 -39.31
C GLU B 295 -6.01 -32.28 -40.67
N LYS B 296 -6.64 -32.87 -41.69
CA LYS B 296 -6.70 -32.24 -43.01
C LYS B 296 -7.10 -30.77 -42.92
N GLU B 297 -8.00 -30.45 -41.99
CA GLU B 297 -8.64 -29.14 -41.97
C GLU B 297 -7.83 -28.07 -41.25
N LYS B 298 -6.72 -28.44 -40.60
CA LYS B 298 -6.04 -27.55 -39.68
C LYS B 298 -4.61 -27.32 -40.12
N ASP B 299 -4.21 -26.04 -40.16
CA ASP B 299 -2.82 -25.72 -40.41
C ASP B 299 -1.96 -26.00 -39.18
N SER B 300 -2.46 -25.66 -37.99
CA SER B 300 -1.73 -25.87 -36.75
C SER B 300 -2.68 -26.37 -35.69
N PHE B 301 -2.20 -27.25 -34.81
CA PHE B 301 -3.06 -27.80 -33.77
C PHE B 301 -2.21 -28.57 -32.77
N THR B 302 -2.79 -28.79 -31.59
CA THR B 302 -2.29 -29.77 -30.63
C THR B 302 -3.47 -30.53 -30.07
N ALA B 303 -3.33 -31.85 -29.97
CA ALA B 303 -4.37 -32.72 -29.40
C ALA B 303 -3.76 -33.56 -28.29
N VAL B 304 -4.30 -33.40 -27.09
CA VAL B 304 -3.95 -34.24 -25.94
C VAL B 304 -5.03 -35.30 -25.80
N VAL B 305 -4.64 -36.58 -25.89
CA VAL B 305 -5.59 -37.68 -25.83
C VAL B 305 -5.23 -38.53 -24.62
N ILE B 306 -6.09 -38.52 -23.61
CA ILE B 306 -5.89 -39.27 -22.38
C ILE B 306 -6.70 -40.55 -22.43
N THR B 307 -6.05 -41.68 -22.16
CA THR B 307 -6.71 -42.96 -22.04
C THR B 307 -6.31 -43.60 -20.72
N GLY B 308 -6.92 -44.74 -20.42
CA GLY B 308 -6.80 -45.29 -19.07
C GLY B 308 -7.48 -44.40 -18.05
N VAL B 309 -8.60 -43.79 -18.42
CA VAL B 309 -9.30 -42.87 -17.54
C VAL B 309 -9.87 -43.64 -16.36
N GLN B 310 -9.68 -43.10 -15.15
CA GLN B 310 -10.18 -43.77 -13.96
C GLN B 310 -11.70 -43.84 -14.00
N PRO B 311 -12.31 -44.94 -13.56
CA PRO B 311 -13.78 -45.04 -13.62
C PRO B 311 -14.48 -43.95 -12.84
N GLU B 312 -13.89 -43.46 -11.74
CA GLU B 312 -14.56 -42.48 -10.91
C GLU B 312 -14.61 -41.11 -11.59
N HIS B 313 -13.63 -40.80 -12.44
CA HIS B 313 -13.68 -39.57 -13.21
C HIS B 313 -14.77 -39.64 -14.26
N ILE B 314 -14.92 -40.80 -14.90
CA ILE B 314 -15.96 -40.98 -15.91
C ILE B 314 -17.33 -40.79 -15.27
N GLN B 315 -17.57 -41.42 -14.12
CA GLN B 315 -18.86 -41.33 -13.47
C GLN B 315 -19.20 -39.90 -13.08
N TYR B 316 -18.24 -39.19 -12.47
CA TYR B 316 -18.48 -37.80 -12.10
C TYR B 316 -18.79 -36.95 -13.32
N LEU B 317 -17.96 -37.07 -14.37
CA LEU B 317 -18.13 -36.23 -15.55
C LEU B 317 -19.46 -36.51 -16.23
N LYS B 318 -19.91 -37.76 -16.23
CA LYS B 318 -21.19 -38.10 -16.85
C LYS B 318 -22.36 -37.52 -16.05
N ASN B 319 -22.32 -37.67 -14.73
CA ASN B 319 -23.50 -37.41 -13.90
C ASN B 319 -23.59 -35.98 -13.38
N TYR B 320 -22.56 -35.17 -13.57
CA TYR B 320 -22.55 -33.79 -13.07
C TYR B 320 -22.05 -32.84 -14.13
N PHE B 321 -22.53 -33.02 -15.37
CA PHE B 321 -22.04 -32.22 -16.49
C PHE B 321 -22.24 -30.73 -16.25
N HIS B 322 -23.44 -30.33 -15.80
CA HIS B 322 -23.69 -28.91 -15.59
C HIS B 322 -22.83 -28.33 -14.49
N LEU B 323 -22.47 -29.15 -13.49
CA LEU B 323 -21.67 -28.66 -12.38
C LEU B 323 -20.23 -28.39 -12.81
N TRP B 324 -19.58 -29.37 -13.46
CA TRP B 324 -18.15 -29.21 -13.73
C TRP B 324 -17.88 -28.31 -14.93
N THR B 325 -18.83 -28.13 -15.85
CA THR B 325 -18.62 -27.15 -16.92
C THR B 325 -18.80 -25.73 -16.40
N ARG B 326 -19.74 -25.53 -15.47
CA ARG B 326 -19.85 -24.23 -14.81
C ARG B 326 -18.59 -23.91 -14.03
N GLN B 327 -17.97 -24.91 -13.40
CA GLN B 327 -16.70 -24.70 -12.74
C GLN B 327 -15.65 -24.14 -13.70
N LEU B 328 -15.59 -24.68 -14.92
CA LEU B 328 -14.60 -24.19 -15.88
C LEU B 328 -14.93 -22.79 -16.36
N ALA B 329 -16.22 -22.49 -16.56
CA ALA B 329 -16.60 -21.13 -16.95
C ALA B 329 -16.28 -20.13 -15.85
N HIS B 330 -16.51 -20.51 -14.60
CA HIS B 330 -16.11 -19.68 -13.46
C HIS B 330 -14.62 -19.39 -13.51
N ILE B 331 -13.80 -20.44 -13.64
CA ILE B 331 -12.35 -20.26 -13.64
C ILE B 331 -11.92 -19.31 -14.74
N TYR B 332 -12.49 -19.45 -15.94
CA TYR B 332 -12.05 -18.70 -17.10
C TYR B 332 -13.01 -17.57 -17.47
N HIS B 333 -13.83 -17.13 -16.52
CA HIS B 333 -14.80 -16.06 -16.75
C HIS B 333 -14.20 -14.88 -17.53
N TYR B 334 -13.09 -14.34 -17.04
CA TYR B 334 -12.55 -13.11 -17.60
C TYR B 334 -11.74 -13.36 -18.87
N TYR B 335 -11.33 -14.60 -19.13
CA TYR B 335 -10.81 -14.94 -20.45
C TYR B 335 -11.94 -15.12 -21.44
N ILE B 336 -13.10 -15.58 -20.97
CA ILE B 336 -14.26 -15.76 -21.85
C ILE B 336 -14.88 -14.42 -22.19
N HIS B 337 -15.11 -13.58 -21.18
CA HIS B 337 -15.93 -12.38 -21.32
C HIS B 337 -15.15 -11.09 -21.27
N GLY B 338 -13.85 -11.13 -21.03
CA GLY B 338 -13.04 -9.93 -21.02
C GLY B 338 -12.92 -9.31 -19.63
N PRO B 339 -12.16 -8.23 -19.53
CA PRO B 339 -11.83 -7.68 -18.20
C PRO B 339 -13.01 -7.09 -17.44
N LYS B 340 -14.15 -6.84 -18.09
CA LYS B 340 -15.31 -6.32 -17.39
C LYS B 340 -16.28 -7.40 -16.93
N GLY B 341 -16.07 -8.64 -17.35
CA GLY B 341 -16.96 -9.72 -16.96
C GLY B 341 -18.15 -9.87 -17.88
N ASN B 342 -19.04 -10.77 -17.49
CA ASN B 342 -20.19 -11.15 -18.31
C ASN B 342 -21.37 -10.22 -18.00
N GLU B 343 -21.25 -8.99 -18.47
CA GLU B 343 -22.32 -8.02 -18.34
C GLU B 343 -23.43 -8.29 -19.35
N ASN B 354 -15.17 -11.46 -27.74
CA ASN B 354 -13.87 -12.13 -27.65
C ASN B 354 -13.81 -13.34 -28.58
N ASN B 355 -12.59 -13.71 -28.99
CA ASN B 355 -12.38 -14.77 -29.98
C ASN B 355 -11.95 -16.08 -29.33
N ILE B 356 -12.20 -16.26 -28.04
CA ILE B 356 -11.88 -17.49 -27.33
C ILE B 356 -13.13 -18.37 -27.30
N ASP B 357 -13.03 -19.57 -27.85
CA ASP B 357 -14.14 -20.52 -27.90
C ASP B 357 -13.70 -21.79 -27.17
N ILE B 358 -14.10 -21.90 -25.92
CA ILE B 358 -13.85 -23.11 -25.13
C ILE B 358 -15.11 -23.96 -25.22
N GLU B 359 -15.04 -25.06 -25.97
CA GLU B 359 -16.19 -25.89 -26.28
C GLU B 359 -16.03 -27.25 -25.63
N ILE B 360 -17.07 -27.71 -24.96
CA ILE B 360 -17.06 -29.00 -24.27
C ILE B 360 -18.12 -29.89 -24.91
N SER B 361 -17.73 -31.12 -25.23
CA SER B 361 -18.65 -32.08 -25.83
C SER B 361 -18.46 -33.44 -25.17
N MSE B 362 -19.57 -34.11 -24.86
CA MSE B 362 -19.53 -35.43 -24.26
C MSE B 362 -20.39 -36.40 -25.05
O MSE B 362 -21.52 -36.09 -25.41
CB MSE B 362 -19.99 -35.36 -22.80
CG MSE B 362 -19.83 -36.68 -22.05
SE MSE B 362 -19.96 -36.48 -20.11
CE MSE B 362 -21.82 -35.88 -20.00
N PHE B 363 -19.85 -37.60 -25.29
CA PHE B 363 -20.46 -38.58 -26.18
C PHE B 363 -20.70 -39.87 -25.42
N GLU B 364 -21.95 -40.34 -25.39
CA GLU B 364 -22.32 -41.55 -24.70
C GLU B 364 -23.14 -42.44 -25.64
N LYS B 365 -23.03 -43.74 -25.43
CA LYS B 365 -23.75 -44.70 -26.28
C LYS B 365 -25.24 -44.49 -26.17
N GLY B 366 -25.91 -44.38 -27.32
CA GLY B 366 -27.35 -44.23 -27.34
C GLY B 366 -27.86 -42.96 -26.72
N LYS B 367 -27.04 -41.90 -26.73
CA LYS B 367 -27.46 -40.60 -26.23
C LYS B 367 -27.04 -39.53 -27.22
N VAL B 368 -27.74 -38.39 -27.14
CA VAL B 368 -27.44 -37.23 -27.97
C VAL B 368 -26.18 -36.57 -27.41
N PRO B 369 -25.24 -36.12 -28.24
CA PRO B 369 -24.07 -35.42 -27.71
C PRO B 369 -24.47 -34.24 -26.83
N LYS B 370 -23.85 -34.15 -25.66
CA LYS B 370 -23.98 -32.97 -24.81
C LYS B 370 -22.86 -32.00 -25.17
N ILE B 371 -23.23 -30.76 -25.47
CA ILE B 371 -22.30 -29.79 -26.02
C ILE B 371 -22.62 -28.43 -25.43
N VAL B 372 -21.59 -27.72 -24.96
CA VAL B 372 -21.76 -26.39 -24.41
C VAL B 372 -20.50 -25.58 -24.66
N ASN B 373 -20.68 -24.35 -25.09
CA ASN B 373 -19.62 -23.35 -25.09
C ASN B 373 -19.67 -22.61 -23.74
N LEU B 374 -18.51 -22.52 -23.07
CA LEU B 374 -18.48 -21.95 -21.73
C LEU B 374 -19.05 -20.54 -21.69
N ARG B 375 -19.03 -19.83 -22.83
CA ARG B 375 -19.62 -18.50 -22.90
C ARG B 375 -21.13 -18.55 -22.74
N GLU B 376 -21.77 -19.68 -22.99
CA GLU B 376 -23.21 -19.80 -22.85
C GLU B 376 -23.64 -19.91 -21.39
N ILE B 377 -22.74 -20.28 -20.50
CA ILE B 377 -23.11 -20.52 -19.11
C ILE B 377 -23.32 -19.18 -18.41
N GLN B 378 -24.42 -19.09 -17.65
CA GLN B 378 -24.88 -17.84 -17.08
C GLN B 378 -24.98 -17.84 -15.57
N ASP B 379 -24.85 -19.00 -14.92
CA ASP B 379 -25.01 -19.12 -13.47
C ASP B 379 -23.70 -19.50 -12.78
N ASP B 380 -22.56 -19.29 -13.44
CA ASP B 380 -21.29 -19.33 -12.74
C ASP B 380 -21.20 -18.14 -11.79
N MSE B 381 -20.45 -18.30 -10.72
CA MSE B 381 -20.45 -17.33 -9.65
C MSE B 381 -20.12 -15.91 -10.12
O MSE B 381 -20.76 -14.95 -9.70
CB MSE B 381 -19.46 -17.74 -8.56
CG MSE B 381 -19.92 -18.96 -7.75
SE MSE B 381 -21.72 -18.73 -7.00
CE MSE B 381 -21.47 -16.96 -6.23
N GLN B 382 -19.13 -15.76 -11.01
CA GLN B 382 -18.73 -14.43 -11.43
C GLN B 382 -19.83 -13.75 -12.25
N THR B 383 -20.51 -14.49 -13.11
CA THR B 383 -21.64 -13.93 -13.83
C THR B 383 -22.71 -13.44 -12.86
N LEU B 384 -23.02 -14.25 -11.84
CA LEU B 384 -24.03 -13.85 -10.86
C LEU B 384 -23.61 -12.60 -10.10
N TYR B 385 -22.32 -12.50 -9.74
CA TYR B 385 -21.85 -11.29 -9.07
C TYR B 385 -21.94 -10.09 -10.00
N VAL B 386 -21.47 -10.25 -11.23
CA VAL B 386 -21.43 -9.12 -12.17
C VAL B 386 -22.83 -8.58 -12.41
N ASN B 387 -23.81 -9.46 -12.60
CA ASN B 387 -25.12 -9.04 -13.07
C ASN B 387 -26.06 -8.62 -11.96
N THR B 388 -25.91 -9.15 -10.75
CA THR B 388 -26.69 -8.67 -9.62
C THR B 388 -26.05 -7.49 -8.91
N ALA B 389 -24.94 -6.98 -9.43
CA ALA B 389 -24.29 -5.83 -8.84
C ALA B 389 -24.97 -4.54 -9.31
N ALA B 390 -25.13 -3.60 -8.37
CA ALA B 390 -25.68 -2.28 -8.68
C ALA B 390 -24.59 -1.24 -8.91
N ASP B 391 -23.40 -1.44 -8.36
CA ASP B 391 -22.31 -0.48 -8.48
C ASP B 391 -21.03 -1.20 -8.06
N SER B 392 -19.89 -0.61 -8.43
CA SER B 392 -18.61 -1.23 -8.16
C SER B 392 -17.65 -0.23 -7.52
N PHE B 393 -16.64 -0.77 -6.85
CA PHE B 393 -15.61 0.00 -6.16
C PHE B 393 -14.27 -0.62 -6.53
N GLU B 394 -13.43 0.13 -7.24
CA GLU B 394 -12.19 -0.40 -7.79
C GLU B 394 -11.00 0.18 -7.04
N PHE B 395 -9.93 -0.61 -6.97
CA PHE B 395 -8.77 -0.22 -6.19
C PHE B 395 -7.55 -1.05 -6.60
N LYS B 396 -6.39 -0.59 -6.18
CA LYS B 396 -5.13 -1.30 -6.36
C LYS B 396 -4.43 -1.42 -5.01
N ALA B 397 -3.72 -2.52 -4.82
CA ALA B 397 -2.89 -2.73 -3.63
C ALA B 397 -1.43 -2.77 -4.06
N HIS B 398 -0.62 -1.88 -3.51
CA HIS B 398 0.81 -1.80 -3.81
C HIS B 398 1.58 -2.48 -2.69
N VAL B 399 2.24 -3.59 -3.00
CA VAL B 399 3.00 -4.38 -2.04
C VAL B 399 4.48 -4.11 -2.28
N GLU B 400 5.20 -3.78 -1.20
CA GLU B 400 6.62 -3.47 -1.32
C GLU B 400 7.34 -4.63 -1.98
N GLY B 401 7.97 -4.35 -3.12
CA GLY B 401 8.64 -5.37 -3.90
C GLY B 401 8.19 -5.38 -5.37
N ASP B 402 7.46 -4.34 -5.77
CA ASP B 402 6.98 -4.11 -7.14
C ASP B 402 5.73 -4.91 -7.48
N GLY B 403 5.01 -5.44 -6.50
CA GLY B 403 3.81 -6.21 -6.76
C GLY B 403 2.58 -5.36 -6.57
N VAL B 404 1.74 -5.33 -7.60
CA VAL B 404 0.50 -4.56 -7.62
C VAL B 404 -0.66 -5.52 -7.85
N VAL B 405 -1.69 -5.41 -7.00
CA VAL B 405 -2.88 -6.24 -7.10
C VAL B 405 -4.06 -5.34 -7.48
N GLU B 406 -4.77 -5.74 -8.53
CA GLU B 406 -6.01 -5.06 -8.90
C GLU B 406 -7.17 -5.69 -8.15
N GLY B 407 -8.08 -4.84 -7.67
CA GLY B 407 -9.20 -5.29 -6.89
C GLY B 407 -10.48 -4.59 -7.30
N ILE B 408 -11.59 -5.28 -7.07
CA ILE B 408 -12.92 -4.74 -7.36
C ILE B 408 -13.88 -5.28 -6.30
N ILE B 409 -14.73 -4.39 -5.79
CA ILE B 409 -15.80 -4.76 -4.88
C ILE B 409 -17.12 -4.37 -5.52
N ARG B 410 -18.12 -5.24 -5.35
CA ARG B 410 -19.44 -5.07 -5.96
C ARG B 410 -20.50 -5.04 -4.88
N TYR B 411 -21.50 -4.18 -5.05
CA TYR B 411 -22.58 -4.03 -4.08
C TYR B 411 -23.84 -4.71 -4.59
N HIS B 412 -24.43 -5.55 -3.75
CA HIS B 412 -25.64 -6.29 -4.10
C HIS B 412 -26.78 -5.85 -3.20
N PRO B 413 -27.73 -5.05 -3.70
CA PRO B 413 -28.68 -4.38 -2.82
C PRO B 413 -29.77 -5.29 -2.27
N PHE B 414 -30.40 -4.80 -1.21
CA PHE B 414 -31.66 -5.35 -0.71
C PHE B 414 -32.80 -4.70 -1.47
N LEU B 415 -33.63 -5.52 -2.11
CA LEU B 415 -34.70 -5.03 -2.97
C LEU B 415 -36.05 -5.41 -2.35
N TYR B 416 -36.66 -4.45 -1.67
CA TYR B 416 -37.99 -4.61 -1.07
C TYR B 416 -38.02 -5.67 0.01
N ASP B 417 -37.92 -6.96 -0.37
CA ASP B 417 -38.11 -8.02 0.61
C ASP B 417 -37.09 -9.15 0.50
N ARG B 418 -35.94 -8.92 -0.12
CA ARG B 418 -34.94 -9.98 -0.21
C ARG B 418 -33.58 -9.37 -0.53
N GLU B 419 -32.54 -10.04 -0.05
CA GLU B 419 -31.18 -9.75 -0.47
C GLU B 419 -30.93 -10.34 -1.85
N THR B 420 -30.15 -9.63 -2.66
CA THR B 420 -29.79 -10.11 -3.99
C THR B 420 -28.37 -10.69 -4.05
N TYR B 421 -27.66 -10.74 -2.93
CA TYR B 421 -26.34 -11.36 -2.93
C TYR B 421 -26.48 -12.80 -3.40
N PRO B 422 -25.84 -13.20 -4.49
CA PRO B 422 -26.09 -14.53 -5.07
C PRO B 422 -25.68 -15.65 -4.13
N ASP B 423 -26.39 -16.77 -4.25
CA ASP B 423 -26.10 -17.96 -3.46
C ASP B 423 -24.94 -18.73 -4.09
N ASP B 424 -24.26 -19.52 -3.26
CA ASP B 424 -23.11 -20.31 -3.68
C ASP B 424 -23.33 -21.74 -3.22
N PRO B 425 -23.52 -22.71 -4.13
CA PRO B 425 -23.80 -24.08 -3.69
C PRO B 425 -22.75 -24.67 -2.78
N CYS B 426 -21.50 -24.19 -2.86
CA CYS B 426 -20.46 -24.67 -1.97
C CYS B 426 -20.73 -24.30 -0.51
N PHE B 427 -21.56 -23.28 -0.27
CA PHE B 427 -21.93 -22.84 1.07
C PHE B 427 -23.45 -22.91 1.19
N PRO B 428 -24.01 -24.12 1.37
CA PRO B 428 -25.48 -24.22 1.51
C PRO B 428 -25.97 -23.74 2.88
N LYS B 445 -26.45 -11.16 9.55
CA LYS B 445 -25.67 -11.37 8.34
C LYS B 445 -26.46 -12.24 7.37
N ALA B 446 -27.34 -11.60 6.59
CA ALA B 446 -28.34 -12.31 5.80
C ALA B 446 -27.99 -12.43 4.32
N ALA B 447 -27.00 -11.68 3.83
CA ALA B 447 -26.67 -11.69 2.42
C ALA B 447 -25.43 -12.57 2.16
N ARG B 448 -24.23 -12.00 2.26
CA ARG B 448 -23.04 -12.80 2.10
C ARG B 448 -22.88 -13.80 3.24
N GLY B 449 -23.36 -13.46 4.43
CA GLY B 449 -23.22 -14.36 5.56
C GLY B 449 -21.76 -14.50 5.95
N LYS B 450 -21.32 -15.74 6.14
CA LYS B 450 -19.97 -16.03 6.58
C LYS B 450 -18.97 -16.12 5.42
N ARG B 451 -19.43 -16.07 4.18
CA ARG B 451 -18.55 -16.29 3.05
C ARG B 451 -17.52 -15.17 2.94
N PRO B 452 -16.34 -15.46 2.39
CA PRO B 452 -15.36 -14.40 2.15
C PRO B 452 -15.79 -13.48 1.02
N ILE B 453 -15.25 -12.26 1.07
CA ILE B 453 -15.59 -11.25 0.07
C ILE B 453 -14.93 -11.58 -1.27
N PHE B 454 -13.64 -11.92 -1.25
CA PHE B 454 -12.79 -11.86 -2.43
C PHE B 454 -12.49 -13.25 -2.97
N GLU B 455 -12.81 -13.45 -4.24
CA GLU B 455 -12.17 -14.49 -5.03
C GLU B 455 -10.87 -13.93 -5.60
N CYS B 456 -9.94 -14.82 -5.92
CA CYS B 456 -8.58 -14.42 -6.27
C CYS B 456 -8.18 -15.01 -7.62
N PHE B 457 -7.59 -14.16 -8.47
CA PHE B 457 -7.23 -14.54 -9.83
C PHE B 457 -5.74 -14.28 -10.05
N TRP B 458 -5.11 -15.16 -10.82
CA TRP B 458 -3.67 -15.12 -11.08
C TRP B 458 -3.48 -15.24 -12.59
N ASN B 459 -2.90 -14.20 -13.19
CA ASN B 459 -2.75 -14.15 -14.65
C ASN B 459 -4.08 -14.41 -15.35
N GLY B 460 -5.16 -13.86 -14.79
CA GLY B 460 -6.44 -13.86 -15.43
C GLY B 460 -7.36 -15.01 -15.11
N ARG B 461 -6.86 -16.09 -14.54
CA ARG B 461 -7.68 -17.26 -14.22
C ARG B 461 -7.83 -17.41 -12.71
N LEU B 462 -8.96 -17.98 -12.31
CA LEU B 462 -9.26 -18.16 -10.90
C LEU B 462 -8.28 -19.14 -10.26
N ILE B 463 -7.90 -18.83 -9.02
CA ILE B 463 -7.17 -19.77 -8.16
C ILE B 463 -8.17 -20.28 -7.13
N PRO B 464 -8.63 -21.54 -7.22
CA PRO B 464 -9.90 -21.89 -6.58
C PRO B 464 -9.89 -21.91 -5.06
N TYR B 465 -8.77 -22.26 -4.42
CA TYR B 465 -8.76 -22.49 -2.98
C TYR B 465 -8.14 -21.34 -2.19
N THR B 466 -7.99 -20.16 -2.80
CA THR B 466 -7.50 -18.98 -2.09
C THR B 466 -8.60 -17.92 -2.11
N SER B 467 -9.15 -17.64 -0.94
CA SER B 467 -10.07 -16.53 -0.73
C SER B 467 -9.47 -15.57 0.28
N VAL B 468 -9.93 -14.33 0.23
CA VAL B 468 -9.62 -13.33 1.25
C VAL B 468 -10.94 -12.88 1.86
N GLU B 469 -11.08 -13.07 3.17
CA GLU B 469 -12.36 -12.80 3.83
C GLU B 469 -12.71 -11.32 3.76
N ASP B 470 -11.79 -10.47 4.18
CA ASP B 470 -11.98 -9.03 4.08
C ASP B 470 -10.63 -8.35 4.31
N PHE B 471 -10.64 -7.03 4.19
CA PHE B 471 -9.60 -6.18 4.71
C PHE B 471 -10.19 -5.32 5.83
N ASP B 472 -9.30 -4.64 6.55
CA ASP B 472 -9.72 -3.74 7.62
C ASP B 472 -10.64 -2.64 7.09
N TRP B 473 -10.22 -1.97 6.01
CA TRP B 473 -10.97 -0.83 5.51
C TRP B 473 -12.32 -1.20 4.91
N CYS B 474 -12.69 -2.48 4.86
CA CYS B 474 -13.98 -2.86 4.32
C CYS B 474 -14.65 -3.89 5.22
N THR B 475 -14.38 -3.76 6.50
CA THR B 475 -15.02 -4.57 7.49
C THR B 475 -15.81 -3.66 8.40
N PRO B 476 -16.91 -4.12 8.97
CA PRO B 476 -17.80 -3.23 9.72
C PRO B 476 -17.13 -2.74 10.98
N PRO B 477 -17.25 -1.46 11.28
CA PRO B 477 -16.63 -0.94 12.51
C PRO B 477 -17.48 -1.17 13.74
N GLY B 481 -20.21 3.60 13.09
CA GLY B 481 -21.06 3.44 11.92
C GLY B 481 -21.30 4.69 11.10
N LEU B 482 -20.52 4.88 10.03
CA LEU B 482 -20.85 5.85 9.01
C LEU B 482 -21.82 5.29 7.96
N ALA B 483 -22.03 3.98 7.97
CA ALA B 483 -22.96 3.32 7.04
C ALA B 483 -23.57 2.15 7.77
N PRO B 484 -24.81 1.78 7.46
CA PRO B 484 -25.47 0.70 8.20
C PRO B 484 -24.64 -0.57 8.23
N ILE B 485 -24.67 -1.26 9.37
CA ILE B 485 -23.83 -2.44 9.57
C ILE B 485 -24.08 -3.46 8.46
N GLU B 486 -25.34 -3.68 8.10
CA GLU B 486 -25.69 -4.78 7.21
C GLU B 486 -25.29 -4.51 5.76
N CYS B 487 -24.89 -3.29 5.43
CA CYS B 487 -24.37 -3.04 4.08
C CYS B 487 -23.02 -3.69 3.87
N TYR B 488 -22.24 -3.84 4.94
CA TYR B 488 -20.95 -4.51 4.85
C TYR B 488 -21.09 -5.98 4.50
N ASN B 489 -22.28 -6.54 4.63
CA ASN B 489 -22.54 -7.93 4.27
C ASN B 489 -23.12 -8.07 2.87
N ARG B 490 -23.12 -6.99 2.08
CA ARG B 490 -23.69 -7.00 0.74
C ARG B 490 -22.62 -6.80 -0.33
N ILE B 491 -21.35 -6.98 0.01
CA ILE B 491 -20.26 -6.70 -0.91
C ILE B 491 -19.51 -7.98 -1.21
N SER B 492 -19.36 -8.28 -2.50
CA SER B 492 -18.44 -9.29 -3.00
C SER B 492 -17.26 -8.58 -3.65
N GLY B 493 -16.28 -9.36 -4.09
CA GLY B 493 -15.11 -8.74 -4.71
C GLY B 493 -14.21 -9.78 -5.34
N ALA B 494 -13.20 -9.27 -6.05
CA ALA B 494 -12.22 -10.11 -6.71
C ALA B 494 -10.88 -9.39 -6.74
N LEU B 495 -9.81 -10.15 -6.63
CA LEU B 495 -8.45 -9.63 -6.68
C LEU B 495 -7.71 -10.29 -7.85
N PHE B 496 -6.94 -9.49 -8.58
CA PHE B 496 -6.24 -9.95 -9.76
C PHE B 496 -4.76 -9.62 -9.63
N THR B 497 -3.91 -10.62 -9.84
CA THR B 497 -2.47 -10.45 -9.79
C THR B 497 -1.85 -10.96 -11.09
N ASN B 498 -0.61 -10.55 -11.33
CA ASN B 498 0.25 -11.20 -12.30
C ASN B 498 1.16 -12.18 -11.56
N ASP B 499 2.28 -12.56 -12.16
CA ASP B 499 3.13 -13.58 -11.57
C ASP B 499 4.04 -13.04 -10.46
N LYS B 500 3.97 -11.74 -10.15
CA LYS B 500 4.72 -11.21 -9.01
C LYS B 500 4.26 -11.81 -7.70
N PHE B 501 3.09 -12.44 -7.66
CA PHE B 501 2.56 -13.11 -6.48
C PHE B 501 2.50 -14.59 -6.75
N GLN B 502 3.18 -15.38 -5.91
CA GLN B 502 3.42 -16.78 -6.20
C GLN B 502 2.21 -17.65 -5.89
N VAL B 503 2.04 -18.69 -6.71
CA VAL B 503 1.06 -19.74 -6.49
C VAL B 503 1.78 -21.07 -6.37
N SER B 504 1.09 -22.05 -5.82
CA SER B 504 1.67 -23.38 -5.66
C SER B 504 1.73 -24.09 -7.00
N THR B 505 2.50 -25.20 -7.03
CA THR B 505 2.74 -25.91 -8.28
C THR B 505 1.43 -26.31 -8.96
N ASN B 506 0.50 -26.89 -8.20
CA ASN B 506 -0.78 -27.30 -8.76
C ASN B 506 -1.71 -26.13 -9.03
N LYS B 507 -1.33 -24.91 -8.67
CA LYS B 507 -2.11 -23.71 -8.95
C LYS B 507 -3.50 -23.76 -8.31
N LEU B 508 -3.60 -24.43 -7.18
CA LEU B 508 -4.83 -24.41 -6.39
C LEU B 508 -4.86 -23.28 -5.38
N THR B 509 -3.69 -22.83 -4.91
CA THR B 509 -3.61 -21.82 -3.87
C THR B 509 -2.51 -20.82 -4.20
N PHE B 510 -2.73 -19.57 -3.77
CA PHE B 510 -1.63 -18.62 -3.66
C PHE B 510 -0.71 -19.04 -2.51
N MSE B 511 0.56 -18.70 -2.64
CA MSE B 511 1.53 -19.01 -1.60
C MSE B 511 1.34 -18.13 -0.36
O MSE B 511 1.28 -18.63 0.76
CB MSE B 511 2.95 -18.87 -2.12
CG MSE B 511 3.31 -19.86 -3.23
SE MSE B 511 3.35 -21.70 -2.61
CE MSE B 511 4.89 -21.58 -1.40
N ASP B 512 1.21 -16.81 -0.55
CA ASP B 512 1.18 -15.89 0.57
C ASP B 512 0.48 -14.59 0.19
N LEU B 513 -0.60 -14.69 -0.59
CA LEU B 513 -1.25 -13.48 -1.09
C LEU B 513 -1.83 -12.65 0.05
N GLU B 514 -2.60 -13.28 0.94
CA GLU B 514 -3.26 -12.52 2.00
C GLU B 514 -2.24 -11.91 2.96
N LEU B 515 -1.17 -12.66 3.29
CA LEU B 515 -0.18 -12.15 4.22
C LEU B 515 0.50 -10.89 3.68
N LYS B 516 0.77 -10.85 2.37
CA LYS B 516 1.40 -9.67 1.80
C LYS B 516 0.42 -8.51 1.69
N LEU B 517 -0.85 -8.80 1.41
CA LEU B 517 -1.85 -7.73 1.27
C LEU B 517 -2.09 -7.03 2.60
N LYS B 518 -2.08 -7.77 3.70
CA LYS B 518 -2.32 -7.19 5.01
C LYS B 518 -1.05 -6.68 5.68
N ASP B 519 0.11 -6.92 5.07
CA ASP B 519 1.36 -6.36 5.59
C ASP B 519 1.21 -4.86 5.77
N LYS B 520 1.79 -4.34 6.87
CA LYS B 520 1.59 -2.94 7.22
C LYS B 520 2.13 -1.98 6.17
N ASN B 521 3.09 -2.41 5.36
CA ASN B 521 3.63 -1.57 4.30
C ASN B 521 2.74 -1.50 3.07
N THR B 522 1.71 -2.34 2.98
CA THR B 522 0.89 -2.41 1.78
C THR B 522 0.01 -1.17 1.68
N LEU B 523 0.11 -0.46 0.56
CA LEU B 523 -0.64 0.76 0.31
C LEU B 523 -1.86 0.46 -0.54
N PHE B 524 -3.03 0.88 -0.07
CA PHE B 524 -4.28 0.70 -0.79
C PHE B 524 -4.71 2.02 -1.40
N THR B 525 -4.87 2.03 -2.72
CA THR B 525 -5.27 3.21 -3.47
C THR B 525 -6.54 2.90 -4.27
N ARG B 526 -7.41 3.89 -4.38
CA ARG B 526 -8.64 3.74 -5.16
C ARG B 526 -8.40 4.14 -6.60
N ILE B 527 -9.14 3.50 -7.51
CA ILE B 527 -9.11 3.81 -8.94
C ILE B 527 -10.49 4.32 -9.31
N LEU B 528 -10.60 5.62 -9.58
CA LEU B 528 -11.86 6.24 -9.95
C LEU B 528 -11.75 6.76 -11.37
N ASN B 529 -12.79 6.53 -12.18
CA ASN B 529 -12.71 6.77 -13.61
C ASN B 529 -11.51 6.01 -14.16
N GLY B 530 -10.42 6.71 -14.48
CA GLY B 530 -9.23 6.07 -14.98
C GLY B 530 -7.95 6.52 -14.30
N GLN B 531 -8.09 7.26 -13.20
CA GLN B 531 -6.94 7.82 -12.49
C GLN B 531 -6.86 7.25 -11.08
N GLU B 532 -5.64 7.19 -10.55
CA GLU B 532 -5.42 6.76 -9.17
C GLU B 532 -5.68 7.92 -8.23
N GLN B 533 -6.67 7.78 -7.36
CA GLN B 533 -6.94 8.78 -6.34
C GLN B 533 -6.23 8.41 -5.04
N ARG B 534 -5.60 9.40 -4.41
CA ARG B 534 -4.71 9.16 -3.28
C ARG B 534 -5.43 9.23 -1.93
N MSE B 535 -6.74 9.01 -1.90
CA MSE B 535 -7.49 9.14 -0.65
C MSE B 535 -7.21 8.01 0.34
O MSE B 535 -6.62 6.99 -0.02
CB MSE B 535 -8.99 9.19 -0.95
N LYS B 536 -7.62 8.22 1.59
CA LYS B 536 -7.53 7.18 2.62
C LYS B 536 -8.68 6.21 2.37
N ILE B 537 -8.33 5.02 1.87
CA ILE B 537 -9.31 4.08 1.32
C ILE B 537 -10.46 3.82 2.28
N ASP B 538 -10.19 3.87 3.60
CA ASP B 538 -11.18 3.37 4.56
C ASP B 538 -12.39 4.28 4.65
N ARG B 539 -12.18 5.60 4.72
CA ARG B 539 -13.30 6.52 4.72
C ARG B 539 -13.90 6.67 3.33
N GLU B 540 -13.06 6.56 2.29
CA GLU B 540 -13.55 6.60 0.92
C GLU B 540 -14.53 5.46 0.65
N PHE B 541 -14.28 4.29 1.25
CA PHE B 541 -15.14 3.13 1.03
C PHE B 541 -16.42 3.22 1.85
N ALA B 542 -16.33 3.69 3.09
CA ALA B 542 -17.53 3.87 3.90
C ALA B 542 -18.48 4.88 3.25
N LEU B 543 -17.95 5.93 2.64
CA LEU B 543 -18.79 6.87 1.90
C LEU B 543 -19.45 6.17 0.72
N TRP B 544 -18.63 5.52 -0.12
CA TRP B 544 -19.19 4.79 -1.26
C TRP B 544 -20.28 3.83 -0.81
N LEU B 545 -20.12 3.23 0.37
CA LEU B 545 -21.11 2.28 0.87
C LEU B 545 -22.38 2.99 1.35
N LYS B 546 -22.25 4.22 1.83
CA LYS B 546 -23.43 5.01 2.17
C LYS B 546 -24.22 5.35 0.92
N ASP B 547 -23.56 5.94 -0.08
CA ASP B 547 -24.21 6.22 -1.36
C ASP B 547 -24.94 5.00 -1.89
N CYS B 548 -24.26 3.87 -1.96
CA CYS B 548 -24.89 2.65 -2.45
C CYS B 548 -26.15 2.31 -1.65
N HIS B 549 -26.11 2.53 -0.33
CA HIS B 549 -27.28 2.26 0.49
C HIS B 549 -28.42 3.23 0.17
N GLU B 550 -28.09 4.53 0.10
CA GLU B 550 -29.10 5.56 -0.12
C GLU B 550 -29.57 5.62 -1.56
N LYS B 551 -28.99 4.84 -2.47
CA LYS B 551 -29.33 4.86 -3.88
C LYS B 551 -29.94 3.56 -4.38
N TYR B 552 -29.47 2.41 -3.91
CA TYR B 552 -29.84 1.13 -4.49
C TYR B 552 -30.70 0.25 -3.60
N ASP B 553 -30.62 0.41 -2.28
CA ASP B 553 -31.47 -0.38 -1.39
C ASP B 553 -32.89 0.18 -1.43
N LYS B 554 -33.88 -0.71 -1.55
CA LYS B 554 -35.27 -0.33 -1.77
C LYS B 554 -36.14 -1.00 -0.71
N GLN B 555 -36.99 -0.21 -0.07
CA GLN B 555 -37.95 -0.74 0.90
C GLN B 555 -39.34 -0.95 0.31
N ILE B 556 -39.71 -0.21 -0.74
CA ILE B 556 -41.01 -0.35 -1.37
C ILE B 556 -40.86 -0.94 -2.76
N HIS C 7 24.88 11.42 -14.27
CA HIS C 7 25.92 12.21 -13.61
C HIS C 7 25.34 13.01 -12.45
N ARG C 8 25.54 12.51 -11.23
CA ARG C 8 25.10 13.19 -10.03
C ARG C 8 26.28 13.85 -9.34
N THR C 9 26.02 15.01 -8.74
CA THR C 9 27.07 15.86 -8.17
C THR C 9 27.06 15.76 -6.66
N VAL C 10 28.25 15.72 -6.07
CA VAL C 10 28.42 15.71 -4.63
C VAL C 10 29.46 16.77 -4.27
N TYR C 11 29.41 17.22 -3.02
CA TYR C 11 30.26 18.29 -2.53
C TYR C 11 31.14 17.75 -1.42
N LEU C 12 32.45 17.92 -1.59
CA LEU C 12 33.45 17.28 -0.73
C LEU C 12 34.19 18.35 0.06
N PHE C 13 34.13 18.26 1.38
CA PHE C 13 34.92 19.07 2.28
C PHE C 13 36.10 18.24 2.79
N ASP C 14 37.30 18.83 2.74
CA ASP C 14 38.47 18.23 3.38
C ASP C 14 38.57 18.78 4.80
N ARG C 15 38.35 17.92 5.79
CA ARG C 15 38.39 18.32 7.20
C ARG C 15 39.32 17.42 8.00
N ARG C 16 40.40 16.95 7.37
CA ARG C 16 41.35 16.12 8.09
C ARG C 16 42.18 16.94 9.07
N GLU C 17 42.63 18.12 8.66
CA GLU C 17 43.40 19.00 9.52
C GLU C 17 42.77 20.40 9.51
N LYS C 18 42.95 21.11 10.62
CA LYS C 18 42.32 22.42 10.77
C LYS C 18 42.70 23.36 9.64
N GLU C 19 43.86 23.16 9.02
CA GLU C 19 44.33 24.03 7.96
C GLU C 19 43.84 23.61 6.58
N SER C 20 43.03 22.56 6.49
CA SER C 20 42.57 22.07 5.20
C SER C 20 41.77 23.14 4.46
N GLU C 21 41.63 22.95 3.16
CA GLU C 21 40.97 23.93 2.31
C GLU C 21 39.57 24.24 2.84
N LEU C 22 39.32 25.51 3.15
CA LEU C 22 38.03 25.92 3.70
C LEU C 22 36.90 25.56 2.75
N GLY C 23 36.99 25.99 1.49
CA GLY C 23 35.93 25.73 0.54
C GLY C 23 35.80 24.26 0.22
N ASP C 24 34.65 23.92 -0.36
CA ASP C 24 34.39 22.55 -0.79
C ASP C 24 34.71 22.41 -2.28
N ARG C 25 34.61 21.17 -2.75
CA ARG C 25 34.96 20.84 -4.14
C ARG C 25 33.79 20.05 -4.73
N PRO C 26 33.10 20.58 -5.74
CA PRO C 26 32.10 19.75 -6.42
C PRO C 26 32.77 18.58 -7.14
N LEU C 27 31.98 17.54 -7.40
CA LEU C 27 32.55 16.27 -7.83
C LEU C 27 31.48 15.53 -8.62
N GLN C 28 31.70 15.38 -9.93
CA GLN C 28 30.73 14.70 -10.77
C GLN C 28 30.94 13.19 -10.70
N VAL C 29 29.88 12.47 -10.35
CA VAL C 29 29.90 11.02 -10.21
C VAL C 29 29.00 10.43 -11.29
N GLY C 30 29.54 9.52 -12.08
CA GLY C 30 28.80 8.92 -13.17
C GLY C 30 28.01 7.70 -12.72
N GLU C 31 26.91 7.44 -13.42
CA GLU C 31 26.05 6.30 -13.10
C GLU C 31 26.87 5.02 -13.05
N ARG C 32 26.55 4.16 -12.09
CA ARG C 32 27.18 2.86 -11.92
C ARG C 32 28.58 2.95 -11.32
N SER C 33 28.90 4.04 -10.62
CA SER C 33 30.18 4.16 -9.94
C SER C 33 30.17 3.37 -8.63
N ASP C 34 31.34 3.23 -8.02
CA ASP C 34 31.48 2.48 -6.79
C ASP C 34 32.45 3.20 -5.87
N TYR C 35 32.45 2.77 -4.59
CA TYR C 35 33.27 3.43 -3.59
C TYR C 35 34.75 3.34 -3.93
N ALA C 36 35.19 2.16 -4.39
CA ALA C 36 36.60 2.00 -4.77
C ALA C 36 37.02 3.06 -5.79
N GLY C 37 36.21 3.24 -6.84
CA GLY C 37 36.52 4.27 -7.82
C GLY C 37 36.43 5.66 -7.25
N PHE C 38 35.40 5.93 -6.45
CA PHE C 38 35.26 7.24 -5.81
C PHE C 38 36.48 7.56 -4.96
N ARG C 39 36.91 6.62 -4.11
CA ARG C 39 38.04 6.87 -3.23
C ARG C 39 39.31 7.08 -4.02
N ALA C 40 39.50 6.35 -5.11
CA ALA C 40 40.67 6.55 -5.97
C ALA C 40 40.75 7.99 -6.45
N CYS C 41 39.66 8.50 -7.01
CA CYS C 41 39.66 9.88 -7.52
C CYS C 41 40.07 10.87 -6.44
N VAL C 42 39.54 10.71 -5.23
CA VAL C 42 39.89 11.61 -4.13
C VAL C 42 41.39 11.57 -3.88
N CYS C 43 41.95 10.36 -3.75
CA CYS C 43 43.37 10.22 -3.45
C CYS C 43 44.23 10.91 -4.50
N GLN C 44 43.91 10.68 -5.78
CA GLN C 44 44.71 11.25 -6.86
C GLN C 44 44.64 12.77 -6.86
N THR C 45 43.43 13.32 -6.95
CA THR C 45 43.27 14.75 -7.16
C THR C 45 43.79 15.57 -5.97
N LEU C 46 43.75 15.01 -4.77
CA LEU C 46 44.14 15.75 -3.57
C LEU C 46 45.49 15.33 -3.03
N GLY C 47 46.17 14.37 -3.66
CA GLY C 47 47.50 13.98 -3.25
C GLY C 47 47.56 13.30 -1.91
N ILE C 48 46.87 12.18 -1.78
CA ILE C 48 46.86 11.39 -0.54
C ILE C 48 47.37 10.00 -0.88
N SER C 49 48.49 9.62 -0.30
CA SER C 49 48.95 8.25 -0.39
C SER C 49 47.81 7.32 0.01
N PRO C 50 47.41 6.37 -0.86
CA PRO C 50 46.38 5.40 -0.45
C PRO C 50 46.76 4.72 0.86
N GLU C 51 48.04 4.80 1.21
CA GLU C 51 48.51 4.48 2.56
C GLU C 51 47.57 5.04 3.61
N GLU C 52 47.35 6.37 3.59
CA GLU C 52 46.43 7.02 4.52
C GLU C 52 45.14 6.22 4.66
N LYS C 53 44.74 5.97 5.91
CA LYS C 53 43.52 5.23 6.23
C LYS C 53 42.38 6.16 6.61
N PHE C 54 42.21 7.26 5.87
CA PHE C 54 41.17 8.22 6.17
C PHE C 54 39.79 7.64 5.86
N VAL C 55 38.75 8.33 6.32
CA VAL C 55 37.37 7.93 6.08
C VAL C 55 36.65 9.05 5.34
N ILE C 56 35.55 8.67 4.69
CA ILE C 56 34.62 9.59 4.06
C ILE C 56 33.27 9.39 4.72
N THR C 57 32.62 10.49 5.09
CA THR C 57 31.35 10.41 5.80
C THR C 57 30.37 11.45 5.28
N THR C 58 29.09 11.17 5.53
CA THR C 58 28.03 12.15 5.37
C THR C 58 28.16 13.21 6.46
N THR C 59 27.26 14.21 6.41
CA THR C 59 27.23 15.22 7.47
C THR C 59 26.70 14.66 8.77
N SER C 60 26.16 13.44 8.78
CA SER C 60 25.79 12.74 10.00
C SER C 60 26.94 11.94 10.59
N ARG C 61 28.12 11.98 9.98
CA ARG C 61 29.25 11.12 10.34
C ARG C 61 28.94 9.65 10.06
N LYS C 62 28.15 9.39 9.03
CA LYS C 62 27.92 8.02 8.57
C LYS C 62 28.96 7.68 7.53
N GLU C 63 29.69 6.60 7.75
CA GLU C 63 30.83 6.26 6.91
C GLU C 63 30.35 5.67 5.58
N ILE C 64 30.90 6.19 4.48
CA ILE C 64 30.64 5.61 3.17
C ILE C 64 31.36 4.28 3.06
N THR C 65 30.65 3.26 2.60
CA THR C 65 31.22 1.95 2.37
C THR C 65 30.90 1.50 0.96
N CYS C 66 31.61 0.48 0.49
CA CYS C 66 31.25 -0.18 -0.75
C CYS C 66 29.82 -0.70 -0.70
N ASP C 67 29.31 -0.97 0.51
CA ASP C 67 27.98 -1.53 0.65
C ASP C 67 26.88 -0.48 0.57
N ASN C 68 27.10 0.69 1.20
CA ASN C 68 26.09 1.74 1.26
C ASN C 68 26.30 2.83 0.21
N PHE C 69 27.30 2.70 -0.65
CA PHE C 69 27.69 3.80 -1.53
C PHE C 69 26.52 4.30 -2.37
N ASP C 70 25.78 3.37 -3.01
CA ASP C 70 24.73 3.78 -3.93
C ASP C 70 23.61 4.52 -3.20
N GLU C 71 23.19 4.01 -2.04
CA GLU C 71 22.12 4.64 -1.28
C GLU C 71 22.58 5.89 -0.53
N THR C 72 23.89 6.10 -0.37
CA THR C 72 24.40 7.18 0.46
C THR C 72 24.97 8.34 -0.34
N VAL C 73 25.62 8.08 -1.47
CA VAL C 73 26.22 9.15 -2.27
C VAL C 73 25.23 9.55 -3.36
N LYS C 74 24.11 10.14 -2.95
CA LYS C 74 23.08 10.59 -3.87
C LYS C 74 23.41 12.01 -4.36
N ASP C 75 22.71 12.41 -5.42
CA ASP C 75 22.90 13.75 -5.97
C ASP C 75 22.61 14.80 -4.90
N GLY C 76 23.50 15.79 -4.79
CA GLY C 76 23.31 16.93 -3.92
C GLY C 76 24.02 16.83 -2.57
N VAL C 77 24.34 15.61 -2.11
CA VAL C 77 24.81 15.45 -0.73
C VAL C 77 26.17 16.11 -0.56
N THR C 78 26.50 16.40 0.70
CA THR C 78 27.80 16.90 1.10
C THR C 78 28.54 15.80 1.84
N LEU C 79 29.85 15.69 1.58
CA LEU C 79 30.68 14.64 2.16
C LEU C 79 31.89 15.25 2.84
N TYR C 80 32.36 14.55 3.88
CA TYR C 80 33.51 14.96 4.66
C TYR C 80 34.68 14.02 4.41
N LEU C 81 35.89 14.60 4.35
CA LEU C 81 37.12 13.85 4.39
C LEU C 81 37.72 14.00 5.78
N LEU C 82 37.80 12.89 6.51
CA LEU C 82 38.23 12.92 7.91
C LEU C 82 39.28 11.83 8.17
N GLN C 83 40.08 12.07 9.21
CA GLN C 83 41.02 11.04 9.66
C GLN C 83 40.30 9.86 10.28
N SER C 84 39.19 10.10 10.97
CA SER C 84 38.38 9.04 11.54
C SER C 84 36.92 9.49 11.55
N VAL C 85 36.02 8.52 11.72
CA VAL C 85 34.59 8.79 11.60
C VAL C 85 34.16 9.91 12.55
N ASN C 86 34.67 9.89 13.78
CA ASN C 86 34.20 10.81 14.83
C ASN C 86 35.26 11.83 15.21
N GLN C 87 36.14 12.18 14.27
CA GLN C 87 37.08 13.27 14.48
C GLN C 87 36.33 14.54 14.91
N LEU C 88 37.01 15.42 15.63
CA LEU C 88 36.40 16.69 16.02
C LEU C 88 36.51 17.68 14.87
N LEU C 89 35.42 18.41 14.62
CA LEU C 89 35.32 19.28 13.45
C LEU C 89 36.08 20.57 13.72
N LEU C 90 37.30 20.67 13.19
CA LEU C 90 38.15 21.82 13.47
C LEU C 90 37.64 23.07 12.76
N THR C 91 37.01 22.92 11.60
CA THR C 91 36.51 24.04 10.83
C THR C 91 35.07 23.75 10.40
N ALA C 92 34.23 24.76 10.48
CA ALA C 92 32.82 24.59 10.13
C ALA C 92 32.66 24.41 8.63
N THR C 93 31.65 23.63 8.26
CA THR C 93 31.31 23.38 6.87
C THR C 93 30.02 24.08 6.50
N LYS C 94 29.80 24.19 5.19
CA LYS C 94 28.59 24.83 4.63
C LYS C 94 27.96 23.83 3.68
N GLU C 95 26.86 23.23 4.12
CA GLU C 95 26.21 22.12 3.42
C GLU C 95 25.04 22.66 2.60
N ARG C 96 25.20 22.63 1.28
CA ARG C 96 24.19 23.19 0.38
C ARG C 96 22.85 22.48 0.54
N ILE C 97 21.77 23.26 0.51
CA ILE C 97 20.41 22.71 0.54
C ILE C 97 19.53 23.50 -0.40
N ASP C 98 18.48 22.84 -0.89
CA ASP C 98 17.34 23.49 -1.51
C ASP C 98 16.12 23.26 -0.63
N PHE C 99 15.30 24.31 -0.48
CA PHE C 99 14.08 24.22 0.32
C PHE C 99 12.93 24.90 -0.42
N LEU C 100 12.74 24.51 -1.67
CA LEU C 100 11.59 24.97 -2.42
C LEU C 100 10.31 24.65 -1.66
N PRO C 101 9.35 25.58 -1.57
CA PRO C 101 8.07 25.23 -0.97
C PRO C 101 7.47 24.01 -1.64
N HIS C 102 6.89 23.12 -0.84
CA HIS C 102 6.17 21.97 -1.36
C HIS C 102 4.95 22.45 -2.13
N TYR C 103 4.59 21.71 -3.19
CA TYR C 103 3.49 22.15 -4.04
C TYR C 103 2.17 22.22 -3.29
N ASP C 104 2.05 21.54 -2.15
CA ASP C 104 0.89 21.72 -1.30
C ASP C 104 0.73 23.16 -0.84
N THR C 105 1.78 23.99 -0.99
CA THR C 105 1.63 25.42 -0.81
C THR C 105 0.47 25.95 -1.64
N LEU C 106 0.23 25.37 -2.81
CA LEU C 106 -0.92 25.70 -3.64
C LEU C 106 -2.08 24.73 -3.43
N VAL C 107 -1.81 23.42 -3.51
CA VAL C 107 -2.89 22.44 -3.58
C VAL C 107 -3.70 22.44 -2.28
N LYS C 108 -3.03 22.59 -1.14
CA LYS C 108 -3.71 22.62 0.15
C LYS C 108 -3.85 24.04 0.71
N SER C 109 -3.75 25.05 -0.16
CA SER C 109 -3.74 26.43 0.32
C SER C 109 -5.08 26.88 0.88
N GLY C 110 -6.18 26.17 0.58
CA GLY C 110 -7.49 26.57 1.04
C GLY C 110 -8.24 25.50 1.80
N MSE C 111 -7.57 24.37 2.03
CA MSE C 111 -8.18 23.20 2.63
C MSE C 111 -8.52 23.37 4.11
O MSE C 111 -9.45 22.73 4.62
CB MSE C 111 -7.26 22.00 2.45
CG MSE C 111 -7.83 20.69 2.95
SE MSE C 111 -6.60 19.23 2.53
CE MSE C 111 -6.81 19.23 0.58
N TYR C 112 -7.78 24.24 4.81
CA TYR C 112 -7.95 24.43 6.25
C TYR C 112 -8.05 25.90 6.61
N GLU C 113 -8.66 26.70 5.74
CA GLU C 113 -8.76 28.14 5.94
C GLU C 113 -10.19 28.63 6.11
N TYR C 114 -11.18 27.90 5.60
CA TYR C 114 -12.57 28.35 5.62
C TYR C 114 -13.31 27.56 6.70
N TYR C 115 -13.24 28.06 7.92
CA TYR C 115 -13.88 27.43 9.07
C TYR C 115 -15.31 27.95 9.23
N ALA C 116 -16.12 27.16 9.93
CA ALA C 116 -17.51 27.52 10.19
C ALA C 116 -17.62 28.34 11.47
N SER C 117 -18.40 29.41 11.42
CA SER C 117 -18.61 30.24 12.59
C SER C 117 -19.95 30.95 12.46
N GLU C 118 -20.55 31.26 13.61
CA GLU C 118 -21.81 32.01 13.68
C GLU C 118 -22.87 31.41 12.77
N GLY C 119 -22.97 30.08 12.77
CA GLY C 119 -24.01 29.38 12.06
C GLY C 119 -23.96 29.50 10.55
N GLN C 120 -22.85 29.96 9.98
CA GLN C 120 -22.66 30.14 8.54
C GLN C 120 -21.82 29.02 7.95
N ASN C 121 -22.24 28.51 6.80
CA ASN C 121 -21.40 27.62 6.02
C ASN C 121 -20.45 28.47 5.16
N PRO C 122 -19.15 28.24 5.22
CA PRO C 122 -18.19 29.16 4.59
C PRO C 122 -17.89 28.90 3.12
N LEU C 123 -18.49 27.91 2.48
CA LEU C 123 -18.23 27.67 1.06
C LEU C 123 -18.40 28.91 0.21
N PRO C 124 -19.45 29.72 0.36
CA PRO C 124 -19.57 30.93 -0.47
C PRO C 124 -18.42 31.91 -0.28
N PHE C 125 -17.69 31.84 0.82
CA PHE C 125 -16.56 32.74 1.02
C PHE C 125 -15.44 32.43 0.06
N ALA C 126 -15.32 31.18 -0.39
CA ALA C 126 -14.38 30.84 -1.44
C ALA C 126 -14.81 31.43 -2.77
N LEU C 127 -16.10 31.32 -3.09
CA LEU C 127 -16.61 31.95 -4.31
C LEU C 127 -16.43 33.46 -4.26
N ALA C 128 -16.60 34.06 -3.08
CA ALA C 128 -16.42 35.50 -2.95
C ALA C 128 -15.02 35.92 -3.35
N ALA C 129 -14.00 35.12 -2.99
CA ALA C 129 -12.63 35.42 -3.40
C ALA C 129 -12.53 35.57 -4.91
N LEU C 130 -13.23 34.71 -5.66
CA LEU C 130 -13.21 34.82 -7.11
C LEU C 130 -14.04 36.00 -7.59
N ILE C 131 -15.17 36.27 -6.95
CA ILE C 131 -15.94 37.46 -7.27
C ILE C 131 -15.07 38.70 -7.06
N ASP C 132 -14.35 38.77 -5.94
CA ASP C 132 -13.47 39.91 -5.68
C ASP C 132 -12.53 40.15 -6.85
N ASN C 133 -11.90 39.09 -7.35
CA ASN C 133 -11.02 39.24 -8.50
C ASN C 133 -11.76 39.80 -9.71
N SER C 134 -12.94 39.26 -10.00
CA SER C 134 -13.68 39.73 -11.16
C SER C 134 -14.17 41.17 -10.98
N LEU C 135 -14.45 41.58 -9.74
CA LEU C 135 -14.82 42.98 -9.50
C LEU C 135 -13.69 43.91 -9.88
N SER C 136 -12.45 43.58 -9.47
CA SER C 136 -11.30 44.38 -9.86
C SER C 136 -11.13 44.38 -11.37
N ALA C 137 -11.24 43.20 -12.01
CA ALA C 137 -10.99 43.10 -13.44
C ALA C 137 -12.01 43.86 -14.25
N THR C 138 -13.25 43.96 -13.77
CA THR C 138 -14.31 44.66 -14.49
C THR C 138 -14.44 46.13 -14.10
N SER C 139 -13.52 46.64 -13.27
CA SER C 139 -13.75 47.94 -12.63
C SER C 139 -13.72 49.10 -13.62
N ARG C 140 -12.98 48.96 -14.72
CA ARG C 140 -12.91 50.00 -15.74
C ARG C 140 -13.68 49.64 -17.00
N ASN C 141 -14.60 48.68 -16.90
CA ASN C 141 -15.44 48.31 -18.03
C ASN C 141 -16.24 49.51 -18.54
N ILE C 142 -16.28 49.68 -19.86
CA ILE C 142 -17.36 50.42 -20.48
C ILE C 142 -18.61 49.54 -20.47
N GLY C 143 -19.69 50.06 -19.91
CA GLY C 143 -20.92 49.31 -19.86
C GLY C 143 -20.98 48.27 -18.76
N VAL C 144 -21.61 47.13 -19.06
CA VAL C 144 -21.96 46.16 -18.03
C VAL C 144 -20.71 45.46 -17.49
N ARG C 145 -20.74 45.16 -16.20
CA ARG C 145 -19.74 44.32 -15.55
C ARG C 145 -20.44 43.01 -15.19
N ARG C 146 -20.19 41.97 -15.99
CA ARG C 146 -20.90 40.71 -15.86
C ARG C 146 -19.99 39.69 -15.20
N ILE C 147 -20.44 39.16 -14.07
CA ILE C 147 -19.71 38.14 -13.32
C ILE C 147 -20.63 36.94 -13.20
N GLN C 148 -20.33 35.88 -13.94
CA GLN C 148 -21.16 34.69 -13.97
C GLN C 148 -20.52 33.59 -13.14
N ILE C 149 -21.32 32.93 -12.31
CA ILE C 149 -20.92 31.71 -11.62
C ILE C 149 -21.80 30.60 -12.15
N LYS C 150 -21.21 29.68 -12.92
CA LYS C 150 -21.93 28.57 -13.52
C LYS C 150 -21.57 27.29 -12.80
N LEU C 151 -22.56 26.64 -12.21
CA LEU C 151 -22.37 25.35 -11.55
C LEU C 151 -22.80 24.27 -12.53
N LEU C 152 -21.82 23.60 -13.13
CA LEU C 152 -22.06 22.62 -14.17
C LEU C 152 -22.17 21.22 -13.57
N PHE C 153 -23.31 20.99 -12.92
CA PHE C 153 -23.58 19.75 -12.21
C PHE C 153 -24.51 18.81 -12.99
N ASP C 154 -24.65 19.02 -14.29
CA ASP C 154 -25.45 18.15 -15.14
C ASP C 154 -24.53 17.08 -15.72
N GLU C 155 -24.66 15.84 -15.23
CA GLU C 155 -23.74 14.79 -15.62
C GLU C 155 -23.80 14.47 -17.11
N THR C 156 -24.88 14.85 -17.80
CA THR C 156 -24.98 14.61 -19.24
C THR C 156 -24.11 15.56 -20.04
N GLN C 157 -23.55 16.58 -19.40
CA GLN C 157 -22.63 17.52 -20.04
C GLN C 157 -21.18 17.30 -19.65
N GLY C 158 -20.90 16.34 -18.77
CA GLY C 158 -19.56 16.06 -18.30
C GLY C 158 -19.52 16.03 -16.79
N LYS C 159 -18.30 16.02 -16.25
CA LYS C 159 -18.13 15.92 -14.81
C LYS C 159 -18.49 17.25 -14.14
N PRO C 160 -18.68 17.23 -12.82
CA PRO C 160 -19.01 18.48 -12.12
C PRO C 160 -17.90 19.52 -12.28
N ALA C 161 -18.31 20.77 -12.47
CA ALA C 161 -17.38 21.87 -12.62
C ALA C 161 -18.01 23.14 -12.09
N VAL C 162 -17.17 24.01 -11.55
CA VAL C 162 -17.57 25.36 -11.15
C VAL C 162 -16.77 26.33 -12.01
N ALA C 163 -17.47 27.24 -12.68
CA ALA C 163 -16.83 28.21 -13.55
C ALA C 163 -17.20 29.61 -13.10
N VAL C 164 -16.21 30.49 -13.01
CA VAL C 164 -16.41 31.91 -12.73
C VAL C 164 -15.91 32.67 -13.95
N ILE C 165 -16.83 33.32 -14.66
CA ILE C 165 -16.55 33.98 -15.93
C ILE C 165 -16.92 35.44 -15.81
N ASP C 166 -16.00 36.32 -16.20
CA ASP C 166 -16.28 37.74 -16.23
C ASP C 166 -15.87 38.32 -17.57
N ASN C 167 -16.41 39.51 -17.87
CA ASN C 167 -16.10 40.25 -19.08
C ASN C 167 -15.13 41.38 -18.79
N GLY C 168 -14.17 41.15 -17.89
CA GLY C 168 -13.22 42.16 -17.50
C GLY C 168 -12.01 42.21 -18.41
N ARG C 169 -10.99 42.93 -17.94
CA ARG C 169 -9.83 43.27 -18.77
C ARG C 169 -8.94 42.08 -19.11
N GLY C 170 -9.11 40.93 -18.46
CA GLY C 170 -8.34 39.75 -18.80
C GLY C 170 -6.88 39.86 -18.38
N MSE C 171 -6.11 38.84 -18.77
CA MSE C 171 -4.69 38.77 -18.42
C MSE C 171 -3.80 38.46 -19.63
O MSE C 171 -4.09 37.55 -20.41
CB MSE C 171 -4.47 37.70 -17.35
CG MSE C 171 -4.96 38.09 -15.98
SE MSE C 171 -4.65 36.67 -14.69
CE MSE C 171 -6.17 35.54 -15.07
N THR C 172 -2.71 39.21 -19.75
CA THR C 172 -1.66 38.85 -20.70
C THR C 172 -0.97 37.56 -20.23
N SER C 173 -0.07 37.06 -21.08
CA SER C 173 0.73 35.90 -20.70
C SER C 173 1.48 36.16 -19.40
N LYS C 174 2.01 37.37 -19.24
CA LYS C 174 2.78 37.67 -18.03
C LYS C 174 1.86 37.81 -16.82
N GLN C 175 0.74 38.51 -16.98
CA GLN C 175 -0.21 38.64 -15.89
C GLN C 175 -0.72 37.28 -15.44
N LEU C 176 -0.96 36.38 -16.40
CA LEU C 176 -1.40 35.02 -16.04
C LEU C 176 -0.28 34.27 -15.35
N ASN C 177 0.96 34.43 -15.81
CA ASN C 177 2.12 33.87 -15.11
C ASN C 177 2.17 34.38 -13.67
N ASN C 178 2.00 35.69 -13.50
CA ASN C 178 2.04 36.25 -12.16
C ASN C 178 0.95 35.66 -11.27
N TRP C 179 -0.23 35.42 -11.83
CA TRP C 179 -1.33 34.86 -11.05
C TRP C 179 -0.92 33.55 -10.41
N ALA C 180 -0.13 32.74 -11.11
CA ALA C 180 0.26 31.43 -10.62
C ALA C 180 1.31 31.49 -9.51
N VAL C 181 1.93 32.65 -9.28
CA VAL C 181 2.94 32.79 -8.23
C VAL C 181 2.22 33.05 -6.91
N TYR C 182 2.32 32.09 -6.00
CA TYR C 182 1.72 32.25 -4.68
C TYR C 182 2.35 33.43 -3.94
N ARG C 183 1.50 34.19 -3.26
CA ARG C 183 1.92 35.35 -2.45
C ARG C 183 2.55 36.46 -3.29
N LEU C 184 2.31 36.48 -4.60
CA LEU C 184 2.71 37.60 -5.43
C LEU C 184 1.53 38.55 -5.54
N SER C 185 1.68 39.76 -5.02
CA SER C 185 0.57 40.68 -4.79
C SER C 185 0.74 41.93 -5.63
N LYS C 186 -0.25 42.83 -5.52
CA LYS C 186 -0.17 44.13 -6.17
C LYS C 186 0.95 44.99 -5.60
N PHE C 187 1.56 44.58 -4.48
CA PHE C 187 2.68 45.31 -3.91
C PHE C 187 4.02 44.82 -4.42
N THR C 188 4.12 43.54 -4.82
CA THR C 188 5.40 42.95 -5.16
C THR C 188 5.56 42.57 -6.63
N ARG C 189 4.48 42.45 -7.39
CA ARG C 189 4.60 42.02 -8.78
C ARG C 189 5.04 43.18 -9.67
N GLN C 190 5.88 42.88 -10.65
CA GLN C 190 6.31 43.87 -11.63
C GLN C 190 5.20 44.03 -12.66
N GLY C 191 4.69 45.27 -12.80
CA GLY C 191 3.54 45.49 -13.64
C GLY C 191 3.86 45.42 -15.13
N ASP C 192 2.82 45.13 -15.91
CA ASP C 192 2.94 45.04 -17.37
C ASP C 192 2.65 46.43 -17.94
N PHE C 193 3.66 47.29 -17.88
CA PHE C 193 3.51 48.69 -18.27
C PHE C 193 3.85 48.88 -19.74
N HIS C 197 -1.00 48.47 -22.28
CA HIS C 197 -1.64 47.30 -21.68
C HIS C 197 -2.55 47.69 -20.52
N SER C 198 -3.38 46.74 -20.08
CA SER C 198 -4.45 46.96 -19.12
C SER C 198 -4.23 46.09 -17.90
N GLY C 199 -4.19 46.70 -16.73
CA GLY C 199 -3.98 45.98 -15.50
C GLY C 199 -4.45 46.76 -14.29
N TYR C 200 -3.85 46.45 -13.14
CA TYR C 200 -4.25 47.07 -11.88
C TYR C 200 -4.04 48.58 -11.91
N VAL C 201 -4.98 49.31 -11.31
CA VAL C 201 -4.89 50.76 -11.15
C VAL C 201 -5.23 51.10 -9.70
N ARG C 202 -4.44 51.99 -9.12
CA ARG C 202 -4.71 52.42 -7.76
C ARG C 202 -6.06 53.12 -7.69
N PRO C 203 -6.86 52.88 -6.65
CA PRO C 203 -8.14 53.58 -6.52
C PRO C 203 -8.01 54.91 -5.80
N VAL C 204 -8.88 55.84 -6.18
CA VAL C 204 -9.02 57.08 -5.43
C VAL C 204 -10.09 56.88 -4.37
N PRO C 205 -10.10 57.66 -3.29
CA PRO C 205 -11.17 57.53 -2.30
C PRO C 205 -12.54 57.67 -2.96
N VAL C 206 -13.50 56.95 -2.39
CA VAL C 206 -14.85 56.86 -2.95
C VAL C 206 -15.78 56.45 -1.80
N PRO C 207 -17.01 56.94 -1.74
CA PRO C 207 -17.84 56.66 -0.55
C PRO C 207 -17.97 55.17 -0.28
N ARG C 208 -17.83 54.80 0.98
CA ARG C 208 -17.90 53.42 1.45
C ARG C 208 -16.76 52.56 0.94
N SER C 209 -15.78 53.16 0.27
CA SER C 209 -14.65 52.42 -0.31
C SER C 209 -15.13 51.34 -1.26
N LEU C 210 -16.19 51.65 -2.02
CA LEU C 210 -16.66 50.77 -3.10
C LEU C 210 -15.77 50.97 -4.32
N ASN C 211 -14.49 50.63 -4.16
CA ASN C 211 -13.46 50.90 -5.15
C ASN C 211 -13.12 49.71 -6.01
N SER C 212 -13.71 48.56 -5.76
CA SER C 212 -13.41 47.33 -6.46
C SER C 212 -11.96 46.87 -6.31
N ASP C 213 -11.19 47.48 -5.42
CA ASP C 213 -9.83 47.07 -5.16
C ASP C 213 -9.80 46.20 -3.90
N ILE C 214 -10.13 44.94 -4.07
CA ILE C 214 -10.28 44.07 -2.93
C ILE C 214 -9.10 43.10 -2.80
N SER C 215 -7.90 43.46 -3.25
CA SER C 215 -6.81 42.50 -3.22
C SER C 215 -5.71 42.99 -2.27
N TYR C 216 -5.03 42.05 -1.66
CA TYR C 216 -3.90 42.44 -0.81
C TYR C 216 -2.76 41.45 -0.80
N PHE C 217 -3.04 40.17 -0.87
CA PHE C 217 -2.12 39.12 -0.44
C PHE C 217 -1.48 38.32 -1.57
N GLY C 218 -2.13 38.22 -2.73
CA GLY C 218 -1.60 37.39 -3.80
C GLY C 218 -1.85 35.91 -3.63
N VAL C 219 -2.88 35.52 -2.88
CA VAL C 219 -3.19 34.11 -2.66
C VAL C 219 -4.67 33.80 -2.82
N GLY C 220 -5.56 34.79 -2.76
CA GLY C 220 -6.99 34.51 -2.59
C GLY C 220 -7.56 33.59 -3.65
N GLY C 221 -7.30 33.90 -4.93
CA GLY C 221 -7.82 33.08 -6.00
C GLY C 221 -7.34 31.64 -5.92
N LYS C 222 -6.08 31.44 -5.54
CA LYS C 222 -5.54 30.08 -5.44
C LYS C 222 -6.18 29.32 -4.28
N GLN C 223 -6.33 29.96 -3.12
CA GLN C 223 -7.04 29.32 -2.01
C GLN C 223 -8.44 28.90 -2.44
N ALA C 224 -9.15 29.76 -3.17
CA ALA C 224 -10.53 29.47 -3.55
C ALA C 224 -10.62 28.23 -4.42
N VAL C 225 -9.86 28.20 -5.53
CA VAL C 225 -10.04 27.10 -6.49
C VAL C 225 -9.63 25.78 -5.87
N PHE C 226 -8.58 25.77 -5.05
CA PHE C 226 -8.14 24.52 -4.44
C PHE C 226 -8.91 24.16 -3.18
N PHE C 227 -9.72 25.08 -2.66
CA PHE C 227 -10.74 24.70 -1.69
C PHE C 227 -11.90 23.99 -2.39
N VAL C 228 -12.40 24.59 -3.47
CA VAL C 228 -13.54 24.02 -4.18
C VAL C 228 -13.17 22.68 -4.82
N GLY C 229 -12.03 22.64 -5.50
CA GLY C 229 -11.64 21.44 -6.23
C GLY C 229 -10.15 21.19 -6.24
N GLN C 230 -9.68 20.44 -7.22
CA GLN C 230 -8.30 19.99 -7.30
C GLN C 230 -7.59 20.44 -8.57
N SER C 231 -8.27 21.17 -9.45
CA SER C 231 -7.69 21.62 -10.70
C SER C 231 -8.36 22.93 -11.09
N ALA C 232 -7.56 23.89 -11.55
CA ALA C 232 -8.06 25.18 -12.00
C ALA C 232 -7.54 25.43 -13.41
N ARG C 233 -8.46 25.62 -14.35
CA ARG C 233 -8.12 26.00 -15.71
C ARG C 233 -8.42 27.48 -15.89
N MSE C 234 -7.38 28.28 -15.99
CA MSE C 234 -7.52 29.71 -16.23
C MSE C 234 -7.53 29.97 -17.73
O MSE C 234 -6.59 29.58 -18.43
CB MSE C 234 -6.38 30.49 -15.57
CG MSE C 234 -6.21 30.19 -14.09
SE MSE C 234 -7.73 30.77 -13.01
CE MSE C 234 -7.67 32.67 -13.47
N ILE C 235 -8.58 30.61 -18.22
CA ILE C 235 -8.71 30.98 -19.63
C ILE C 235 -8.95 32.48 -19.67
N SER C 236 -8.04 33.22 -20.30
CA SER C 236 -8.07 34.67 -20.22
C SER C 236 -7.65 35.27 -21.55
N LYS C 237 -8.21 36.44 -21.85
CA LYS C 237 -7.93 37.15 -23.09
C LYS C 237 -8.10 38.65 -22.87
N PRO C 238 -7.02 39.45 -22.91
CA PRO C 238 -7.19 40.89 -22.84
C PRO C 238 -7.87 41.43 -24.08
N ALA C 239 -8.32 42.69 -23.98
CA ALA C 239 -8.99 43.33 -25.10
C ALA C 239 -8.04 43.53 -26.27
N ASP C 240 -6.81 43.96 -26.00
CA ASP C 240 -5.84 44.26 -27.03
C ASP C 240 -5.04 43.03 -27.47
N SER C 241 -5.54 41.82 -27.21
CA SER C 241 -4.81 40.60 -27.47
C SER C 241 -5.54 39.77 -28.52
N GLN C 242 -4.82 39.39 -29.58
CA GLN C 242 -5.37 38.46 -30.56
C GLN C 242 -5.56 37.08 -29.97
N ASP C 243 -4.72 36.69 -29.02
CA ASP C 243 -4.65 35.32 -28.53
C ASP C 243 -5.35 35.16 -27.19
N VAL C 244 -5.85 33.95 -26.95
CA VAL C 244 -6.35 33.52 -25.66
C VAL C 244 -5.23 32.77 -24.94
N HIS C 245 -5.05 33.06 -23.66
CA HIS C 245 -4.02 32.43 -22.84
C HIS C 245 -4.68 31.51 -21.82
N GLU C 246 -4.14 30.30 -21.69
CA GLU C 246 -4.77 29.26 -20.89
C GLU C 246 -3.73 28.53 -20.06
N LEU C 247 -4.00 28.38 -18.77
CA LEU C 247 -3.06 27.76 -17.83
C LEU C 247 -3.80 26.83 -16.89
N VAL C 248 -3.27 25.62 -16.68
CA VAL C 248 -3.84 24.64 -15.77
C VAL C 248 -2.87 24.44 -14.61
N LEU C 249 -3.36 24.66 -13.39
CA LEU C 249 -2.70 24.19 -12.18
C LEU C 249 -3.59 23.12 -11.56
N SER C 250 -2.98 21.99 -11.19
CA SER C 250 -3.78 20.88 -10.68
C SER C 250 -2.93 19.99 -9.79
N LYS C 251 -3.60 19.38 -8.81
CA LYS C 251 -2.98 18.36 -7.97
C LYS C 251 -2.38 17.25 -8.82
N GLU C 252 -3.10 16.80 -9.84
CA GLU C 252 -2.66 15.68 -10.66
C GLU C 252 -1.39 16.01 -11.43
N ASP C 253 -1.26 17.25 -11.91
CA ASP C 253 -0.06 17.64 -12.64
C ASP C 253 1.15 17.72 -11.71
N PHE C 254 0.97 18.30 -10.52
CA PHE C 254 2.06 18.34 -9.54
C PHE C 254 2.50 16.93 -9.18
N GLU C 255 1.54 16.04 -8.92
CA GLU C 255 1.88 14.67 -8.56
C GLU C 255 2.64 13.98 -9.68
N LYS C 256 2.26 14.24 -10.93
CA LYS C 256 2.94 13.62 -12.06
C LYS C 256 4.31 14.24 -12.28
N LYS C 257 4.42 15.56 -12.12
CA LYS C 257 5.74 16.19 -12.20
C LYS C 257 6.64 15.73 -11.06
N GLU C 258 6.06 15.28 -9.95
CA GLU C 258 6.87 14.81 -8.83
C GLU C 258 7.46 13.44 -9.14
N LYS C 259 6.64 12.50 -9.61
CA LYS C 259 7.15 11.15 -9.83
C LYS C 259 8.13 11.10 -11.00
N ASN C 260 7.99 12.01 -11.96
CA ASN C 260 8.92 12.10 -13.08
C ASN C 260 10.13 12.97 -12.77
N LYS C 261 10.29 13.40 -11.52
CA LYS C 261 11.44 14.20 -11.11
C LYS C 261 11.58 15.45 -11.98
N GLU C 262 10.43 16.00 -12.38
CA GLU C 262 10.41 17.24 -13.16
C GLU C 262 10.29 18.44 -12.22
N ALA C 263 10.75 19.60 -12.69
CA ALA C 263 10.59 20.83 -11.95
C ALA C 263 9.13 21.01 -11.54
N ILE C 264 8.92 21.33 -10.27
CA ILE C 264 7.56 21.38 -9.73
C ILE C 264 6.82 22.63 -10.21
N TYR C 265 7.53 23.76 -10.32
CA TYR C 265 6.90 25.04 -10.63
C TYR C 265 7.25 25.53 -12.03
N SER C 266 7.44 24.59 -12.96
CA SER C 266 7.63 24.91 -14.37
C SER C 266 6.48 24.30 -15.16
N GLY C 267 5.96 25.06 -16.10
CA GLY C 267 4.89 24.60 -16.96
C GLY C 267 4.82 25.46 -18.20
N TYR C 268 3.62 25.60 -18.75
CA TYR C 268 3.46 26.42 -19.94
C TYR C 268 2.05 26.99 -20.01
N ILE C 269 1.95 28.18 -20.60
CA ILE C 269 0.67 28.77 -20.98
C ILE C 269 0.36 28.35 -22.41
N ARG C 270 -0.83 27.82 -22.64
CA ARG C 270 -1.27 27.55 -24.00
C ARG C 270 -1.87 28.82 -24.59
N ASN C 271 -1.25 29.33 -25.65
CA ASN C 271 -1.78 30.45 -26.40
C ASN C 271 -2.50 29.92 -27.63
N ARG C 272 -3.65 30.52 -27.96
CA ARG C 272 -4.50 29.98 -29.01
C ARG C 272 -5.44 31.07 -29.51
N LYS C 273 -6.05 30.81 -30.66
CA LYS C 273 -7.04 31.75 -31.15
C LYS C 273 -8.37 31.56 -30.42
N PRO C 274 -9.20 32.60 -30.37
CA PRO C 274 -10.50 32.44 -29.71
C PRO C 274 -11.31 31.30 -30.31
N SER C 275 -12.08 30.62 -29.45
CA SER C 275 -13.05 29.61 -29.83
C SER C 275 -12.42 28.31 -30.32
N ASP C 276 -11.10 28.16 -30.23
CA ASP C 276 -10.43 26.92 -30.61
C ASP C 276 -10.31 26.04 -29.39
N SER C 277 -11.01 24.90 -29.41
CA SER C 277 -11.01 23.94 -28.30
C SER C 277 -10.44 22.58 -28.70
N VAL C 278 -9.61 22.53 -29.75
CA VAL C 278 -9.11 21.25 -30.23
C VAL C 278 -8.31 20.53 -29.15
N HIS C 279 -7.67 21.29 -28.25
CA HIS C 279 -6.82 20.68 -27.23
C HIS C 279 -7.63 19.93 -26.18
N ILE C 280 -8.93 20.14 -26.09
CA ILE C 280 -9.77 19.43 -25.13
C ILE C 280 -10.15 18.09 -25.76
N THR C 281 -9.68 17.00 -25.16
CA THR C 281 -9.90 15.67 -25.68
C THR C 281 -10.53 14.71 -24.68
N ASN C 282 -10.51 15.05 -23.39
CA ASN C 282 -11.16 14.23 -22.38
C ASN C 282 -12.67 14.46 -22.44
N ASP C 283 -13.42 13.39 -22.70
CA ASP C 283 -14.87 13.53 -22.81
C ASP C 283 -15.52 13.85 -21.47
N ASP C 284 -14.80 13.64 -20.36
CA ASP C 284 -15.30 14.11 -19.07
C ASP C 284 -15.33 15.64 -19.00
N GLU C 285 -14.47 16.31 -19.76
CA GLU C 285 -14.43 17.76 -19.81
C GLU C 285 -15.21 18.30 -21.01
N ARG C 286 -16.14 17.51 -21.54
CA ARG C 286 -16.97 17.88 -22.66
C ARG C 286 -17.43 19.33 -22.62
N PHE C 287 -17.93 19.78 -21.47
CA PHE C 287 -18.51 21.11 -21.34
C PHE C 287 -17.57 22.21 -21.80
N LEU C 288 -16.26 21.96 -21.83
CA LEU C 288 -15.32 23.01 -22.19
C LEU C 288 -15.47 23.43 -23.64
N HIS C 289 -15.82 22.51 -24.54
CA HIS C 289 -16.05 22.89 -25.93
C HIS C 289 -17.11 23.99 -26.01
N HIS C 290 -18.19 23.86 -25.26
CA HIS C 290 -19.26 24.85 -25.28
C HIS C 290 -18.87 26.14 -24.57
N LEU C 291 -18.05 26.05 -23.52
CA LEU C 291 -17.53 27.26 -22.89
C LEU C 291 -16.62 28.02 -23.86
N ILE C 292 -15.71 27.30 -24.53
CA ILE C 292 -14.76 27.95 -25.42
C ILE C 292 -15.45 28.46 -26.67
N ILE C 293 -16.56 27.83 -27.08
CA ILE C 293 -17.28 28.28 -28.28
C ILE C 293 -17.79 29.69 -28.11
N GLU C 294 -18.34 30.01 -26.93
CA GLU C 294 -18.92 31.32 -26.70
C GLU C 294 -17.88 32.42 -26.49
N GLU C 295 -16.61 32.14 -26.80
CA GLU C 295 -15.59 33.19 -26.82
C GLU C 295 -15.70 34.10 -28.04
N LYS C 296 -16.57 33.76 -29.00
CA LYS C 296 -16.53 34.41 -30.31
C LYS C 296 -16.70 35.92 -30.19
N GLU C 297 -17.73 36.36 -29.47
CA GLU C 297 -18.10 37.77 -29.42
C GLU C 297 -17.57 38.49 -28.19
N LYS C 298 -16.47 38.00 -27.62
CA LYS C 298 -15.92 38.55 -26.38
C LYS C 298 -14.59 39.24 -26.68
N ASP C 299 -14.59 40.57 -26.60
CA ASP C 299 -13.34 41.31 -26.72
C ASP C 299 -12.37 40.92 -25.61
N SER C 300 -12.85 40.88 -24.37
CA SER C 300 -12.02 40.62 -23.20
C SER C 300 -12.79 39.76 -22.20
N PHE C 301 -12.10 38.80 -21.60
CA PHE C 301 -12.74 37.94 -20.62
C PHE C 301 -11.71 37.19 -19.80
N THR C 302 -12.15 36.67 -18.67
CA THR C 302 -11.43 35.66 -17.91
C THR C 302 -12.43 34.61 -17.43
N ALA C 303 -12.08 33.35 -17.57
CA ALA C 303 -12.89 32.25 -17.07
C ALA C 303 -12.03 31.37 -16.16
N VAL C 304 -12.52 31.14 -14.94
CA VAL C 304 -11.90 30.22 -13.98
C VAL C 304 -12.75 28.96 -13.95
N VAL C 305 -12.18 27.83 -14.35
CA VAL C 305 -12.89 26.57 -14.44
C VAL C 305 -12.29 25.60 -13.42
N ILE C 306 -13.08 25.21 -12.43
CA ILE C 306 -12.63 24.34 -11.34
C ILE C 306 -13.20 22.95 -11.58
N THR C 307 -12.34 21.94 -11.51
CA THR C 307 -12.73 20.54 -11.61
C THR C 307 -12.15 19.79 -10.42
N GLY C 308 -12.58 18.54 -10.26
CA GLY C 308 -12.30 17.82 -9.04
C GLY C 308 -13.06 18.36 -7.86
N VAL C 309 -14.27 18.89 -8.10
CA VAL C 309 -15.06 19.50 -7.05
C VAL C 309 -15.37 18.47 -5.97
N GLN C 310 -15.14 18.84 -4.72
CA GLN C 310 -15.41 17.91 -3.63
C GLN C 310 -16.90 17.60 -3.55
N PRO C 311 -17.28 16.33 -3.38
CA PRO C 311 -18.71 16.00 -3.40
C PRO C 311 -19.54 16.76 -2.37
N GLU C 312 -19.03 16.96 -1.16
CA GLU C 312 -19.82 17.63 -0.14
C GLU C 312 -20.09 19.09 -0.49
N HIS C 313 -19.24 19.71 -1.32
CA HIS C 313 -19.56 21.04 -1.82
C HIS C 313 -20.69 20.98 -2.84
N ILE C 314 -20.69 19.95 -3.70
CA ILE C 314 -21.75 19.81 -4.69
C ILE C 314 -23.10 19.64 -4.01
N GLN C 315 -23.14 18.87 -2.92
CA GLN C 315 -24.41 18.61 -2.25
C GLN C 315 -24.94 19.86 -1.55
N TYR C 316 -24.05 20.66 -0.97
CA TYR C 316 -24.50 21.89 -0.32
C TYR C 316 -25.03 22.90 -1.34
N LEU C 317 -24.33 23.04 -2.47
CA LEU C 317 -24.75 24.00 -3.48
C LEU C 317 -26.07 23.59 -4.13
N LYS C 318 -26.28 22.29 -4.30
CA LYS C 318 -27.56 21.81 -4.84
C LYS C 318 -28.69 22.02 -3.85
N ASN C 319 -28.46 21.68 -2.57
CA ASN C 319 -29.53 21.58 -1.59
C ASN C 319 -29.87 22.89 -0.91
N TYR C 320 -28.97 23.87 -0.91
CA TYR C 320 -29.18 25.12 -0.19
C TYR C 320 -28.92 26.31 -1.11
N PHE C 321 -29.52 26.25 -2.30
CA PHE C 321 -29.27 27.26 -3.32
C PHE C 321 -29.66 28.65 -2.84
N HIS C 322 -30.86 28.79 -2.28
CA HIS C 322 -31.32 30.11 -1.88
C HIS C 322 -30.51 30.65 -0.70
N LEU C 323 -29.98 29.77 0.14
CA LEU C 323 -29.19 30.22 1.28
C LEU C 323 -27.83 30.77 0.83
N TRP C 324 -27.10 30.02 0.00
CA TRP C 324 -25.75 30.46 -0.33
C TRP C 324 -25.73 31.55 -1.40
N THR C 325 -26.78 31.68 -2.21
CA THR C 325 -26.87 32.86 -3.07
C THR C 325 -27.25 34.10 -2.26
N ARG C 326 -28.06 33.93 -1.21
CA ARG C 326 -28.34 35.05 -0.32
C ARG C 326 -27.06 35.52 0.39
N GLN C 327 -26.22 34.57 0.81
CA GLN C 327 -24.95 34.94 1.43
C GLN C 327 -24.14 35.84 0.51
N LEU C 328 -24.06 35.51 -0.78
CA LEU C 328 -23.29 36.32 -1.71
C LEU C 328 -23.92 37.68 -1.91
N ALA C 329 -25.25 37.74 -2.03
CA ALA C 329 -25.92 39.04 -2.10
C ALA C 329 -25.62 39.87 -0.86
N HIS C 330 -25.56 39.22 0.30
CA HIS C 330 -25.19 39.90 1.54
C HIS C 330 -23.79 40.47 1.45
N ILE C 331 -22.80 39.64 1.08
CA ILE C 331 -21.41 40.08 1.02
C ILE C 331 -21.28 41.30 0.10
N TYR C 332 -21.89 41.24 -1.08
CA TYR C 332 -21.71 42.25 -2.10
C TYR C 332 -22.89 43.21 -2.20
N HIS C 333 -23.65 43.36 -1.11
CA HIS C 333 -24.86 44.19 -1.12
C HIS C 333 -24.59 45.57 -1.69
N TYR C 334 -23.52 46.22 -1.26
CA TYR C 334 -23.28 47.61 -1.64
C TYR C 334 -22.58 47.74 -2.99
N TYR C 335 -21.96 46.68 -3.49
CA TYR C 335 -21.55 46.69 -4.89
C TYR C 335 -22.75 46.46 -5.82
N ILE C 336 -23.73 45.69 -5.36
CA ILE C 336 -24.89 45.38 -6.17
C ILE C 336 -25.86 46.56 -6.22
N HIS C 337 -26.02 47.27 -5.10
CA HIS C 337 -27.08 48.27 -4.97
C HIS C 337 -26.58 49.69 -4.78
N GLY C 338 -25.27 49.92 -4.72
CA GLY C 338 -24.74 51.26 -4.53
C GLY C 338 -24.50 51.59 -3.08
N PRO C 339 -23.93 52.77 -2.82
CA PRO C 339 -23.53 53.10 -1.44
C PRO C 339 -24.70 53.35 -0.50
N LYS C 340 -25.89 53.62 -1.01
CA LYS C 340 -27.05 53.87 -0.15
C LYS C 340 -27.82 52.59 0.18
N GLY C 341 -27.43 51.45 -0.37
CA GLY C 341 -28.12 50.21 -0.11
C GLY C 341 -29.34 50.03 -0.99
N ASN C 342 -29.97 48.89 -0.81
CA ASN C 342 -31.12 48.51 -1.57
C ASN C 342 -32.40 49.19 -1.13
N GLU C 343 -32.43 50.51 -1.26
CA GLU C 343 -33.62 51.28 -0.92
C GLU C 343 -34.77 50.90 -1.85
N ILE C 344 -35.94 50.63 -1.27
CA ILE C 344 -37.11 50.26 -2.06
C ILE C 344 -38.12 51.39 -2.06
N ASN C 354 -27.31 50.43 -11.33
CA ASN C 354 -25.93 50.00 -11.34
C ASN C 354 -25.66 48.96 -12.39
N ASN C 355 -24.41 48.86 -12.82
CA ASN C 355 -24.06 48.04 -13.95
C ASN C 355 -23.33 46.75 -13.57
N ILE C 356 -23.35 46.32 -12.31
CA ILE C 356 -22.77 45.03 -11.92
C ILE C 356 -23.84 43.97 -11.95
N ASP C 357 -23.65 42.96 -12.76
CA ASP C 357 -24.56 41.81 -12.86
C ASP C 357 -23.80 40.58 -12.39
N ILE C 358 -24.03 40.18 -11.14
CA ILE C 358 -23.53 38.91 -10.62
C ILE C 358 -24.64 37.89 -10.84
N GLU C 359 -24.39 36.92 -11.71
CA GLU C 359 -25.42 36.00 -12.19
C GLU C 359 -25.03 34.57 -11.82
N ILE C 360 -25.89 33.90 -11.08
CA ILE C 360 -25.70 32.51 -10.70
C ILE C 360 -26.56 31.64 -11.59
N SER C 361 -25.99 30.53 -12.07
CA SER C 361 -26.74 29.55 -12.85
C SER C 361 -26.26 28.16 -12.48
N MSE C 362 -27.21 27.28 -12.16
CA MSE C 362 -26.90 25.90 -11.80
C MSE C 362 -27.60 24.92 -12.72
O MSE C 362 -28.79 25.07 -12.99
CB MSE C 362 -27.29 25.62 -10.35
CG MSE C 362 -26.85 24.28 -9.82
SE MSE C 362 -26.86 24.24 -7.88
CE MSE C 362 -28.77 24.53 -7.56
N PHE C 363 -26.87 23.90 -13.19
CA PHE C 363 -27.36 22.95 -14.17
C PHE C 363 -27.37 21.56 -13.57
N GLU C 364 -28.54 20.92 -13.58
CA GLU C 364 -28.72 19.57 -13.07
C GLU C 364 -29.46 18.72 -14.07
N LYS C 365 -29.16 17.43 -14.08
CA LYS C 365 -29.82 16.50 -14.98
C LYS C 365 -31.31 16.38 -14.63
N GLY C 366 -32.16 16.62 -15.63
CA GLY C 366 -33.60 16.51 -15.43
C GLY C 366 -34.26 17.72 -14.81
N LYS C 367 -33.57 18.85 -14.77
CA LYS C 367 -34.14 20.08 -14.21
C LYS C 367 -33.82 21.24 -15.15
N VAL C 368 -34.69 22.25 -15.13
CA VAL C 368 -34.44 23.46 -15.90
C VAL C 368 -33.28 24.20 -15.25
N PRO C 369 -32.46 24.92 -16.02
CA PRO C 369 -31.42 25.75 -15.39
C PRO C 369 -32.00 26.65 -14.30
N LYS C 370 -31.39 26.59 -13.13
CA LYS C 370 -31.76 27.46 -12.02
C LYS C 370 -30.87 28.70 -12.10
N ILE C 371 -31.48 29.88 -12.18
CA ILE C 371 -30.76 31.11 -12.46
C ILE C 371 -31.25 32.22 -11.55
N VAL C 372 -30.34 33.05 -11.09
CA VAL C 372 -30.67 34.22 -10.28
C VAL C 372 -29.58 35.26 -10.44
N ASN C 373 -29.99 36.50 -10.64
CA ASN C 373 -29.11 37.65 -10.51
C ASN C 373 -29.18 38.13 -9.08
N LEU C 374 -28.03 38.30 -8.43
CA LEU C 374 -28.00 38.59 -7.00
C LEU C 374 -28.78 39.86 -6.65
N ARG C 375 -29.01 40.74 -7.63
CA ARG C 375 -29.83 41.91 -7.39
C ARG C 375 -31.28 41.57 -7.08
N GLU C 376 -31.76 40.39 -7.51
CA GLU C 376 -33.14 39.98 -7.27
C GLU C 376 -33.39 39.62 -5.81
N ILE C 377 -32.36 39.22 -5.08
CA ILE C 377 -32.52 38.77 -3.71
C ILE C 377 -32.89 39.94 -2.83
N GLN C 378 -33.98 39.79 -2.07
CA GLN C 378 -34.53 40.89 -1.26
C GLN C 378 -34.55 40.59 0.22
N ASP C 379 -34.14 39.39 0.66
CA ASP C 379 -34.15 39.04 2.08
C ASP C 379 -32.75 38.80 2.63
N ASP C 380 -31.72 39.34 1.98
CA ASP C 380 -30.41 39.40 2.60
C ASP C 380 -30.44 40.41 3.75
N MSE C 381 -29.58 40.19 4.73
CA MSE C 381 -29.65 40.97 5.97
C MSE C 381 -29.58 42.48 5.77
O MSE C 381 -30.28 43.22 6.45
CB MSE C 381 -28.53 40.54 6.92
CG MSE C 381 -28.73 39.18 7.58
SE MSE C 381 -30.49 38.97 8.44
CE MSE C 381 -30.55 40.66 9.40
N GLN C 382 -28.75 42.94 4.83
CA GLN C 382 -28.63 44.38 4.63
C GLN C 382 -29.88 44.96 3.99
N THR C 383 -30.53 44.22 3.07
CA THR C 383 -31.78 44.70 2.53
C THR C 383 -32.83 44.86 3.62
N LEU C 384 -32.93 43.87 4.51
CA LEU C 384 -33.88 43.96 5.63
C LEU C 384 -33.56 45.14 6.54
N TYR C 385 -32.28 45.37 6.83
CA TYR C 385 -31.90 46.52 7.65
C TYR C 385 -32.27 47.82 6.95
N VAL C 386 -31.99 47.92 5.66
CA VAL C 386 -32.22 49.17 4.94
C VAL C 386 -33.70 49.49 4.87
N ASN C 387 -34.53 48.50 4.58
CA ASN C 387 -35.93 48.74 4.27
C ASN C 387 -36.84 48.78 5.49
N THR C 388 -36.37 48.31 6.65
CA THR C 388 -37.13 48.45 7.89
C THR C 388 -36.61 49.60 8.74
N ALA C 389 -35.65 50.38 8.23
CA ALA C 389 -35.14 51.53 8.94
C ALA C 389 -36.05 52.73 8.74
N ALA C 390 -36.23 53.52 9.80
CA ALA C 390 -37.01 54.75 9.71
C ALA C 390 -36.14 55.99 9.60
N ASP C 391 -34.88 55.91 10.04
CA ASP C 391 -33.95 57.03 9.98
C ASP C 391 -32.56 56.47 10.20
N SER C 392 -31.54 57.30 9.98
CA SER C 392 -30.16 56.84 10.12
C SER C 392 -29.31 57.94 10.76
N PHE C 393 -28.14 57.52 11.23
CA PHE C 393 -27.21 58.37 11.97
C PHE C 393 -25.81 58.03 11.51
N GLU C 394 -25.19 58.91 10.74
CA GLU C 394 -23.93 58.63 10.08
C GLU C 394 -22.79 59.34 10.79
N PHE C 395 -21.64 58.67 10.87
CA PHE C 395 -20.51 59.19 11.61
C PHE C 395 -19.21 58.73 10.94
N LYS C 396 -18.11 59.30 11.41
CA LYS C 396 -16.76 58.90 11.03
C LYS C 396 -15.94 58.66 12.28
N ALA C 397 -15.10 57.63 12.25
CA ALA C 397 -14.12 57.37 13.30
C ALA C 397 -12.73 57.64 12.72
N HIS C 398 -12.01 58.57 13.34
CA HIS C 398 -10.64 58.87 12.95
C HIS C 398 -9.69 58.22 13.95
N VAL C 399 -8.89 57.28 13.47
CA VAL C 399 -7.97 56.52 14.30
C VAL C 399 -6.58 57.13 14.19
N GLU C 400 -5.79 56.98 15.23
CA GLU C 400 -4.41 57.44 15.19
C GLU C 400 -3.63 56.64 14.16
N GLY C 401 -3.08 57.33 13.17
CA GLY C 401 -2.57 56.69 11.97
C GLY C 401 -3.31 57.07 10.71
N ASP C 402 -4.23 58.03 10.79
CA ASP C 402 -4.96 58.57 9.63
C ASP C 402 -5.90 57.55 9.01
N GLY C 403 -6.22 56.46 9.71
CA GLY C 403 -7.28 55.58 9.26
C GLY C 403 -8.64 56.16 9.60
N VAL C 404 -9.56 56.08 8.64
CA VAL C 404 -10.89 56.64 8.78
C VAL C 404 -11.91 55.55 8.48
N VAL C 405 -12.84 55.34 9.41
CA VAL C 405 -13.93 54.39 9.26
C VAL C 405 -15.22 55.18 9.11
N GLU C 406 -15.96 54.89 8.04
CA GLU C 406 -17.31 55.42 7.86
C GLU C 406 -18.30 54.50 8.55
N GLY C 407 -19.29 55.09 9.20
CA GLY C 407 -20.26 54.33 9.96
C GLY C 407 -21.66 54.83 9.73
N ILE C 408 -22.62 53.94 9.89
CA ILE C 408 -24.04 54.27 9.81
C ILE C 408 -24.79 53.46 10.86
N ILE C 409 -25.73 54.11 11.55
CA ILE C 409 -26.63 53.44 12.48
C ILE C 409 -28.05 53.68 11.99
N ARG C 410 -28.87 52.64 12.05
CA ARG C 410 -30.25 52.69 11.58
C ARG C 410 -31.20 52.38 12.73
N TYR C 411 -32.34 53.06 12.75
CA TYR C 411 -33.34 52.87 13.80
C TYR C 411 -34.51 52.06 13.26
N HIS C 412 -34.89 51.02 14.00
CA HIS C 412 -35.97 50.12 13.61
C HIS C 412 -37.09 50.21 14.65
N PRO C 413 -38.19 50.90 14.34
CA PRO C 413 -39.14 51.28 15.39
C PRO C 413 -40.06 50.14 15.83
N PHE C 414 -40.60 50.32 17.04
CA PHE C 414 -41.73 49.53 17.52
C PHE C 414 -43.00 50.08 16.89
N LEU C 415 -43.69 49.25 16.11
CA LEU C 415 -44.89 49.68 15.38
C LEU C 415 -46.10 48.96 15.94
N TYR C 416 -46.83 49.66 16.81
CA TYR C 416 -48.14 49.24 17.29
C TYR C 416 -48.06 48.07 18.28
N ASP C 417 -47.80 46.86 17.79
CA ASP C 417 -47.73 45.69 18.65
C ASP C 417 -46.41 44.92 18.56
N ARG C 418 -45.56 45.21 17.58
CA ARG C 418 -44.40 44.37 17.33
C ARG C 418 -43.16 45.22 17.07
N GLU C 419 -42.02 44.69 17.48
CA GLU C 419 -40.73 45.20 17.03
C GLU C 419 -40.53 44.85 15.56
N THR C 420 -39.84 45.74 14.84
CA THR C 420 -39.59 45.54 13.41
C THR C 420 -38.12 45.21 13.10
N TYR C 421 -37.25 45.19 14.10
CA TYR C 421 -35.87 44.80 13.89
C TYR C 421 -35.82 43.42 13.22
N PRO C 422 -35.27 43.31 12.02
CA PRO C 422 -35.37 42.04 11.28
C PRO C 422 -34.66 40.90 12.00
N ASP C 423 -35.18 39.70 11.80
CA ASP C 423 -34.56 38.51 12.36
C ASP C 423 -33.30 38.13 11.59
N ASP C 424 -32.37 37.48 12.29
CA ASP C 424 -31.19 36.91 11.66
C ASP C 424 -31.24 35.41 11.83
N PRO C 425 -31.37 34.61 10.76
CA PRO C 425 -31.42 33.15 10.94
C PRO C 425 -30.20 32.58 11.65
N CYS C 426 -29.08 33.31 11.68
CA CYS C 426 -27.91 32.87 12.43
C CYS C 426 -28.09 33.04 13.93
N PHE C 427 -29.17 33.68 14.37
CA PHE C 427 -29.41 33.93 15.78
C PHE C 427 -30.87 33.67 16.14
N ALA C 446 -35.16 42.17 23.17
CA ALA C 446 -36.44 42.69 22.69
C ALA C 446 -36.48 42.73 21.17
N ALA C 447 -35.74 43.68 20.58
CA ALA C 447 -35.66 43.81 19.14
C ALA C 447 -34.37 43.17 18.62
N ARG C 448 -33.23 43.82 18.87
CA ARG C 448 -31.95 43.26 18.45
C ARG C 448 -31.53 42.10 19.34
N GLY C 449 -31.95 42.10 20.60
CA GLY C 449 -31.58 41.02 21.50
C GLY C 449 -30.11 41.09 21.87
N LYS C 450 -29.46 39.92 21.85
CA LYS C 450 -28.04 39.82 22.16
C LYS C 450 -27.16 39.97 20.92
N ARG C 451 -27.73 40.32 19.76
CA ARG C 451 -26.97 40.40 18.54
C ARG C 451 -26.11 41.66 18.50
N PRO C 452 -24.98 41.61 17.79
CA PRO C 452 -24.16 42.82 17.67
C PRO C 452 -24.80 43.85 16.76
N ILE C 453 -24.42 45.10 16.97
CA ILE C 453 -25.00 46.21 16.21
C ILE C 453 -24.39 46.28 14.81
N PHE C 454 -23.05 46.23 14.72
CA PHE C 454 -22.34 46.65 13.52
C PHE C 454 -21.86 45.44 12.72
N GLU C 455 -22.26 45.38 11.45
CA GLU C 455 -21.58 44.58 10.46
C GLU C 455 -20.45 45.40 9.85
N CYS C 456 -19.40 44.71 9.40
CA CYS C 456 -18.15 45.37 9.05
C CYS C 456 -17.78 45.09 7.59
N PHE C 457 -17.48 46.14 6.86
CA PHE C 457 -17.15 46.03 5.44
C PHE C 457 -15.74 46.56 5.20
N TRP C 458 -15.07 45.95 4.23
CA TRP C 458 -13.69 46.25 3.88
C TRP C 458 -13.60 46.39 2.37
N ASN C 459 -13.28 47.60 1.90
CA ASN C 459 -13.27 47.89 0.47
C ASN C 459 -14.59 47.49 -0.17
N GLY C 460 -15.70 47.74 0.53
CA GLY C 460 -17.01 47.60 -0.05
C GLY C 460 -17.71 46.28 0.19
N ARG C 461 -16.98 45.24 0.60
CA ARG C 461 -17.58 43.92 0.77
C ARG C 461 -17.56 43.51 2.22
N LEU C 462 -18.50 42.64 2.57
CA LEU C 462 -18.64 42.19 3.95
C LEU C 462 -17.47 41.33 4.38
N ILE C 463 -16.98 41.59 5.58
CA ILE C 463 -16.08 40.66 6.28
C ILE C 463 -16.93 39.85 7.23
N PRO C 464 -17.21 38.58 6.95
CA PRO C 464 -18.35 37.92 7.59
C PRO C 464 -18.20 37.66 9.09
N TYR C 465 -16.99 37.45 9.59
CA TYR C 465 -16.81 36.99 10.97
C TYR C 465 -16.33 38.08 11.92
N THR C 466 -16.36 39.34 11.51
CA THR C 466 -16.02 40.44 12.40
C THR C 466 -17.25 41.31 12.59
N SER C 467 -17.76 41.35 13.83
CA SER C 467 -18.82 42.25 14.23
C SER C 467 -18.33 43.11 15.39
N VAL C 468 -18.92 44.30 15.53
CA VAL C 468 -18.68 45.17 16.67
C VAL C 468 -19.99 45.28 17.45
N GLU C 469 -19.97 44.83 18.69
CA GLU C 469 -21.18 44.77 19.50
C GLU C 469 -21.79 46.16 19.68
N ASP C 470 -21.01 47.12 20.15
CA ASP C 470 -21.48 48.49 20.31
C ASP C 470 -20.28 49.36 20.58
N PHE C 471 -20.52 50.66 20.65
CA PHE C 471 -19.58 51.61 21.21
C PHE C 471 -20.11 52.23 22.50
N ASP C 472 -19.23 52.88 23.26
CA ASP C 472 -19.66 53.51 24.50
C ASP C 472 -20.75 54.53 24.27
N TRP C 473 -20.69 55.26 23.16
CA TRP C 473 -21.62 56.35 22.95
C TRP C 473 -22.97 55.89 22.40
N CYS C 474 -23.19 54.59 22.18
CA CYS C 474 -24.47 54.09 21.72
C CYS C 474 -24.89 52.86 22.51
N THR C 475 -24.50 52.80 23.77
CA THR C 475 -25.04 51.86 24.74
C THR C 475 -25.82 52.63 25.82
N PRO C 476 -26.74 51.97 26.49
CA PRO C 476 -27.55 52.65 27.53
C PRO C 476 -26.68 53.20 28.63
N PRO C 477 -26.95 54.43 29.08
CA PRO C 477 -26.20 54.98 30.22
C PRO C 477 -26.37 54.17 31.50
N LEU C 482 -31.97 59.83 29.30
CA LEU C 482 -32.51 60.84 28.40
C LEU C 482 -33.51 60.22 27.43
N ALA C 483 -33.15 59.06 26.86
CA ALA C 483 -34.01 58.34 25.94
C ALA C 483 -34.32 56.96 26.49
N PRO C 484 -35.51 56.41 26.21
CA PRO C 484 -35.90 55.15 26.85
C PRO C 484 -34.92 54.03 26.57
N ILE C 485 -34.73 53.18 27.58
CA ILE C 485 -33.75 52.10 27.53
C ILE C 485 -34.01 51.17 26.36
N GLU C 486 -35.27 50.93 26.00
CA GLU C 486 -35.58 49.99 24.94
C GLU C 486 -35.14 50.48 23.58
N CYS C 487 -34.87 51.78 23.43
CA CYS C 487 -34.45 52.32 22.14
C CYS C 487 -33.03 51.94 21.80
N TYR C 488 -32.20 51.59 22.77
CA TYR C 488 -30.84 51.14 22.50
C TYR C 488 -30.81 49.72 21.94
N ASN C 489 -31.93 49.01 21.99
CA ASN C 489 -32.02 47.67 21.41
C ASN C 489 -32.64 47.68 20.01
N ARG C 490 -32.90 48.86 19.45
CA ARG C 490 -33.57 48.99 18.16
C ARG C 490 -32.66 49.54 17.07
N ILE C 491 -31.36 49.61 17.31
CA ILE C 491 -30.42 50.21 16.37
C ILE C 491 -29.52 49.12 15.79
N SER C 492 -29.34 49.17 14.47
CA SER C 492 -28.35 48.37 13.76
C SER C 492 -27.35 49.31 13.09
N GLY C 493 -26.28 48.75 12.56
CA GLY C 493 -25.27 49.60 11.96
C GLY C 493 -24.33 48.85 11.04
N ALA C 494 -23.54 49.63 10.29
CA ALA C 494 -22.52 49.12 9.40
C ALA C 494 -21.29 50.01 9.49
N LEU C 495 -20.12 49.38 9.37
CA LEU C 495 -18.83 50.07 9.39
C LEU C 495 -18.09 49.76 8.10
N PHE C 496 -17.46 50.79 7.52
CA PHE C 496 -16.82 50.69 6.21
C PHE C 496 -15.40 51.23 6.30
N THR C 497 -14.42 50.40 5.91
CA THR C 497 -13.02 50.78 5.90
C THR C 497 -12.44 50.57 4.50
N ASN C 498 -11.16 50.96 4.35
CA ASN C 498 -10.37 50.62 3.16
C ASN C 498 -9.12 49.87 3.60
N ASP C 499 -8.03 50.01 2.82
CA ASP C 499 -6.81 49.28 3.11
C ASP C 499 -6.23 49.61 4.48
N LYS C 500 -6.44 50.85 4.95
CA LYS C 500 -5.78 51.30 6.18
C LYS C 500 -6.05 50.38 7.37
N PHE C 501 -7.08 49.54 7.30
CA PHE C 501 -7.37 48.57 8.35
C PHE C 501 -7.21 47.17 7.78
N GLN C 502 -6.34 46.38 8.40
CA GLN C 502 -5.92 45.11 7.86
C GLN C 502 -6.93 44.01 8.14
N VAL C 503 -7.04 43.07 7.19
CA VAL C 503 -7.83 41.87 7.35
C VAL C 503 -6.89 40.67 7.31
N SER C 504 -7.40 39.52 7.75
CA SER C 504 -6.65 38.29 7.65
C SER C 504 -6.60 37.81 6.20
N THR C 505 -5.70 36.86 5.94
CA THR C 505 -5.47 36.42 4.57
C THR C 505 -6.75 35.87 3.94
N ASN C 506 -7.51 35.07 4.69
CA ASN C 506 -8.75 34.52 4.16
C ASN C 506 -9.87 35.54 4.09
N LYS C 507 -9.65 36.76 4.58
CA LYS C 507 -10.65 37.83 4.51
C LYS C 507 -11.93 37.47 5.25
N LEU C 508 -11.83 36.59 6.23
CA LEU C 508 -12.96 36.27 7.10
C LEU C 508 -13.04 37.20 8.31
N THR C 509 -11.93 37.79 8.73
CA THR C 509 -11.89 38.63 9.91
C THR C 509 -11.02 39.86 9.68
N PHE C 510 -11.36 40.92 10.39
CA PHE C 510 -10.43 42.02 10.59
C PHE C 510 -9.37 41.60 11.60
N MSE C 511 -8.16 42.14 11.45
CA MSE C 511 -7.07 41.81 12.36
C MSE C 511 -7.27 42.46 13.73
O MSE C 511 -7.02 41.82 14.76
CB MSE C 511 -5.73 42.26 11.78
CG MSE C 511 -5.31 41.52 10.51
SE MSE C 511 -4.88 39.65 10.84
CE MSE C 511 -3.32 39.89 12.00
N ASP C 512 -7.71 43.71 13.75
CA ASP C 512 -7.79 44.47 14.99
C ASP C 512 -8.70 45.69 14.86
N LEU C 513 -9.80 45.57 14.10
CA LEU C 513 -10.63 46.73 13.81
C LEU C 513 -11.26 47.30 15.08
N GLU C 514 -11.84 46.44 15.92
CA GLU C 514 -12.53 46.92 17.11
C GLU C 514 -11.53 47.52 18.10
N LEU C 515 -10.35 46.92 18.21
CA LEU C 515 -9.34 47.40 19.15
C LEU C 515 -8.89 48.82 18.80
N LYS C 516 -8.80 49.14 17.51
CA LYS C 516 -8.39 50.48 17.10
C LYS C 516 -9.52 51.49 17.25
N LEU C 517 -10.76 51.07 16.99
CA LEU C 517 -11.89 51.98 17.12
C LEU C 517 -12.14 52.37 18.57
N LYS C 518 -11.76 51.51 19.51
CA LYS C 518 -11.97 51.76 20.93
C LYS C 518 -10.73 52.32 21.62
N ASP C 519 -9.70 52.67 20.86
CA ASP C 519 -8.53 53.31 21.44
C ASP C 519 -8.89 54.70 21.94
N LYS C 520 -8.24 55.10 23.04
CA LYS C 520 -8.57 56.37 23.67
C LYS C 520 -8.41 57.55 22.72
N ASN C 521 -7.48 57.45 21.77
CA ASN C 521 -7.20 58.55 20.85
C ASN C 521 -8.17 58.62 19.67
N THR C 522 -9.07 57.65 19.52
CA THR C 522 -9.97 57.63 18.38
C THR C 522 -11.06 58.67 18.55
N LEU C 523 -11.29 59.47 17.51
CA LEU C 523 -12.20 60.60 17.54
C LEU C 523 -13.39 60.30 16.63
N PHE C 524 -14.58 60.21 17.23
CA PHE C 524 -15.80 60.02 16.47
C PHE C 524 -16.41 61.36 16.10
N THR C 525 -17.04 61.40 14.93
CA THR C 525 -17.64 62.61 14.40
C THR C 525 -18.93 62.24 13.69
N ARG C 526 -20.00 62.96 13.99
CA ARG C 526 -21.25 62.79 13.26
C ARG C 526 -21.15 63.51 11.92
N ILE C 527 -21.63 62.85 10.86
CA ILE C 527 -21.71 63.44 9.54
C ILE C 527 -23.18 63.78 9.28
N LEU C 528 -23.43 65.03 8.92
CA LEU C 528 -24.78 65.55 8.84
C LEU C 528 -24.82 66.55 7.69
N ASN C 529 -25.69 66.31 6.72
CA ASN C 529 -25.73 67.10 5.48
C ASN C 529 -24.38 67.11 4.78
N GLY C 530 -23.62 66.04 4.95
CA GLY C 530 -22.33 65.90 4.28
C GLY C 530 -21.19 66.66 4.92
N GLN C 531 -21.38 67.22 6.11
CA GLN C 531 -20.34 67.97 6.81
C GLN C 531 -20.17 67.41 8.22
N GLU C 532 -18.96 67.54 8.74
CA GLU C 532 -18.65 67.02 10.07
C GLU C 532 -19.14 67.99 11.14
N GLN C 533 -19.63 67.43 12.25
CA GLN C 533 -20.21 68.20 13.33
C GLN C 533 -19.22 68.34 14.48
N ARG C 534 -19.38 69.42 15.25
CA ARG C 534 -18.50 69.70 16.38
C ARG C 534 -19.02 69.13 17.70
N MSE C 535 -20.32 68.90 17.81
CA MSE C 535 -20.90 68.38 19.05
C MSE C 535 -20.31 67.03 19.42
O MSE C 535 -20.01 66.22 18.55
CB MSE C 535 -22.42 68.28 18.91
N LYS C 536 -20.15 66.79 20.73
CA LYS C 536 -19.71 65.49 21.19
C LYS C 536 -20.68 64.41 20.73
N ILE C 537 -20.14 63.31 20.19
CA ILE C 537 -21.00 62.33 19.52
C ILE C 537 -21.96 61.69 20.52
N ASP C 538 -21.52 61.47 21.76
CA ASP C 538 -22.38 60.79 22.73
C ASP C 538 -23.65 61.59 22.99
N ARG C 539 -23.53 62.91 23.09
CA ARG C 539 -24.70 63.75 23.32
C ARG C 539 -25.59 63.78 22.09
N GLU C 540 -25.00 64.00 20.91
CA GLU C 540 -25.79 64.17 19.70
C GLU C 540 -26.46 62.86 19.26
N PHE C 541 -25.91 61.70 19.65
CA PHE C 541 -26.59 60.44 19.36
C PHE C 541 -27.81 60.28 20.27
N ALA C 542 -27.64 60.56 21.57
CA ALA C 542 -28.75 60.45 22.50
C ALA C 542 -29.94 61.28 22.04
N LEU C 543 -29.68 62.50 21.55
CA LEU C 543 -30.77 63.33 21.05
C LEU C 543 -31.38 62.75 19.79
N TRP C 544 -30.54 62.17 18.92
CA TRP C 544 -31.08 61.52 17.73
C TRP C 544 -31.95 60.33 18.10
N LEU C 545 -31.49 59.51 19.06
CA LEU C 545 -32.28 58.37 19.49
C LEU C 545 -33.58 58.83 20.13
N LYS C 546 -33.50 59.81 21.04
CA LYS C 546 -34.70 60.38 21.64
C LYS C 546 -35.70 60.81 20.57
N ASP C 547 -35.23 61.61 19.60
CA ASP C 547 -36.13 62.10 18.55
C ASP C 547 -36.74 60.94 17.77
N CYS C 548 -35.98 59.86 17.55
CA CYS C 548 -36.51 58.73 16.79
C CYS C 548 -37.64 58.04 17.54
N HIS C 549 -37.50 57.89 18.85
CA HIS C 549 -38.56 57.28 19.65
C HIS C 549 -39.85 58.08 19.54
N GLU C 550 -39.76 59.40 19.66
CA GLU C 550 -40.96 60.23 19.68
C GLU C 550 -41.61 60.33 18.31
N LYS C 551 -40.85 60.12 17.25
CA LYS C 551 -41.36 60.32 15.90
C LYS C 551 -41.83 59.05 15.21
N TYR C 552 -41.24 57.89 15.53
CA TYR C 552 -41.53 56.66 14.80
C TYR C 552 -42.13 55.56 15.66
N ASP C 553 -41.80 55.47 16.93
CA ASP C 553 -42.37 54.42 17.77
C ASP C 553 -43.84 54.69 18.03
N LYS C 554 -44.68 53.69 17.77
CA LYS C 554 -46.12 53.81 17.90
C LYS C 554 -46.63 52.67 18.78
N GLN C 555 -47.21 53.03 19.92
CA GLN C 555 -47.67 52.07 20.93
C GLN C 555 -49.20 52.14 21.02
N ILE C 556 -49.86 51.41 20.11
CA ILE C 556 -51.32 51.32 20.11
C ILE C 556 -51.71 49.92 19.61
N LYS C 557 -52.45 49.17 20.43
CA LYS C 557 -52.89 47.84 20.04
C LYS C 557 -54.29 47.57 20.57
N PHE C 558 -55.04 46.78 19.81
CA PHE C 558 -56.24 46.14 20.33
C PHE C 558 -55.83 45.05 21.31
N THR C 559 -56.79 44.64 22.15
CA THR C 559 -56.56 43.54 23.08
C THR C 559 -57.22 42.27 22.57
N ARG D 8 19.81 34.88 -24.39
CA ARG D 8 20.45 33.58 -24.40
C ARG D 8 19.65 32.57 -25.23
N THR D 9 18.77 31.81 -24.58
CA THR D 9 17.98 30.78 -25.22
C THR D 9 16.54 31.27 -25.35
N VAL D 10 16.09 31.44 -26.59
CA VAL D 10 14.69 31.74 -26.88
C VAL D 10 14.07 30.52 -27.54
N TYR D 11 12.75 30.51 -27.62
CA TYR D 11 11.99 29.42 -28.22
C TYR D 11 11.13 29.98 -29.34
N LEU D 12 11.44 29.57 -30.57
CA LEU D 12 10.79 30.12 -31.75
C LEU D 12 9.71 29.19 -32.24
N PHE D 13 8.50 29.72 -32.41
CA PHE D 13 7.38 29.02 -33.01
C PHE D 13 7.14 29.61 -34.40
N ASP D 14 7.24 28.78 -35.43
CA ASP D 14 6.86 29.20 -36.76
C ASP D 14 5.35 29.06 -36.92
N ARG D 15 4.67 30.20 -37.08
CA ARG D 15 3.22 30.24 -37.23
C ARG D 15 2.83 31.08 -38.43
N ARG D 16 3.51 30.86 -39.55
CA ARG D 16 3.22 31.58 -40.77
C ARG D 16 2.05 30.96 -41.52
N GLU D 17 1.98 29.63 -41.56
CA GLU D 17 0.91 28.92 -42.23
C GLU D 17 0.45 27.76 -41.37
N LYS D 18 -0.80 27.34 -41.57
CA LYS D 18 -1.40 26.29 -40.75
C LYS D 18 -0.61 24.99 -40.79
N GLU D 19 0.31 24.82 -41.73
CA GLU D 19 1.10 23.60 -41.85
C GLU D 19 2.44 23.69 -41.12
N SER D 20 2.86 24.88 -40.70
CA SER D 20 4.19 25.08 -40.14
C SER D 20 4.49 24.09 -39.02
N GLU D 21 5.76 23.97 -38.65
CA GLU D 21 6.17 22.99 -37.65
C GLU D 21 5.45 23.24 -36.33
N LEU D 22 4.70 22.24 -35.89
CA LEU D 22 3.95 22.36 -34.63
C LEU D 22 4.89 22.65 -33.46
N GLY D 23 5.98 21.89 -33.37
CA GLY D 23 6.89 22.05 -32.26
C GLY D 23 7.73 23.31 -32.38
N ASP D 24 8.27 23.73 -31.24
CA ASP D 24 9.18 24.87 -31.20
C ASP D 24 10.61 24.41 -31.47
N ARG D 25 11.44 25.35 -31.89
CA ARG D 25 12.87 25.11 -32.09
C ARG D 25 13.64 26.11 -31.24
N PRO D 26 14.40 25.68 -30.24
CA PRO D 26 15.18 26.65 -29.45
C PRO D 26 16.22 27.34 -30.31
N LEU D 27 16.87 28.33 -29.72
CA LEU D 27 17.71 29.25 -30.49
C LEU D 27 18.62 30.06 -29.59
N GLN D 28 19.92 29.78 -29.63
CA GLN D 28 20.88 30.48 -28.79
C GLN D 28 21.14 31.87 -29.37
N VAL D 29 21.05 32.89 -28.51
CA VAL D 29 21.22 34.29 -28.91
C VAL D 29 22.45 34.78 -28.16
N GLY D 30 23.59 34.81 -28.84
CA GLY D 30 24.81 35.29 -28.24
C GLY D 30 24.71 36.75 -27.80
N GLU D 31 25.58 37.10 -26.86
CA GLU D 31 25.44 38.34 -26.12
C GLU D 31 25.46 39.55 -27.03
N ARG D 32 26.46 39.63 -27.92
CA ARG D 32 26.69 40.82 -28.72
C ARG D 32 25.77 40.92 -29.93
N SER D 33 24.67 40.18 -29.96
CA SER D 33 23.82 40.13 -31.15
C SER D 33 22.93 41.37 -31.24
N ASP D 34 22.52 41.67 -32.47
CA ASP D 34 21.52 42.68 -32.78
C ASP D 34 20.40 42.02 -33.58
N TYR D 35 19.38 42.81 -33.91
CA TYR D 35 18.22 42.24 -34.58
C TYR D 35 18.57 41.72 -35.97
N ALA D 36 19.40 42.46 -36.71
CA ALA D 36 19.79 42.02 -38.05
C ALA D 36 20.46 40.65 -37.99
N GLY D 37 21.41 40.48 -37.08
CA GLY D 37 22.07 39.18 -36.94
C GLY D 37 21.12 38.09 -36.50
N PHE D 38 20.22 38.41 -35.55
CA PHE D 38 19.25 37.42 -35.10
C PHE D 38 18.32 37.02 -36.24
N ARG D 39 17.76 38.00 -36.95
CA ARG D 39 16.92 37.70 -38.10
C ARG D 39 17.67 36.88 -39.14
N ALA D 40 18.96 37.17 -39.32
CA ALA D 40 19.78 36.35 -40.22
C ALA D 40 19.82 34.90 -39.74
N CYS D 41 19.96 34.70 -38.42
CA CYS D 41 20.08 33.35 -37.88
C CYS D 41 18.81 32.53 -38.13
N VAL D 42 17.64 33.16 -38.00
CA VAL D 42 16.39 32.41 -38.12
C VAL D 42 16.13 32.03 -39.58
N CYS D 43 16.45 32.94 -40.50
CA CYS D 43 16.24 32.66 -41.92
C CYS D 43 17.00 31.40 -42.35
N GLN D 44 18.25 31.26 -41.90
CA GLN D 44 19.04 30.08 -42.26
C GLN D 44 18.52 28.85 -41.54
N THR D 45 18.31 28.94 -40.23
CA THR D 45 17.85 27.78 -39.47
C THR D 45 16.53 27.26 -40.02
N LEU D 46 15.66 28.15 -40.49
CA LEU D 46 14.36 27.77 -41.04
C LEU D 46 14.37 27.60 -42.55
N GLY D 47 15.18 28.38 -43.27
CA GLY D 47 15.23 28.29 -44.71
C GLY D 47 14.26 29.22 -45.40
N ILE D 48 14.48 30.53 -45.25
CA ILE D 48 13.59 31.54 -45.79
C ILE D 48 14.44 32.58 -46.51
N SER D 49 13.99 32.98 -47.69
CA SER D 49 14.62 34.08 -48.40
C SER D 49 14.61 35.33 -47.50
N PRO D 50 15.77 35.87 -47.14
CA PRO D 50 15.77 37.19 -46.46
C PRO D 50 14.92 38.22 -47.17
N GLU D 51 14.73 38.06 -48.48
CA GLU D 51 13.82 38.93 -49.21
C GLU D 51 12.38 38.80 -48.68
N GLU D 52 12.05 37.67 -48.06
CA GLU D 52 10.69 37.44 -47.60
C GLU D 52 10.35 38.40 -46.46
N LYS D 53 9.14 38.95 -46.50
CA LYS D 53 8.67 39.91 -45.50
C LYS D 53 7.87 39.16 -44.45
N PHE D 54 8.51 38.84 -43.33
CA PHE D 54 7.88 38.21 -42.19
C PHE D 54 8.26 38.98 -40.94
N VAL D 55 7.55 38.72 -39.84
CA VAL D 55 7.78 39.45 -38.60
C VAL D 55 8.02 38.46 -37.45
N ILE D 56 8.68 38.96 -36.43
CA ILE D 56 8.93 38.23 -35.20
C ILE D 56 8.29 39.00 -34.05
N THR D 57 7.56 38.30 -33.18
CA THR D 57 6.83 38.96 -32.11
C THR D 57 6.96 38.17 -30.82
N THR D 58 6.77 38.87 -29.70
CA THR D 58 6.56 38.22 -28.42
C THR D 58 5.18 37.53 -28.42
N THR D 59 4.83 36.93 -27.29
CA THR D 59 3.52 36.29 -27.18
C THR D 59 2.39 37.28 -27.01
N SER D 60 2.69 38.56 -26.81
CA SER D 60 1.68 39.62 -26.85
C SER D 60 1.60 40.28 -28.21
N ARG D 61 2.25 39.68 -29.23
CA ARG D 61 2.28 40.24 -30.59
C ARG D 61 3.02 41.56 -30.66
N LYS D 62 3.96 41.78 -29.75
CA LYS D 62 4.83 42.95 -29.84
C LYS D 62 5.98 42.67 -30.79
N GLU D 63 6.18 43.56 -31.75
CA GLU D 63 7.10 43.31 -32.85
C GLU D 63 8.55 43.55 -32.41
N ILE D 64 9.40 42.54 -32.63
CA ILE D 64 10.84 42.71 -32.41
C ILE D 64 11.38 43.68 -33.45
N THR D 65 12.20 44.63 -33.00
CA THR D 65 12.77 45.63 -33.90
C THR D 65 14.22 45.89 -33.50
N CYS D 66 14.87 46.77 -34.27
CA CYS D 66 16.23 47.17 -33.95
C CYS D 66 16.29 47.89 -32.61
N ASP D 67 15.31 48.76 -32.34
CA ASP D 67 15.35 49.58 -31.13
C ASP D 67 15.21 48.72 -29.88
N ASN D 68 14.27 47.78 -29.88
CA ASN D 68 13.87 47.07 -28.67
C ASN D 68 14.52 45.71 -28.50
N PHE D 69 15.40 45.30 -29.42
CA PHE D 69 15.86 43.91 -29.44
C PHE D 69 16.37 43.46 -28.08
N ASP D 70 17.29 44.22 -27.49
CA ASP D 70 17.92 43.79 -26.25
C ASP D 70 16.98 43.87 -25.06
N GLU D 71 15.91 44.66 -25.16
CA GLU D 71 14.92 44.71 -24.09
C GLU D 71 13.89 43.61 -24.18
N THR D 72 13.60 43.12 -25.40
CA THR D 72 12.51 42.18 -25.63
C THR D 72 12.96 40.74 -25.87
N VAL D 73 14.15 40.52 -26.42
CA VAL D 73 14.63 39.16 -26.68
C VAL D 73 15.57 38.75 -25.55
N LYS D 74 14.99 38.35 -24.42
CA LYS D 74 15.76 37.93 -23.26
C LYS D 74 15.72 36.41 -23.14
N ASP D 75 16.45 35.89 -22.16
CA ASP D 75 16.53 34.45 -21.97
C ASP D 75 15.18 33.89 -21.53
N GLY D 76 14.76 32.79 -22.15
CA GLY D 76 13.54 32.11 -21.76
C GLY D 76 12.29 32.56 -22.48
N VAL D 77 12.33 33.68 -23.20
CA VAL D 77 11.12 34.19 -23.83
C VAL D 77 10.74 33.32 -25.02
N THR D 78 9.45 33.31 -25.34
CA THR D 78 8.92 32.63 -26.50
C THR D 78 8.59 33.67 -27.58
N LEU D 79 8.92 33.34 -28.82
CA LEU D 79 8.72 34.24 -29.94
C LEU D 79 7.92 33.55 -31.04
N TYR D 80 7.29 34.37 -31.87
CA TYR D 80 6.48 33.90 -32.99
C TYR D 80 7.09 34.38 -34.30
N LEU D 81 7.04 33.53 -35.32
CA LEU D 81 7.26 33.94 -36.69
C LEU D 81 5.90 34.01 -37.38
N LEU D 82 5.54 35.20 -37.88
CA LEU D 82 4.22 35.44 -38.43
C LEU D 82 4.35 36.20 -39.74
N GLN D 83 3.29 36.11 -40.56
CA GLN D 83 3.23 36.91 -41.76
C GLN D 83 2.99 38.39 -41.43
N SER D 84 2.12 38.66 -40.47
CA SER D 84 1.90 40.01 -39.97
C SER D 84 1.78 39.96 -38.45
N VAL D 85 2.00 41.12 -37.83
CA VAL D 85 1.99 41.20 -36.37
C VAL D 85 0.70 40.60 -35.80
N ASN D 86 -0.45 41.05 -36.31
CA ASN D 86 -1.74 40.63 -35.78
C ASN D 86 -2.38 39.51 -36.59
N GLN D 87 -1.55 38.68 -37.23
CA GLN D 87 -2.08 37.50 -37.90
C GLN D 87 -2.80 36.60 -36.91
N LEU D 88 -3.84 35.93 -37.40
CA LEU D 88 -4.56 34.96 -36.58
C LEU D 88 -3.68 33.76 -36.30
N LEU D 89 -3.71 33.27 -35.07
CA LEU D 89 -2.84 32.17 -34.65
C LEU D 89 -3.50 30.86 -35.07
N LEU D 90 -3.05 30.31 -36.20
CA LEU D 90 -3.69 29.12 -36.75
C LEU D 90 -3.52 27.92 -35.83
N THR D 91 -2.33 27.73 -35.29
CA THR D 91 -2.03 26.61 -34.40
C THR D 91 -1.62 27.13 -33.03
N ALA D 92 -1.97 26.39 -31.99
CA ALA D 92 -1.69 26.80 -30.63
C ALA D 92 -0.20 26.63 -30.31
N THR D 93 0.34 27.60 -29.59
CA THR D 93 1.71 27.52 -29.08
C THR D 93 1.70 27.18 -27.59
N LYS D 94 2.85 26.74 -27.10
CA LYS D 94 3.06 26.47 -25.68
C LYS D 94 4.20 27.36 -25.20
N GLU D 95 3.91 28.19 -24.21
CA GLU D 95 4.85 29.20 -23.73
C GLU D 95 5.37 28.79 -22.36
N ARG D 96 6.65 28.48 -22.29
CA ARG D 96 7.27 28.03 -21.04
C ARG D 96 7.21 29.13 -19.99
N ILE D 97 6.87 28.75 -18.75
CA ILE D 97 6.87 29.67 -17.62
C ILE D 97 7.37 28.97 -16.37
N ASP D 98 7.87 29.77 -15.44
CA ASP D 98 8.17 29.36 -14.07
C ASP D 98 7.27 30.16 -13.13
N PHE D 99 6.69 29.48 -12.16
CA PHE D 99 5.82 30.12 -11.16
C PHE D 99 6.20 29.67 -9.76
N LEU D 100 7.49 29.79 -9.44
CA LEU D 100 7.95 29.53 -8.08
C LEU D 100 7.23 30.44 -7.09
N PRO D 101 6.76 29.92 -5.96
CA PRO D 101 6.13 30.80 -4.97
C PRO D 101 7.08 31.91 -4.54
N HIS D 102 6.52 33.11 -4.40
CA HIS D 102 7.29 34.25 -3.93
C HIS D 102 7.74 34.00 -2.49
N TYR D 103 8.90 34.53 -2.13
CA TYR D 103 9.48 34.22 -0.82
C TYR D 103 8.64 34.76 0.33
N ASP D 104 7.74 35.72 0.07
CA ASP D 104 6.76 36.11 1.08
C ASP D 104 5.85 34.95 1.48
N THR D 105 5.88 33.85 0.71
CA THR D 105 5.27 32.61 1.20
C THR D 105 5.81 32.24 2.58
N LEU D 106 7.06 32.61 2.86
CA LEU D 106 7.65 32.43 4.18
C LEU D 106 7.63 33.71 5.01
N VAL D 107 8.11 34.82 4.44
CA VAL D 107 8.33 36.02 5.22
C VAL D 107 7.01 36.64 5.70
N LYS D 108 5.93 36.49 4.93
CA LYS D 108 4.62 37.01 5.33
C LYS D 108 3.67 35.90 5.75
N SER D 109 4.19 34.73 6.12
CA SER D 109 3.33 33.59 6.41
C SER D 109 2.55 33.74 7.71
N GLY D 110 2.95 34.63 8.62
CA GLY D 110 2.28 34.78 9.90
C GLY D 110 1.74 36.18 10.12
N MSE D 111 2.03 37.08 9.18
CA MSE D 111 1.73 38.49 9.32
C MSE D 111 0.24 38.84 9.30
O MSE D 111 -0.17 39.87 9.81
CB MSE D 111 2.46 39.25 8.20
CG MSE D 111 2.31 40.75 8.21
SE MSE D 111 3.33 41.50 6.72
CE MSE D 111 5.13 41.10 7.37
N TYR D 112 -0.57 37.97 8.68
CA TYR D 112 -2.02 38.21 8.57
C TYR D 112 -2.81 36.97 8.99
N GLU D 113 -2.30 36.22 9.96
CA GLU D 113 -2.94 35.01 10.43
C GLU D 113 -3.40 35.08 11.88
N TYR D 114 -2.78 35.94 12.69
CA TYR D 114 -3.08 36.00 14.12
C TYR D 114 -3.93 37.24 14.40
N TYR D 115 -5.24 37.08 14.23
CA TYR D 115 -6.19 38.16 14.48
C TYR D 115 -6.60 38.17 15.94
N ALA D 116 -6.99 39.34 16.41
CA ALA D 116 -7.44 39.53 17.79
C ALA D 116 -8.92 39.22 17.88
N SER D 117 -9.29 38.35 18.83
CA SER D 117 -10.68 38.00 19.05
C SER D 117 -10.95 37.85 20.54
N GLU D 118 -12.17 38.16 20.94
CA GLU D 118 -12.65 37.90 22.30
C GLU D 118 -11.72 38.52 23.34
N GLY D 119 -11.23 39.72 23.05
CA GLY D 119 -10.41 40.45 24.00
C GLY D 119 -9.10 39.76 24.33
N GLN D 120 -8.41 39.23 23.33
CA GLN D 120 -7.13 38.58 23.53
C GLN D 120 -6.10 39.14 22.57
N ASN D 121 -4.86 39.24 23.04
CA ASN D 121 -3.73 39.52 22.16
C ASN D 121 -3.21 38.21 21.59
N PRO D 122 -3.09 38.06 20.27
CA PRO D 122 -2.76 36.74 19.71
C PRO D 122 -1.28 36.42 19.68
N LEU D 123 -0.41 37.35 20.07
CA LEU D 123 1.03 37.08 20.07
C LEU D 123 1.41 35.79 20.81
N PRO D 124 0.80 35.44 21.95
CA PRO D 124 1.14 34.16 22.59
C PRO D 124 0.78 32.95 21.75
N PHE D 125 -0.12 33.07 20.78
CA PHE D 125 -0.46 31.93 19.95
C PHE D 125 0.70 31.57 19.02
N ALA D 126 1.47 32.56 18.58
CA ALA D 126 2.66 32.28 17.80
C ALA D 126 3.71 31.56 18.65
N LEU D 127 3.87 31.98 19.91
CA LEU D 127 4.77 31.26 20.81
C LEU D 127 4.26 29.84 21.05
N ALA D 128 2.94 29.68 21.13
CA ALA D 128 2.38 28.33 21.32
C ALA D 128 2.75 27.41 20.15
N ALA D 129 2.81 27.95 18.93
CA ALA D 129 3.19 27.13 17.79
C ALA D 129 4.58 26.53 17.99
N LEU D 130 5.51 27.33 18.53
CA LEU D 130 6.86 26.83 18.78
C LEU D 130 6.91 25.90 19.98
N ILE D 131 6.03 26.12 20.97
CA ILE D 131 5.95 25.18 22.09
C ILE D 131 5.43 23.83 21.61
N ASP D 132 4.42 23.83 20.73
CA ASP D 132 3.91 22.58 20.16
C ASP D 132 5.03 21.78 19.52
N ASN D 133 5.92 22.46 18.77
CA ASN D 133 7.03 21.76 18.14
C ASN D 133 7.95 21.14 19.19
N SER D 134 8.26 21.88 20.25
CA SER D 134 9.13 21.35 21.30
C SER D 134 8.46 20.20 22.04
N LEU D 135 7.15 20.31 22.29
CA LEU D 135 6.43 19.20 22.92
C LEU D 135 6.57 17.93 22.11
N SER D 136 6.44 18.03 20.78
CA SER D 136 6.56 16.86 19.93
C SER D 136 7.99 16.36 19.88
N ALA D 137 8.96 17.27 19.92
CA ALA D 137 10.37 16.87 19.86
C ALA D 137 10.83 16.22 21.16
N THR D 138 10.25 16.62 22.29
CA THR D 138 10.61 16.05 23.58
C THR D 138 9.69 14.89 23.99
N SER D 139 8.88 14.38 23.07
CA SER D 139 7.82 13.45 23.45
C SER D 139 8.39 12.14 24.00
N ARG D 140 9.54 11.70 23.51
CA ARG D 140 10.15 10.44 23.94
C ARG D 140 11.37 10.65 24.82
N ASN D 141 11.52 11.85 25.38
CA ASN D 141 12.60 12.11 26.33
C ASN D 141 12.53 11.14 27.50
N ILE D 142 13.70 10.62 27.90
CA ILE D 142 13.84 10.07 29.24
C ILE D 142 14.13 11.23 30.18
N GLY D 143 13.31 11.36 31.22
CA GLY D 143 13.52 12.42 32.19
C GLY D 143 12.82 13.71 31.83
N VAL D 144 13.50 14.82 32.04
CA VAL D 144 12.86 16.13 31.96
C VAL D 144 12.67 16.54 30.51
N ARG D 145 11.49 17.06 30.20
CA ARG D 145 11.22 17.72 28.93
C ARG D 145 11.26 19.22 29.20
N ARG D 146 12.39 19.83 28.89
CA ARG D 146 12.65 21.23 29.22
C ARG D 146 12.40 22.08 27.99
N ILE D 147 11.47 23.02 28.10
CA ILE D 147 11.11 23.92 27.01
C ILE D 147 11.26 25.33 27.57
N GLN D 148 12.21 26.08 27.01
CA GLN D 148 12.54 27.42 27.51
C GLN D 148 12.16 28.46 26.47
N ILE D 149 11.62 29.57 26.94
CA ILE D 149 11.35 30.74 26.11
C ILE D 149 12.06 31.91 26.76
N LYS D 150 13.07 32.44 26.07
CA LYS D 150 13.93 33.48 26.60
C LYS D 150 13.73 34.74 25.77
N LEU D 151 13.34 35.82 26.43
CA LEU D 151 13.14 37.11 25.77
C LEU D 151 14.37 37.97 26.08
N LEU D 152 15.27 38.07 25.12
CA LEU D 152 16.53 38.77 25.29
C LEU D 152 16.35 40.22 24.84
N PHE D 153 15.73 41.01 25.73
CA PHE D 153 15.47 42.42 25.47
C PHE D 153 16.44 43.34 26.22
N ASP D 154 17.60 42.83 26.60
CA ASP D 154 18.63 43.62 27.26
C ASP D 154 19.57 44.15 26.19
N GLU D 155 19.44 45.45 25.85
CA GLU D 155 20.12 45.99 24.69
C GLU D 155 21.64 45.99 24.85
N THR D 156 22.16 45.89 26.08
CA THR D 156 23.60 45.78 26.25
C THR D 156 24.15 44.52 25.58
N GLN D 157 23.30 43.51 25.40
CA GLN D 157 23.69 42.25 24.79
C GLN D 157 23.28 42.15 23.33
N GLY D 158 22.98 43.28 22.71
CA GLY D 158 22.61 43.32 21.31
C GLY D 158 21.14 43.61 21.10
N LYS D 159 20.68 43.31 19.89
CA LYS D 159 19.32 43.63 19.50
C LYS D 159 18.33 42.65 20.12
N PRO D 160 17.06 43.05 20.23
CA PRO D 160 16.05 42.15 20.80
C PRO D 160 16.03 40.81 20.10
N ALA D 161 15.80 39.75 20.87
CA ALA D 161 15.71 38.40 20.33
C ALA D 161 14.71 37.61 21.17
N VAL D 162 14.04 36.68 20.52
CA VAL D 162 13.17 35.71 21.18
C VAL D 162 13.68 34.33 20.84
N ALA D 163 13.95 33.52 21.86
CA ALA D 163 14.56 32.22 21.68
C ALA D 163 13.70 31.16 22.34
N VAL D 164 13.40 30.10 21.60
CA VAL D 164 12.69 28.93 22.13
C VAL D 164 13.66 27.76 22.07
N ILE D 165 13.96 27.19 23.24
CA ILE D 165 15.00 26.18 23.38
C ILE D 165 14.40 24.98 24.09
N ASP D 166 14.66 23.79 23.55
CA ASP D 166 14.21 22.54 24.17
C ASP D 166 15.35 21.54 24.17
N ASN D 167 15.16 20.47 24.94
CA ASN D 167 16.09 19.35 24.98
C ASN D 167 15.50 18.13 24.29
N GLY D 168 14.79 18.36 23.19
CA GLY D 168 14.20 17.28 22.41
C GLY D 168 15.21 16.60 21.51
N ARG D 169 14.67 15.79 20.60
CA ARG D 169 15.50 14.91 19.77
C ARG D 169 16.31 15.67 18.73
N GLY D 170 16.04 16.93 18.49
CA GLY D 170 16.82 17.72 17.55
C GLY D 170 16.58 17.29 16.11
N MSE D 171 17.35 17.91 15.21
CA MSE D 171 17.22 17.66 13.79
C MSE D 171 18.55 17.37 13.10
O MSE D 171 19.53 18.11 13.28
CB MSE D 171 16.56 18.84 13.10
CG MSE D 171 15.07 18.99 13.41
SE MSE D 171 14.33 20.58 12.57
CE MSE D 171 15.21 21.91 13.68
N THR D 172 18.58 16.30 12.31
CA THR D 172 19.68 16.07 11.40
C THR D 172 19.70 17.17 10.33
N SER D 173 20.76 17.16 9.52
CA SER D 173 20.81 18.08 8.38
C SER D 173 19.59 17.93 7.50
N LYS D 174 19.13 16.70 7.29
CA LYS D 174 18.00 16.46 6.40
C LYS D 174 16.70 16.96 7.02
N GLN D 175 16.54 16.78 8.33
CA GLN D 175 15.32 17.24 8.99
C GLN D 175 15.28 18.76 9.10
N LEU D 176 16.44 19.40 9.28
CA LEU D 176 16.49 20.85 9.26
C LEU D 176 16.16 21.38 7.87
N ASN D 177 16.68 20.74 6.83
CA ASN D 177 16.29 21.04 5.46
C ASN D 177 14.78 20.92 5.32
N ASN D 178 14.21 19.82 5.80
CA ASN D 178 12.77 19.62 5.71
C ASN D 178 12.01 20.74 6.43
N TRP D 179 12.49 21.15 7.59
CA TRP D 179 11.81 22.21 8.35
C TRP D 179 11.65 23.47 7.50
N ALA D 180 12.62 23.76 6.63
CA ALA D 180 12.58 24.98 5.83
C ALA D 180 11.65 24.87 4.63
N VAL D 181 11.11 23.69 4.33
CA VAL D 181 10.18 23.53 3.22
C VAL D 181 8.77 23.84 3.70
N TYR D 182 8.21 24.95 3.23
CA TYR D 182 6.85 25.30 3.58
C TYR D 182 5.88 24.20 3.14
N ARG D 183 4.99 23.83 4.05
CA ARG D 183 3.94 22.83 3.83
C ARG D 183 4.47 21.41 3.71
N LEU D 184 5.73 21.17 4.11
CA LEU D 184 6.25 19.82 4.23
C LEU D 184 5.91 19.30 5.62
N SER D 185 4.93 18.40 5.71
CA SER D 185 4.41 17.90 6.97
C SER D 185 4.89 16.47 7.22
N LYS D 186 4.41 15.89 8.32
CA LYS D 186 4.74 14.51 8.65
C LYS D 186 4.09 13.52 7.70
N PHE D 187 3.11 13.97 6.92
CA PHE D 187 2.43 13.08 5.99
C PHE D 187 3.11 13.04 4.64
N THR D 188 3.71 14.13 4.18
CA THR D 188 4.47 14.09 2.94
C THR D 188 5.85 13.44 3.12
N ARG D 189 6.78 14.11 3.81
CA ARG D 189 8.21 13.70 3.83
C ARG D 189 8.44 12.19 4.02
N ARG D 202 1.61 7.07 13.88
CA ARG D 202 0.46 7.59 14.61
C ARG D 202 0.42 7.01 16.03
N PRO D 203 0.44 7.86 17.05
CA PRO D 203 0.44 7.34 18.43
C PRO D 203 -0.88 6.67 18.79
N VAL D 204 -0.81 5.90 19.88
CA VAL D 204 -1.97 5.15 20.38
C VAL D 204 -2.87 6.10 21.17
N PRO D 205 -4.18 5.83 21.28
CA PRO D 205 -5.05 6.73 22.06
C PRO D 205 -4.60 6.89 23.51
N VAL D 206 -4.82 8.09 24.04
CA VAL D 206 -4.54 8.40 25.44
C VAL D 206 -5.51 9.45 25.94
N PRO D 207 -5.76 9.53 27.25
CA PRO D 207 -6.86 10.38 27.74
C PRO D 207 -6.63 11.84 27.42
N ARG D 208 -7.72 12.50 27.03
CA ARG D 208 -7.70 13.89 26.65
C ARG D 208 -6.79 14.12 25.44
N SER D 209 -6.36 13.07 24.78
CA SER D 209 -5.48 13.14 23.62
C SER D 209 -4.20 13.91 23.94
N LEU D 210 -3.72 13.80 25.18
CA LEU D 210 -2.46 14.38 25.57
C LEU D 210 -1.31 13.54 25.01
N ASN D 211 -1.12 13.61 23.69
CA ASN D 211 -0.22 12.72 22.98
C ASN D 211 1.02 13.41 22.43
N SER D 212 1.11 14.74 22.51
CA SER D 212 2.20 15.54 21.97
C SER D 212 2.29 15.47 20.45
N ASP D 213 1.33 14.81 19.78
CA ASP D 213 1.33 14.71 18.33
C ASP D 213 0.45 15.84 17.76
N ILE D 214 1.00 17.05 17.85
CA ILE D 214 0.24 18.27 17.57
C ILE D 214 0.44 18.78 16.15
N SER D 215 1.49 18.35 15.45
CA SER D 215 1.76 18.87 14.12
C SER D 215 0.78 18.27 13.10
N TYR D 216 0.59 19.00 11.99
CA TYR D 216 -0.28 18.53 10.93
C TYR D 216 0.05 19.14 9.57
N PHE D 217 0.36 20.43 9.52
CA PHE D 217 0.32 21.18 8.27
C PHE D 217 1.70 21.48 7.67
N GLY D 218 2.76 21.49 8.48
CA GLY D 218 4.08 21.81 7.95
C GLY D 218 4.35 23.28 7.76
N VAL D 219 3.65 24.16 8.46
CA VAL D 219 3.86 25.60 8.33
C VAL D 219 3.96 26.32 9.67
N GLY D 220 3.42 25.76 10.76
CA GLY D 220 3.21 26.55 11.96
C GLY D 220 4.46 27.23 12.47
N GLY D 221 5.59 26.52 12.46
CA GLY D 221 6.83 27.09 12.96
C GLY D 221 7.29 28.29 12.16
N LYS D 222 7.06 28.29 10.85
CA LYS D 222 7.50 29.40 10.02
C LYS D 222 6.56 30.60 10.15
N GLN D 223 5.25 30.35 10.25
CA GLN D 223 4.33 31.44 10.56
C GLN D 223 4.72 32.12 11.86
N ALA D 224 5.09 31.34 12.87
CA ALA D 224 5.38 31.91 14.18
C ALA D 224 6.60 32.84 14.13
N VAL D 225 7.74 32.34 13.64
CA VAL D 225 8.96 33.13 13.71
C VAL D 225 8.83 34.39 12.86
N PHE D 226 8.15 34.30 11.72
CA PHE D 226 8.02 35.45 10.84
C PHE D 226 6.86 36.37 11.23
N PHE D 227 5.99 35.94 12.13
CA PHE D 227 5.10 36.88 12.81
C PHE D 227 5.88 37.65 13.88
N VAL D 228 6.61 36.92 14.73
CA VAL D 228 7.38 37.55 15.79
C VAL D 228 8.46 38.46 15.21
N GLY D 229 9.19 37.97 14.22
CA GLY D 229 10.32 38.71 13.70
C GLY D 229 10.51 38.59 12.21
N GLN D 230 11.74 38.85 11.75
CA GLN D 230 12.07 38.82 10.33
C GLN D 230 13.27 37.92 10.05
N SER D 231 13.73 37.15 11.02
CA SER D 231 14.89 36.29 10.85
C SER D 231 14.81 35.16 11.88
N ALA D 232 15.08 33.94 11.43
CA ALA D 232 15.03 32.76 12.28
C ALA D 232 16.32 31.98 12.12
N ARG D 233 17.06 31.81 13.21
CA ARG D 233 18.26 30.99 13.23
C ARG D 233 17.92 29.68 13.94
N MSE D 234 17.93 28.58 13.20
CA MSE D 234 17.67 27.27 13.76
C MSE D 234 18.98 26.60 14.15
O MSE D 234 19.85 26.40 13.30
CB MSE D 234 16.93 26.40 12.75
CG MSE D 234 15.60 26.98 12.28
SE MSE D 234 14.27 27.15 13.69
CE MSE D 234 14.45 25.35 14.45
N ILE D 235 19.13 26.27 15.42
CA ILE D 235 20.29 25.57 15.94
C ILE D 235 19.81 24.24 16.52
N SER D 236 20.32 23.13 16.00
CA SER D 236 19.82 21.84 16.39
C SER D 236 20.95 20.81 16.36
N LYS D 237 20.81 19.80 17.21
CA LYS D 237 21.77 18.70 17.31
C LYS D 237 21.06 17.48 17.90
N PRO D 238 20.92 16.39 17.17
CA PRO D 238 20.40 15.16 17.77
C PRO D 238 21.47 14.47 18.63
N ALA D 239 21.01 13.50 19.41
CA ALA D 239 21.93 12.73 20.25
C ALA D 239 23.06 12.12 19.42
N ASP D 240 22.72 11.41 18.35
CA ASP D 240 23.69 10.69 17.54
C ASP D 240 24.62 11.59 16.74
N SER D 241 24.43 12.90 16.76
CA SER D 241 25.16 13.81 15.87
C SER D 241 26.31 14.46 16.63
N GLN D 242 27.53 14.23 16.14
CA GLN D 242 28.70 14.92 16.67
C GLN D 242 28.62 16.42 16.42
N ASP D 243 28.01 16.83 15.31
CA ASP D 243 28.02 18.22 14.87
C ASP D 243 26.68 18.90 15.15
N VAL D 244 26.74 20.21 15.35
CA VAL D 244 25.56 21.04 15.46
C VAL D 244 25.23 21.59 14.07
N HIS D 245 23.95 21.58 13.72
CA HIS D 245 23.48 22.06 12.41
C HIS D 245 22.75 23.38 12.59
N GLU D 246 23.11 24.37 11.78
CA GLU D 246 22.62 25.73 11.95
C GLU D 246 22.14 26.30 10.62
N LEU D 247 20.90 26.80 10.59
CA LEU D 247 20.31 27.33 9.38
C LEU D 247 19.58 28.63 9.68
N VAL D 248 19.82 29.64 8.84
CA VAL D 248 19.18 30.94 8.95
C VAL D 248 18.26 31.14 7.75
N LEU D 249 16.98 31.38 8.01
CA LEU D 249 16.06 31.97 7.04
C LEU D 249 15.74 33.38 7.49
N SER D 250 15.81 34.34 6.56
CA SER D 250 15.58 35.73 6.93
C SER D 250 15.09 36.52 5.73
N LYS D 251 14.30 37.57 6.03
CA LYS D 251 13.84 38.49 5.00
C LYS D 251 15.02 39.16 4.30
N GLU D 252 16.04 39.55 5.07
CA GLU D 252 17.20 40.22 4.49
C GLU D 252 17.96 39.29 3.55
N ASP D 253 18.00 38.00 3.84
CA ASP D 253 18.68 37.06 2.95
C ASP D 253 17.90 36.89 1.65
N PHE D 254 16.59 36.69 1.74
CA PHE D 254 15.77 36.60 0.53
C PHE D 254 15.92 37.85 -0.32
N GLU D 255 15.96 39.03 0.32
CA GLU D 255 16.07 40.28 -0.42
C GLU D 255 17.43 40.41 -1.09
N LYS D 256 18.49 39.92 -0.44
CA LYS D 256 19.81 39.99 -1.05
C LYS D 256 19.90 39.03 -2.24
N LYS D 257 19.34 37.83 -2.11
CA LYS D 257 19.33 36.89 -3.22
C LYS D 257 18.52 37.42 -4.40
N GLU D 258 17.42 38.11 -4.11
CA GLU D 258 16.63 38.72 -5.19
C GLU D 258 17.44 39.80 -5.90
N LYS D 259 18.12 40.66 -5.15
CA LYS D 259 18.89 41.73 -5.76
C LYS D 259 20.02 41.18 -6.62
N ASN D 260 20.62 40.05 -6.22
CA ASN D 260 21.74 39.46 -6.94
C ASN D 260 21.30 38.42 -7.96
N LYS D 261 20.00 38.26 -8.19
CA LYS D 261 19.48 37.29 -9.14
C LYS D 261 19.98 35.89 -8.81
N GLU D 262 19.94 35.53 -7.53
CA GLU D 262 20.34 34.22 -7.06
C GLU D 262 19.12 33.37 -6.73
N ALA D 263 19.31 32.06 -6.71
CA ALA D 263 18.21 31.15 -6.44
C ALA D 263 17.60 31.44 -5.07
N ILE D 264 16.28 31.62 -5.05
CA ILE D 264 15.61 32.11 -3.85
C ILE D 264 15.60 31.07 -2.75
N TYR D 265 15.36 29.81 -3.10
CA TYR D 265 15.20 28.74 -2.11
C TYR D 265 16.41 27.80 -2.06
N SER D 266 17.60 28.34 -2.28
N SER D 266 17.61 28.33 -2.28
CA SER D 266 18.85 27.60 -2.10
CA SER D 266 18.85 27.60 -2.11
C SER D 266 19.67 28.28 -1.01
C SER D 266 19.69 28.28 -1.04
N GLY D 267 20.33 27.48 -0.21
CA GLY D 267 21.17 28.02 0.86
C GLY D 267 22.12 26.97 1.38
N TYR D 268 22.48 27.09 2.65
CA TYR D 268 23.37 26.10 3.26
C TYR D 268 23.08 25.98 4.75
N ILE D 269 23.21 24.75 5.24
CA ILE D 269 23.26 24.48 6.67
C ILE D 269 24.73 24.57 7.10
N ARG D 270 24.99 25.37 8.13
CA ARG D 270 26.33 25.41 8.72
C ARG D 270 26.45 24.30 9.75
N ASN D 271 27.46 23.47 9.59
CA ASN D 271 27.77 22.42 10.55
C ASN D 271 29.04 22.80 11.31
N ARG D 272 29.00 22.62 12.61
CA ARG D 272 30.09 23.06 13.47
C ARG D 272 30.09 22.18 14.73
N LYS D 273 31.18 22.26 15.48
CA LYS D 273 31.23 21.55 16.75
C LYS D 273 30.42 22.31 17.81
N PRO D 274 29.91 21.60 18.81
CA PRO D 274 29.22 22.28 19.91
C PRO D 274 30.03 23.42 20.49
N SER D 275 29.34 24.47 20.94
CA SER D 275 29.89 25.59 21.69
C SER D 275 30.76 26.51 20.85
N ASP D 276 30.91 26.26 19.55
CA ASP D 276 31.71 27.12 18.69
C ASP D 276 30.83 28.25 18.16
N SER D 277 31.16 29.48 18.53
CA SER D 277 30.40 30.66 18.13
C SER D 277 31.28 31.65 17.37
N VAL D 278 32.32 31.16 16.70
CA VAL D 278 33.26 32.06 16.03
C VAL D 278 32.60 32.74 14.84
N HIS D 279 31.58 32.12 14.25
CA HIS D 279 30.90 32.71 13.10
C HIS D 279 30.02 33.90 13.49
N ILE D 280 29.81 34.14 14.77
CA ILE D 280 29.02 35.29 15.23
C ILE D 280 29.98 36.45 15.44
N THR D 281 29.92 37.45 14.55
CA THR D 281 30.85 38.55 14.53
C THR D 281 30.20 39.92 14.74
N ASN D 282 28.89 40.02 14.67
CA ASN D 282 28.20 41.29 14.77
C ASN D 282 27.81 41.57 16.22
N ASP D 283 28.11 42.79 16.70
CA ASP D 283 27.77 43.15 18.05
C ASP D 283 26.26 43.11 18.29
N ASP D 284 25.46 43.30 17.23
CA ASP D 284 24.02 43.11 17.33
C ASP D 284 23.67 41.77 17.96
N GLU D 285 24.50 40.75 17.76
CA GLU D 285 24.20 39.38 18.17
C GLU D 285 25.14 38.89 19.27
N ARG D 286 25.69 39.81 20.05
CA ARG D 286 26.52 39.49 21.21
C ARG D 286 25.94 38.33 22.00
N PHE D 287 24.61 38.35 22.20
CA PHE D 287 23.96 37.39 23.09
C PHE D 287 24.18 35.95 22.64
N LEU D 288 24.41 35.72 21.35
CA LEU D 288 24.49 34.34 20.86
C LEU D 288 25.68 33.60 21.46
N HIS D 289 26.76 34.31 21.80
CA HIS D 289 27.89 33.65 22.43
C HIS D 289 27.47 32.98 23.74
N HIS D 290 26.66 33.67 24.54
CA HIS D 290 26.17 33.09 25.79
C HIS D 290 25.21 31.93 25.51
N LEU D 291 24.42 32.01 24.44
CA LEU D 291 23.57 30.89 24.08
C LEU D 291 24.39 29.70 23.58
N ILE D 292 25.31 29.95 22.66
CA ILE D 292 26.07 28.87 22.03
C ILE D 292 26.90 28.12 23.08
N ILE D 293 27.50 28.85 24.02
CA ILE D 293 28.40 28.25 24.99
C ILE D 293 27.69 27.19 25.84
N GLU D 294 26.37 27.26 25.96
CA GLU D 294 25.62 26.29 26.74
C GLU D 294 25.43 24.95 26.02
N GLU D 295 25.96 24.80 24.81
CA GLU D 295 25.73 23.58 24.06
C GLU D 295 26.53 22.41 24.62
N LYS D 296 27.66 22.68 25.26
CA LYS D 296 28.45 21.60 25.86
C LYS D 296 27.63 20.81 26.87
N GLU D 297 26.59 21.42 27.45
CA GLU D 297 25.83 20.81 28.52
C GLU D 297 24.70 19.90 28.03
N LYS D 298 24.54 19.71 26.72
CA LYS D 298 23.35 19.05 26.19
C LYS D 298 23.74 17.98 25.18
N ASP D 299 23.18 16.77 25.37
CA ASP D 299 23.34 15.70 24.39
C ASP D 299 22.53 15.97 23.13
N SER D 300 21.40 16.68 23.26
CA SER D 300 20.53 16.96 22.13
C SER D 300 19.69 18.17 22.46
N PHE D 301 19.33 18.94 21.43
CA PHE D 301 18.60 20.18 21.66
C PHE D 301 18.18 20.78 20.32
N THR D 302 17.25 21.73 20.39
CA THR D 302 16.96 22.63 19.29
C THR D 302 16.72 24.02 19.85
N ALA D 303 17.23 25.03 19.16
CA ALA D 303 17.05 26.42 19.57
C ALA D 303 16.60 27.24 18.37
N VAL D 304 15.42 27.85 18.49
CA VAL D 304 14.92 28.81 17.51
C VAL D 304 15.24 30.20 18.02
N VAL D 305 15.97 30.98 17.25
CA VAL D 305 16.37 32.33 17.66
C VAL D 305 15.77 33.30 16.65
N ILE D 306 14.80 34.10 17.12
CA ILE D 306 14.09 35.06 16.29
C ILE D 306 14.69 36.43 16.55
N THR D 307 15.03 37.15 15.48
CA THR D 307 15.53 38.51 15.58
C THR D 307 14.76 39.37 14.58
N GLY D 308 15.02 40.68 14.61
CA GLY D 308 14.16 41.60 13.90
C GLY D 308 12.77 41.63 14.48
N VAL D 309 12.66 41.51 15.81
CA VAL D 309 11.37 41.45 16.48
C VAL D 309 10.64 42.78 16.30
N GLN D 310 9.36 42.71 15.97
CA GLN D 310 8.60 43.93 15.76
C GLN D 310 8.53 44.72 17.07
N PRO D 311 8.69 46.05 17.02
CA PRO D 311 8.69 46.82 18.27
C PRO D 311 7.41 46.67 19.08
N GLU D 312 6.25 46.48 18.44
CA GLU D 312 5.00 46.41 19.17
C GLU D 312 4.88 45.11 19.95
N HIS D 313 5.49 44.02 19.47
CA HIS D 313 5.53 42.77 20.23
C HIS D 313 6.42 42.92 21.45
N ILE D 314 7.52 43.66 21.32
CA ILE D 314 8.40 43.90 22.46
C ILE D 314 7.66 44.66 23.56
N GLN D 315 6.94 45.71 23.17
CA GLN D 315 6.25 46.54 24.14
C GLN D 315 5.18 45.74 24.88
N TYR D 316 4.43 44.90 24.16
CA TYR D 316 3.40 44.09 24.80
C TYR D 316 4.02 43.05 25.72
N LEU D 317 5.06 42.37 25.25
CA LEU D 317 5.68 41.32 26.06
C LEU D 317 6.31 41.89 27.33
N LYS D 318 6.82 43.13 27.25
CA LYS D 318 7.42 43.75 28.43
C LYS D 318 6.35 44.17 29.43
N ASN D 319 5.25 44.75 28.95
CA ASN D 319 4.30 45.43 29.84
C ASN D 319 3.21 44.53 30.39
N TYR D 320 2.98 43.35 29.81
CA TYR D 320 1.90 42.46 30.23
C TYR D 320 2.42 41.05 30.43
N PHE D 321 3.57 40.93 31.11
CA PHE D 321 4.19 39.63 31.33
C PHE D 321 3.24 38.66 32.01
N HIS D 322 2.55 39.11 33.04
CA HIS D 322 1.67 38.22 33.78
C HIS D 322 0.49 37.73 32.93
N LEU D 323 0.03 38.57 31.99
CA LEU D 323 -1.12 38.18 31.18
C LEU D 323 -0.74 37.13 30.14
N TRP D 324 0.32 37.37 29.37
CA TRP D 324 0.61 36.46 28.26
C TRP D 324 1.24 35.15 28.72
N THR D 325 1.94 35.16 29.87
CA THR D 325 2.39 33.87 30.41
C THR D 325 1.23 33.08 30.98
N ARG D 326 0.22 33.75 31.55
CA ARG D 326 -0.99 33.06 31.96
C ARG D 326 -1.72 32.47 30.77
N GLN D 327 -1.77 33.19 29.66
CA GLN D 327 -2.34 32.66 28.43
C GLN D 327 -1.68 31.34 28.06
N LEU D 328 -0.35 31.28 28.11
CA LEU D 328 0.35 30.05 27.74
C LEU D 328 0.04 28.92 28.72
N ALA D 329 -0.02 29.23 30.02
CA ALA D 329 -0.39 28.22 30.99
C ALA D 329 -1.80 27.70 30.74
N HIS D 330 -2.72 28.61 30.41
CA HIS D 330 -4.07 28.21 30.03
C HIS D 330 -4.04 27.21 28.87
N ILE D 331 -3.33 27.56 27.80
CA ILE D 331 -3.31 26.72 26.60
C ILE D 331 -2.77 25.32 26.92
N TYR D 332 -1.73 25.24 27.74
CA TYR D 332 -1.06 23.98 28.00
C TYR D 332 -1.38 23.42 29.38
N HIS D 333 -2.51 23.83 29.96
CA HIS D 333 -2.88 23.41 31.30
C HIS D 333 -2.75 21.89 31.47
N TYR D 334 -3.26 21.12 30.50
CA TYR D 334 -3.36 19.69 30.68
C TYR D 334 -2.08 18.95 30.30
N TYR D 335 -1.22 19.56 29.49
CA TYR D 335 0.14 19.02 29.33
C TYR D 335 0.95 19.26 30.59
N ILE D 336 0.72 20.40 31.25
CA ILE D 336 1.48 20.78 32.44
C ILE D 336 1.04 19.94 33.63
N HIS D 337 -0.27 19.82 33.84
CA HIS D 337 -0.80 19.21 35.06
C HIS D 337 -1.41 17.84 34.86
N GLY D 338 -1.49 17.36 33.61
CA GLY D 338 -2.05 16.05 33.34
C GLY D 338 -3.53 16.11 33.05
N PRO D 339 -4.13 14.94 32.81
CA PRO D 339 -5.52 14.92 32.33
C PRO D 339 -6.54 15.44 33.33
N LYS D 340 -6.27 15.34 34.64
CA LYS D 340 -7.23 15.80 35.64
C LYS D 340 -7.16 17.30 35.88
N GLY D 341 -6.15 17.98 35.34
CA GLY D 341 -5.99 19.39 35.59
C GLY D 341 -5.25 19.67 36.88
N ASN D 342 -5.23 20.95 37.24
CA ASN D 342 -4.42 21.44 38.37
C ASN D 342 -5.27 21.35 39.64
N GLU D 343 -5.42 20.13 40.13
CA GLU D 343 -6.18 19.88 41.35
C GLU D 343 -5.30 20.04 42.59
N ASN D 354 4.23 15.88 36.31
CA ASN D 354 5.00 15.19 35.28
C ASN D 354 6.29 15.93 34.99
N ASN D 355 6.89 15.63 33.84
CA ASN D 355 8.26 16.03 33.54
C ASN D 355 8.35 17.15 32.50
N ILE D 356 7.28 17.92 32.31
CA ILE D 356 7.27 19.01 31.35
C ILE D 356 7.51 20.32 32.08
N ASP D 357 8.64 20.97 31.79
CA ASP D 357 9.00 22.25 32.38
C ASP D 357 9.03 23.30 31.27
N ILE D 358 8.01 24.14 31.22
CA ILE D 358 7.95 25.26 30.28
C ILE D 358 8.36 26.49 31.06
N GLU D 359 9.52 27.05 30.73
CA GLU D 359 10.15 28.09 31.53
C GLU D 359 10.22 29.38 30.71
N ILE D 360 9.60 30.43 31.24
CA ILE D 360 9.62 31.75 30.62
C ILE D 360 10.63 32.61 31.37
N SER D 361 11.52 33.26 30.64
CA SER D 361 12.46 34.22 31.24
C SER D 361 12.59 35.43 30.33
N MSE D 362 12.53 36.61 30.94
CA MSE D 362 12.65 37.86 30.19
C MSE D 362 13.74 38.73 30.80
O MSE D 362 13.78 38.94 32.00
CB MSE D 362 11.31 38.61 30.18
CG MSE D 362 11.28 39.86 29.33
SE MSE D 362 9.48 40.49 28.97
CE MSE D 362 8.95 40.89 30.80
N PHE D 363 14.61 39.24 29.94
CA PHE D 363 15.79 40.00 30.38
C PHE D 363 15.69 41.42 29.84
N GLU D 364 15.92 42.39 30.72
CA GLU D 364 15.76 43.80 30.42
C GLU D 364 16.87 44.58 31.09
N LYS D 365 17.39 45.58 30.39
CA LYS D 365 18.48 46.38 30.94
C LYS D 365 18.09 46.98 32.29
N GLY D 366 18.95 46.77 33.29
CA GLY D 366 18.75 47.39 34.58
C GLY D 366 17.62 46.82 35.40
N LYS D 367 17.05 45.68 35.01
CA LYS D 367 15.98 45.04 35.75
C LYS D 367 16.36 43.60 36.08
N VAL D 368 15.78 43.09 37.16
CA VAL D 368 16.00 41.69 37.54
C VAL D 368 15.30 40.80 36.53
N PRO D 369 15.88 39.67 36.14
CA PRO D 369 15.17 38.75 35.24
C PRO D 369 13.80 38.36 35.78
N LYS D 370 12.80 38.43 34.91
CA LYS D 370 11.48 37.89 35.20
C LYS D 370 11.45 36.44 34.75
N ILE D 371 11.13 35.53 35.67
CA ILE D 371 11.17 34.11 35.40
C ILE D 371 9.93 33.46 35.99
N VAL D 372 9.33 32.53 35.25
CA VAL D 372 8.18 31.78 35.74
C VAL D 372 8.12 30.46 35.00
N ASN D 373 7.89 29.39 35.76
CA ASN D 373 7.49 28.10 35.20
C ASN D 373 5.97 28.08 35.13
N LEU D 374 5.43 27.71 33.97
CA LEU D 374 3.99 27.80 33.77
C LEU D 374 3.22 26.99 34.81
N ARG D 375 3.83 25.94 35.35
CA ARG D 375 3.18 25.15 36.39
C ARG D 375 2.92 25.97 37.64
N GLU D 376 3.69 27.04 37.86
CA GLU D 376 3.50 27.88 39.04
C GLU D 376 2.24 28.73 38.96
N ILE D 377 1.72 28.96 37.76
CA ILE D 377 0.59 29.87 37.59
C ILE D 377 -0.68 29.18 38.05
N GLN D 378 -1.49 29.89 38.83
CA GLN D 378 -2.67 29.30 39.47
C GLN D 378 -3.95 30.06 39.18
N ASP D 379 -3.89 31.19 38.47
CA ASP D 379 -5.09 31.95 38.12
C ASP D 379 -5.37 31.92 36.62
N ASP D 380 -4.89 30.88 35.94
CA ASP D 380 -5.35 30.61 34.59
C ASP D 380 -6.76 30.02 34.66
N MSE D 381 -7.54 30.26 33.61
CA MSE D 381 -8.95 29.91 33.63
C MSE D 381 -9.20 28.44 34.00
O MSE D 381 -10.09 28.16 34.79
CB MSE D 381 -9.59 30.22 32.28
CG MSE D 381 -9.71 31.72 31.99
SE MSE D 381 -10.66 32.71 33.40
CE MSE D 381 -12.18 31.50 33.63
N GLN D 382 -8.41 27.53 33.45
CA GLN D 382 -8.64 26.12 33.72
C GLN D 382 -8.37 25.78 35.19
N THR D 383 -7.31 26.35 35.77
CA THR D 383 -7.07 26.15 37.19
C THR D 383 -8.25 26.64 38.02
N LEU D 384 -8.79 27.81 37.69
CA LEU D 384 -9.91 28.36 38.44
C LEU D 384 -11.13 27.46 38.33
N TYR D 385 -11.44 26.99 37.11
CA TYR D 385 -12.57 26.08 36.95
C TYR D 385 -12.38 24.81 37.76
N VAL D 386 -11.17 24.25 37.73
CA VAL D 386 -10.92 22.96 38.37
C VAL D 386 -11.09 23.07 39.88
N ASN D 387 -10.66 24.18 40.47
CA ASN D 387 -10.59 24.29 41.93
C ASN D 387 -11.87 24.81 42.56
N THR D 388 -12.56 25.73 41.90
CA THR D 388 -13.87 26.17 42.38
C THR D 388 -14.98 25.17 42.05
N ALA D 389 -14.63 24.02 41.49
CA ALA D 389 -15.62 23.01 41.14
C ALA D 389 -15.93 22.15 42.35
N ALA D 390 -17.23 21.98 42.63
CA ALA D 390 -17.67 21.06 43.66
C ALA D 390 -17.86 19.65 43.15
N ASP D 391 -18.14 19.48 41.86
CA ASP D 391 -18.39 18.17 41.28
C ASP D 391 -18.27 18.27 39.78
N SER D 392 -18.09 17.12 39.13
CA SER D 392 -17.89 17.07 37.69
C SER D 392 -18.83 16.05 37.05
N PHE D 393 -19.06 16.25 35.75
CA PHE D 393 -19.94 15.41 34.95
C PHE D 393 -19.24 15.16 33.63
N GLU D 394 -18.85 13.90 33.38
CA GLU D 394 -18.03 13.55 32.23
C GLU D 394 -18.86 12.77 31.22
N PHE D 395 -18.49 12.88 29.94
CA PHE D 395 -19.26 12.26 28.88
C PHE D 395 -18.41 12.10 27.63
N LYS D 396 -18.95 11.34 26.68
CA LYS D 396 -18.35 11.11 25.37
C LYS D 396 -19.38 11.42 24.31
N ALA D 397 -18.98 12.13 23.25
CA ALA D 397 -19.82 12.34 22.08
C ALA D 397 -19.22 11.55 20.92
N HIS D 398 -20.00 10.59 20.40
CA HIS D 398 -19.59 9.76 19.26
C HIS D 398 -20.20 10.36 17.99
N VAL D 399 -19.36 10.93 17.12
CA VAL D 399 -19.80 11.47 15.84
C VAL D 399 -19.68 10.37 14.80
N GLU D 400 -20.79 10.04 14.14
CA GLU D 400 -20.81 8.94 13.19
C GLU D 400 -19.73 9.11 12.13
N GLY D 401 -18.90 8.08 11.98
CA GLY D 401 -17.85 8.07 10.98
C GLY D 401 -16.66 8.96 11.25
N ASP D 402 -16.75 9.85 12.23
CA ASP D 402 -15.65 10.77 12.53
C ASP D 402 -14.80 10.26 13.68
N GLY D 403 -15.33 10.31 14.89
CA GLY D 403 -14.56 9.89 16.05
C GLY D 403 -15.25 10.34 17.34
N VAL D 404 -14.45 10.48 18.38
CA VAL D 404 -14.94 10.63 19.75
C VAL D 404 -14.42 11.94 20.32
N VAL D 405 -15.32 12.68 20.96
CA VAL D 405 -14.96 13.88 21.72
C VAL D 405 -15.18 13.59 23.19
N GLU D 406 -14.14 13.77 24.00
CA GLU D 406 -14.26 13.66 25.44
C GLU D 406 -14.71 15.00 26.02
N GLY D 407 -15.65 14.94 26.96
CA GLY D 407 -16.19 16.14 27.55
C GLY D 407 -16.28 16.02 29.07
N ILE D 408 -16.31 17.18 29.71
CA ILE D 408 -16.46 17.26 31.16
C ILE D 408 -17.19 18.56 31.48
N ILE D 409 -18.18 18.46 32.37
CA ILE D 409 -18.88 19.63 32.91
C ILE D 409 -18.56 19.74 34.38
N ARG D 410 -18.48 20.98 34.88
CA ARG D 410 -18.11 21.25 36.26
C ARG D 410 -19.13 22.19 36.88
N TYR D 411 -19.50 21.93 38.13
CA TYR D 411 -20.48 22.73 38.84
C TYR D 411 -19.78 23.67 39.81
N HIS D 412 -20.20 24.93 39.80
CA HIS D 412 -19.64 25.96 40.68
C HIS D 412 -20.75 26.50 41.57
N PRO D 413 -20.81 26.13 42.84
CA PRO D 413 -22.00 26.43 43.65
C PRO D 413 -22.09 27.89 44.04
N PHE D 414 -23.31 28.27 44.43
CA PHE D 414 -23.57 29.52 45.14
C PHE D 414 -23.38 29.28 46.63
N LEU D 415 -22.54 30.10 47.26
CA LEU D 415 -22.16 29.90 48.66
C LEU D 415 -22.57 31.13 49.47
N TYR D 416 -23.62 30.95 50.28
CA TYR D 416 -24.18 31.99 51.14
C TYR D 416 -24.52 33.28 50.38
N ASP D 417 -23.52 34.12 50.10
CA ASP D 417 -23.78 35.45 49.54
C ASP D 417 -23.03 35.72 48.23
N ARG D 418 -22.59 34.68 47.52
CA ARG D 418 -21.85 34.93 46.29
C ARG D 418 -21.88 33.72 45.38
N GLU D 419 -21.87 34.00 44.08
CA GLU D 419 -21.60 32.97 43.08
C GLU D 419 -20.10 32.72 43.00
N THR D 420 -19.72 31.46 42.82
CA THR D 420 -18.32 31.09 42.76
C THR D 420 -17.83 30.81 41.35
N TYR D 421 -18.68 30.99 40.34
CA TYR D 421 -18.24 30.79 38.96
C TYR D 421 -17.12 31.77 38.67
N PRO D 422 -15.91 31.31 38.33
CA PRO D 422 -14.78 32.24 38.19
C PRO D 422 -15.03 33.30 37.13
N ASP D 423 -14.44 34.47 37.34
CA ASP D 423 -14.49 35.54 36.37
C ASP D 423 -13.50 35.28 35.22
N ASP D 424 -13.79 35.87 34.08
CA ASP D 424 -12.92 35.78 32.91
C ASP D 424 -12.60 37.19 32.45
N PRO D 425 -11.34 37.65 32.55
CA PRO D 425 -11.04 39.04 32.13
C PRO D 425 -11.46 39.34 30.70
N CYS D 426 -11.55 38.33 29.84
CA CYS D 426 -12.06 38.56 28.49
C CYS D 426 -13.53 38.95 28.50
N PHE D 427 -14.25 38.65 29.58
CA PHE D 427 -15.69 38.88 29.68
C PHE D 427 -15.99 39.59 30.99
N PRO D 428 -15.79 40.91 31.04
CA PRO D 428 -16.14 41.66 32.27
C PRO D 428 -17.64 41.79 32.46
N LYS D 445 -29.14 35.18 35.21
CA LYS D 445 -27.81 34.79 34.77
C LYS D 445 -26.73 35.53 35.55
N ALA D 446 -26.42 35.03 36.75
CA ALA D 446 -25.51 35.70 37.66
C ALA D 446 -24.12 35.09 37.69
N ALA D 447 -24.00 33.79 37.40
CA ALA D 447 -22.72 33.10 37.49
C ALA D 447 -21.99 33.12 36.15
N ARG D 448 -22.23 32.14 35.30
CA ARG D 448 -21.57 32.10 33.99
C ARG D 448 -21.96 33.29 33.13
N GLY D 449 -23.13 33.87 33.37
CA GLY D 449 -23.59 34.95 32.52
C GLY D 449 -23.88 34.45 31.11
N LYS D 450 -23.53 35.27 30.12
CA LYS D 450 -23.71 34.92 28.72
C LYS D 450 -22.51 34.16 28.16
N ARG D 451 -21.49 33.91 28.96
CA ARG D 451 -20.29 33.24 28.46
C ARG D 451 -20.61 31.81 28.06
N PRO D 452 -19.87 31.26 27.10
CA PRO D 452 -20.11 29.87 26.69
C PRO D 452 -19.65 28.89 27.75
N ILE D 453 -20.25 27.70 27.73
CA ILE D 453 -19.92 26.67 28.72
C ILE D 453 -18.54 26.10 28.42
N PHE D 454 -18.31 25.69 27.18
CA PHE D 454 -17.24 24.76 26.85
C PHE D 454 -16.04 25.45 26.20
N GLU D 455 -14.87 25.24 26.79
CA GLU D 455 -13.61 25.44 26.10
C GLU D 455 -13.25 24.15 25.38
N CYS D 456 -12.51 24.28 24.27
CA CYS D 456 -12.27 23.16 23.38
C CYS D 456 -10.78 22.93 23.20
N PHE D 457 -10.38 21.66 23.24
CA PHE D 457 -8.98 21.27 23.15
C PHE D 457 -8.78 20.29 22.00
N TRP D 458 -7.60 20.38 21.39
CA TRP D 458 -7.24 19.57 20.22
C TRP D 458 -5.86 18.99 20.48
N ASN D 459 -5.78 17.67 20.56
CA ASN D 459 -4.53 16.98 20.89
C ASN D 459 -3.92 17.55 22.17
N GLY D 460 -4.78 17.86 23.14
CA GLY D 460 -4.35 18.22 24.47
C GLY D 460 -4.14 19.70 24.71
N ARG D 461 -4.09 20.53 23.67
CA ARG D 461 -3.86 21.96 23.83
C ARG D 461 -5.11 22.74 23.46
N LEU D 462 -5.27 23.89 24.11
CA LEU D 462 -6.43 24.73 23.87
C LEU D 462 -6.44 25.24 22.45
N ILE D 463 -7.64 25.32 21.86
CA ILE D 463 -7.87 26.02 20.61
C ILE D 463 -8.56 27.34 20.96
N PRO D 464 -7.87 28.48 20.92
CA PRO D 464 -8.33 29.65 21.68
C PRO D 464 -9.66 30.22 21.24
N TYR D 465 -9.97 30.24 19.94
CA TYR D 465 -11.10 31.00 19.43
C TYR D 465 -12.32 30.16 19.10
N THR D 466 -12.34 28.89 19.49
CA THR D 466 -13.52 28.04 19.32
C THR D 466 -14.09 27.72 20.69
N SER D 467 -15.34 28.10 20.91
CA SER D 467 -16.11 27.69 22.06
C SER D 467 -17.41 27.09 21.60
N VAL D 468 -18.06 26.35 22.50
CA VAL D 468 -19.40 25.82 22.29
C VAL D 468 -20.26 26.34 23.43
N GLU D 469 -21.30 27.09 23.08
CA GLU D 469 -22.11 27.77 24.10
C GLU D 469 -22.82 26.75 24.99
N ASP D 470 -23.47 25.76 24.41
CA ASP D 470 -24.22 24.76 25.16
C ASP D 470 -24.68 23.68 24.21
N PHE D 471 -25.19 22.58 24.78
CA PHE D 471 -25.95 21.59 24.05
C PHE D 471 -27.38 21.54 24.59
N ASP D 472 -28.31 21.08 23.74
CA ASP D 472 -29.69 20.96 24.15
C ASP D 472 -29.81 20.22 25.47
N TRP D 473 -29.01 19.16 25.65
CA TRP D 473 -29.18 18.30 26.80
C TRP D 473 -28.62 18.89 28.10
N CYS D 474 -28.04 20.09 28.08
CA CYS D 474 -27.56 20.75 29.30
C CYS D 474 -27.96 22.22 29.30
N THR D 475 -29.05 22.52 28.63
CA THR D 475 -29.81 23.74 28.77
C THR D 475 -31.07 23.48 29.55
N PRO D 476 -31.70 24.52 30.08
CA PRO D 476 -32.96 24.39 30.83
C PRO D 476 -34.08 23.82 29.97
N PRO D 477 -34.92 22.91 30.49
CA PRO D 477 -36.04 22.43 29.69
C PRO D 477 -37.20 23.44 29.62
N LEU D 482 -37.18 20.73 36.88
CA LEU D 482 -36.63 19.63 37.65
C LEU D 482 -35.54 20.12 38.59
N ALA D 483 -34.67 20.98 38.08
CA ALA D 483 -33.64 21.64 38.88
C ALA D 483 -33.75 23.13 38.68
N PRO D 484 -33.49 23.94 39.70
CA PRO D 484 -33.72 25.39 39.58
C PRO D 484 -33.05 25.95 38.34
N ILE D 485 -33.73 26.92 37.72
CA ILE D 485 -33.23 27.51 36.49
C ILE D 485 -31.84 28.07 36.70
N GLU D 486 -31.56 28.63 37.88
CA GLU D 486 -30.29 29.30 38.12
C GLU D 486 -29.12 28.33 38.13
N CYS D 487 -29.36 27.04 38.33
CA CYS D 487 -28.28 26.07 38.34
C CYS D 487 -27.66 25.90 36.96
N TYR D 488 -28.43 26.15 35.91
CA TYR D 488 -27.93 25.99 34.54
C TYR D 488 -26.90 27.05 34.17
N ASN D 489 -26.82 28.14 34.94
CA ASN D 489 -25.82 29.17 34.72
C ASN D 489 -24.56 28.95 35.55
N ARG D 490 -24.44 27.79 36.22
CA ARG D 490 -23.35 27.53 37.14
C ARG D 490 -22.45 26.39 36.68
N ILE D 491 -22.51 26.03 35.40
CA ILE D 491 -21.72 24.92 34.87
C ILE D 491 -20.72 25.46 33.85
N SER D 492 -19.47 25.04 33.99
CA SER D 492 -18.45 25.18 32.96
C SER D 492 -18.11 23.79 32.43
N GLY D 493 -17.23 23.74 31.44
CA GLY D 493 -16.86 22.46 30.87
C GLY D 493 -15.79 22.61 29.82
N ALA D 494 -15.31 21.45 29.36
CA ALA D 494 -14.28 21.39 28.34
C ALA D 494 -14.53 20.19 27.45
N LEU D 495 -14.20 20.35 26.16
CA LEU D 495 -14.26 19.28 25.19
C LEU D 495 -12.85 19.01 24.66
N PHE D 496 -12.52 17.73 24.48
CA PHE D 496 -11.19 17.30 24.08
C PHE D 496 -11.31 16.38 22.88
N THR D 497 -10.63 16.73 21.78
CA THR D 497 -10.62 15.91 20.58
C THR D 497 -9.18 15.53 20.23
N ASN D 498 -9.05 14.58 19.32
CA ASN D 498 -7.81 14.31 18.63
C ASN D 498 -7.90 14.90 17.22
N ASP D 499 -7.11 14.36 16.28
CA ASP D 499 -7.06 14.92 14.94
C ASP D 499 -8.24 14.48 14.06
N LYS D 500 -9.12 13.61 14.55
CA LYS D 500 -10.31 13.26 13.79
C LYS D 500 -11.21 14.46 13.55
N PHE D 501 -11.04 15.53 14.32
CA PHE D 501 -11.79 16.76 14.15
C PHE D 501 -10.81 17.86 13.74
N GLN D 502 -11.04 18.45 12.58
CA GLN D 502 -10.04 19.28 11.93
C GLN D 502 -9.98 20.68 12.55
N VAL D 503 -8.79 21.25 12.56
CA VAL D 503 -8.56 22.63 12.96
C VAL D 503 -8.02 23.41 11.77
N SER D 504 -8.15 24.72 11.84
CA SER D 504 -7.60 25.58 10.81
C SER D 504 -6.06 25.58 10.89
N THR D 505 -5.43 26.06 9.82
CA THR D 505 -3.97 26.01 9.72
C THR D 505 -3.32 26.68 10.93
N ASN D 506 -3.80 27.88 11.30
CA ASN D 506 -3.23 28.62 12.40
C ASN D 506 -3.63 28.05 13.77
N LYS D 507 -4.43 27.00 13.80
CA LYS D 507 -4.85 26.36 15.05
C LYS D 507 -5.46 27.37 16.03
N LEU D 508 -6.09 28.41 15.49
CA LEU D 508 -6.90 29.30 16.30
C LEU D 508 -8.34 28.81 16.42
N THR D 509 -8.83 28.06 15.42
CA THR D 509 -10.22 27.63 15.39
C THR D 509 -10.32 26.18 14.92
N PHE D 510 -11.33 25.48 15.45
CA PHE D 510 -11.80 24.25 14.84
C PHE D 510 -12.50 24.59 13.52
N MSE D 511 -12.46 23.63 12.59
CA MSE D 511 -13.12 23.83 11.30
C MSE D 511 -14.64 23.75 11.41
O MSE D 511 -15.35 24.60 10.90
CB MSE D 511 -12.62 22.81 10.28
CG MSE D 511 -11.18 23.01 9.82
SE MSE D 511 -10.88 24.68 8.89
CE MSE D 511 -11.84 24.32 7.24
N ASP D 512 -15.12 22.71 12.09
CA ASP D 512 -16.56 22.43 12.11
C ASP D 512 -16.95 21.57 13.31
N LEU D 513 -16.38 21.86 14.49
CA LEU D 513 -16.58 20.99 15.64
C LEU D 513 -18.01 21.06 16.15
N GLU D 514 -18.55 22.26 16.34
CA GLU D 514 -19.88 22.37 16.91
C GLU D 514 -20.93 21.80 15.97
N LEU D 515 -20.76 22.00 14.66
CA LEU D 515 -21.73 21.45 13.71
C LEU D 515 -21.74 19.93 13.78
N LYS D 516 -20.57 19.31 13.94
CA LYS D 516 -20.52 17.86 14.00
C LYS D 516 -21.04 17.32 15.33
N LEU D 517 -20.81 18.05 16.43
CA LEU D 517 -21.31 17.60 17.72
C LEU D 517 -22.84 17.68 17.78
N LYS D 518 -23.43 18.65 17.11
CA LYS D 518 -24.87 18.84 17.14
C LYS D 518 -25.59 18.14 16.01
N ASP D 519 -24.88 17.39 15.17
CA ASP D 519 -25.53 16.56 14.17
C ASP D 519 -26.49 15.60 14.86
N LYS D 520 -27.62 15.32 14.22
CA LYS D 520 -28.65 14.48 14.83
C LYS D 520 -28.15 13.07 15.07
N ASN D 521 -27.13 12.62 14.34
CA ASN D 521 -26.59 11.28 14.47
C ASN D 521 -25.46 11.19 15.50
N THR D 522 -25.18 12.29 16.21
CA THR D 522 -24.15 12.29 17.24
C THR D 522 -24.75 11.77 18.53
N LEU D 523 -24.12 10.74 19.10
CA LEU D 523 -24.58 10.13 20.34
C LEU D 523 -23.79 10.68 21.52
N PHE D 524 -24.49 11.35 22.44
CA PHE D 524 -23.91 11.75 23.70
C PHE D 524 -24.18 10.69 24.76
N THR D 525 -23.17 10.37 25.56
CA THR D 525 -23.28 9.33 26.57
C THR D 525 -22.45 9.71 27.78
N ARG D 526 -23.01 9.53 28.97
CA ARG D 526 -22.29 9.81 30.20
C ARG D 526 -21.24 8.74 30.47
N ILE D 527 -20.17 9.15 31.13
CA ILE D 527 -19.09 8.25 31.53
C ILE D 527 -19.02 8.28 33.06
N LEU D 528 -19.22 7.11 33.67
CA LEU D 528 -19.12 6.97 35.12
C LEU D 528 -18.16 5.84 35.45
N ASN D 529 -17.17 6.12 36.29
CA ASN D 529 -16.18 5.15 36.70
C ASN D 529 -15.67 4.34 35.51
N GLY D 530 -15.46 5.02 34.38
CA GLY D 530 -14.91 4.38 33.21
C GLY D 530 -15.89 3.64 32.32
N GLN D 531 -17.16 3.56 32.72
CA GLN D 531 -18.17 2.82 31.98
C GLN D 531 -19.18 3.76 31.35
N GLU D 532 -19.56 3.48 30.10
CA GLU D 532 -20.55 4.28 29.39
C GLU D 532 -21.94 3.91 29.92
N GLN D 533 -22.61 4.88 30.53
CA GLN D 533 -24.00 4.65 30.95
C GLN D 533 -24.89 4.46 29.74
N ARG D 534 -25.97 3.70 29.92
CA ARG D 534 -26.89 3.41 28.82
C ARG D 534 -28.06 4.40 28.76
N MSE D 535 -28.22 5.26 29.75
CA MSE D 535 -29.37 6.16 29.82
C MSE D 535 -29.23 7.33 28.85
O MSE D 535 -28.16 7.58 28.30
CB MSE D 535 -29.55 6.70 31.24
CG MSE D 535 -29.55 5.64 32.33
SE MSE D 535 -29.56 6.42 34.11
CE MSE D 535 -31.25 7.39 34.01
N LYS D 536 -30.33 8.05 28.66
CA LYS D 536 -30.29 9.31 27.94
C LYS D 536 -29.49 10.33 28.74
N ILE D 537 -28.55 11.01 28.09
CA ILE D 537 -27.75 12.00 28.78
C ILE D 537 -28.61 13.15 29.26
N ASP D 538 -29.73 13.41 28.59
CA ASP D 538 -30.61 14.50 29.00
C ASP D 538 -31.09 14.29 30.43
N ARG D 539 -31.48 13.07 30.78
CA ARG D 539 -32.01 12.80 32.12
C ARG D 539 -30.88 12.72 33.14
N GLU D 540 -29.83 11.95 32.85
CA GLU D 540 -28.69 11.84 33.76
C GLU D 540 -28.22 13.22 34.22
N PHE D 541 -28.20 14.19 33.31
CA PHE D 541 -27.64 15.50 33.63
C PHE D 541 -28.60 16.33 34.48
N ALA D 542 -29.90 16.28 34.19
CA ALA D 542 -30.86 17.01 35.00
C ALA D 542 -30.89 16.49 36.43
N LEU D 543 -30.70 15.18 36.61
CA LEU D 543 -30.59 14.63 37.96
C LEU D 543 -29.31 15.09 38.63
N TRP D 544 -28.17 14.92 37.95
CA TRP D 544 -26.89 15.37 38.48
C TRP D 544 -26.95 16.84 38.88
N LEU D 545 -27.50 17.69 38.00
CA LEU D 545 -27.59 19.11 38.29
C LEU D 545 -28.51 19.41 39.47
N LYS D 546 -29.46 18.52 39.76
CA LYS D 546 -30.33 18.69 40.92
C LYS D 546 -29.61 18.28 42.20
N ASP D 547 -28.93 17.13 42.16
CA ASP D 547 -28.14 16.71 43.31
C ASP D 547 -27.07 17.73 43.67
N CYS D 548 -26.53 18.43 42.67
CA CYS D 548 -25.53 19.46 42.95
C CYS D 548 -26.15 20.63 43.69
N HIS D 549 -27.34 21.07 43.28
CA HIS D 549 -28.01 22.18 43.95
C HIS D 549 -28.31 21.82 45.41
N GLU D 550 -28.87 20.64 45.65
CA GLU D 550 -29.25 20.24 46.99
C GLU D 550 -28.04 19.96 47.87
N LYS D 551 -26.91 19.60 47.26
CA LYS D 551 -25.74 19.14 48.01
C LYS D 551 -24.68 20.20 48.22
N TYR D 552 -24.55 21.16 47.30
CA TYR D 552 -23.45 22.12 47.34
C TYR D 552 -23.87 23.56 47.50
N ASP D 553 -25.04 23.95 46.99
CA ASP D 553 -25.48 25.33 47.15
C ASP D 553 -25.92 25.57 48.59
N LYS D 554 -25.64 26.76 49.08
CA LYS D 554 -25.89 27.09 50.49
C LYS D 554 -26.16 28.59 50.65
PG ATP E . 7.37 -39.45 1.72
O1G ATP E . 7.36 -38.71 0.41
O2G ATP E . 6.00 -39.84 2.21
O3G ATP E . 8.21 -38.77 2.78
PB ATP E . 9.63 -41.17 1.93
O1B ATP E . 9.92 -42.61 1.57
O2B ATP E . 9.81 -40.74 3.36
O3B ATP E . 8.13 -40.84 1.42
PA ATP E . 11.71 -39.33 1.58
O1A ATP E . 12.26 -38.51 0.43
O2A ATP E . 11.19 -38.65 2.81
O3A ATP E . 10.54 -40.26 0.98
O5' ATP E . 12.79 -40.43 2.03
C5' ATP E . 13.33 -41.28 1.03
C4' ATP E . 13.87 -42.54 1.69
O4' ATP E . 15.14 -42.29 2.28
C3' ATP E . 12.99 -43.11 2.79
O3' ATP E . 12.02 -44.04 2.30
C2' ATP E . 13.99 -43.79 3.71
O2' ATP E . 14.16 -45.17 3.34
C1' ATP E . 15.28 -43.04 3.49
N9 ATP E . 15.46 -42.12 4.63
C8 ATP E . 15.14 -40.81 4.67
N7 ATP E . 15.45 -40.27 5.87
C5 ATP E . 15.97 -41.26 6.62
C6 ATP E . 16.51 -41.38 7.99
N6 ATP E . 16.54 -40.32 8.82
N1 ATP E . 16.96 -42.58 8.40
C2 ATP E . 16.95 -43.66 7.60
N3 ATP E . 16.47 -43.62 6.33
C4 ATP E . 15.99 -42.47 5.81
MG MG F . 9.46 -38.96 4.21
PG ATP G . 3.08 -25.19 -15.71
O1G ATP G . 3.63 -26.25 -14.79
O2G ATP G . 2.97 -23.83 -15.06
O3G ATP G . 1.84 -25.60 -16.47
PB ATP G . 4.13 -25.53 -18.34
O1B ATP G . 5.33 -25.04 -19.09
O2B ATP G . 2.76 -25.25 -18.89
O3B ATP G . 4.25 -25.02 -16.81
PA ATP G . 3.30 -28.15 -18.88
O1A ATP G . 3.73 -29.54 -18.46
O2A ATP G . 1.89 -27.67 -18.66
O3A ATP G . 4.31 -27.12 -18.18
O5' ATP G . 3.68 -27.93 -20.42
C5' ATP G . 5.01 -28.18 -20.82
C4' ATP G . 5.30 -27.42 -22.11
O4' ATP G . 4.76 -28.13 -23.23
C3' ATP G . 4.70 -26.03 -22.17
O3' ATP G . 5.55 -25.03 -21.61
C2' ATP G . 4.51 -25.80 -23.65
O2' ATP G . 5.69 -25.23 -24.23
C1' ATP G . 4.30 -27.19 -24.21
N9 ATP G . 2.84 -27.39 -24.40
C8 ATP G . 2.00 -27.98 -23.53
N7 ATP G . 0.74 -28.00 -24.01
C5 ATP G . 0.77 -27.41 -25.22
C6 ATP G . -0.21 -27.10 -26.28
N6 ATP G . -1.50 -27.44 -26.11
N1 ATP G . 0.21 -26.48 -27.39
C2 ATP G . 1.51 -26.14 -27.56
N3 ATP G . 2.47 -26.39 -26.65
C4 ATP G . 2.15 -27.01 -25.48
MG MG H . 1.03 -25.93 -18.23
PG ATP I . -5.72 38.47 -2.57
O1G ATP I . -5.04 37.39 -1.78
O2G ATP I . -6.86 37.96 -3.42
O3G ATP I . -6.05 39.70 -1.75
PB ATP I . -4.79 38.87 -5.25
O1B ATP I . -3.73 39.75 -5.82
O2B ATP I . -6.23 39.06 -5.67
O3B ATP I . -4.61 38.92 -3.64
PA ATP I . -5.31 36.30 -6.27
O1A ATP I . -4.71 34.92 -6.12
O2A ATP I . -6.73 36.58 -5.83
O3A ATP I . -4.35 37.33 -5.52
O5' ATP I . -5.11 36.74 -7.80
C5' ATP I . -3.77 36.83 -8.28
C4' ATP I . -3.70 37.80 -9.43
O4' ATP I . -4.22 37.23 -10.63
C3' ATP I . -4.51 39.08 -9.20
O3' ATP I . -3.78 40.06 -8.46
C2' ATP I . -4.77 39.53 -10.62
O2' ATP I . -3.66 40.29 -11.12
C1' ATP I . -4.88 38.23 -11.39
N9 ATP I . -6.30 37.85 -11.56
C8 ATP I . -6.97 36.99 -10.77
N7 ATP I . -8.25 36.84 -11.18
C5 ATP I . -8.41 37.62 -12.25
C6 ATP I . -9.52 37.95 -13.18
N6 ATP I . -10.73 37.39 -13.03
N1 ATP I . -9.28 38.82 -14.18
C2 ATP I . -8.08 39.39 -14.36
N3 ATP I . -7.02 39.14 -13.56
C4 ATP I . -7.13 38.29 -12.50
S SO4 J . -0.66 44.53 -13.52
O1 SO4 J . -0.22 44.94 -14.85
O2 SO4 J . 0.34 43.65 -12.94
O3 SO4 J . -1.95 43.85 -13.63
O4 SO4 J . -0.81 45.70 -12.66
MG MG K . -7.81 38.10 -5.12
NA NA L . 1.11 46.31 -10.59
PG ATP M . 2.20 22.47 11.85
O1G ATP M . 1.95 23.43 10.71
O2G ATP M . 0.99 21.71 12.29
O3G ATP M . 2.98 23.09 12.99
PB ATP M . 4.74 21.17 11.62
O1B ATP M . 5.23 19.91 10.96
O2B ATP M . 4.96 21.38 13.09
O3B ATP M . 3.18 21.36 11.22
PA ATP M . 6.43 23.39 11.48
O1A ATP M . 6.72 24.47 10.46
O2A ATP M . 5.88 23.74 12.84
O3A ATP M . 5.41 22.37 10.79
O5' ATP M . 7.72 22.46 11.67
C5' ATP M . 8.29 21.86 10.52
C4' ATP M . 9.07 20.62 10.95
O4' ATP M . 10.32 20.98 11.53
C3' ATP M . 8.35 19.77 11.99
O3' ATP M . 7.49 18.80 11.39
C2' ATP M . 9.48 19.12 12.74
O2' ATP M . 9.83 17.87 12.12
C1' ATP M . 10.64 20.10 12.60
N9 ATP M . 10.78 20.87 13.86
C8 ATP M . 10.27 22.10 14.07
N7 ATP M . 10.58 22.54 15.31
C5 ATP M . 11.30 21.58 15.91
C6 ATP M . 11.95 21.40 17.23
N6 ATP M . 11.87 22.37 18.16
N1 ATP M . 12.61 20.25 17.47
C2 ATP M . 12.70 19.27 16.53
N3 ATP M . 12.14 19.38 15.32
C4 ATP M . 11.44 20.48 14.95
MG MG N . 4.65 22.95 14.14
#